data_2HPL
# 
_entry.id   2HPL 
# 
_audit_conform.dict_name       mmcif_pdbx.dic 
_audit_conform.dict_version    5.387 
_audit_conform.dict_location   http://mmcif.pdb.org/dictionaries/ascii/mmcif_pdbx.dic 
# 
loop_
_database_2.database_id 
_database_2.database_code 
_database_2.pdbx_database_accession 
_database_2.pdbx_DOI 
PDB   2HPL         pdb_00002hpl 10.2210/pdb2hpl/pdb 
RCSB  RCSB038612   ?            ?                   
WWPDB D_1000038612 ?            ?                   
# 
loop_
_pdbx_audit_revision_history.ordinal 
_pdbx_audit_revision_history.data_content_type 
_pdbx_audit_revision_history.major_revision 
_pdbx_audit_revision_history.minor_revision 
_pdbx_audit_revision_history.revision_date 
1 'Structure model' 1 0 2007-05-29 
2 'Structure model' 1 1 2008-05-01 
3 'Structure model' 1 2 2011-07-13 
4 'Structure model' 1 3 2017-10-18 
5 'Structure model' 1 4 2024-02-14 
# 
_pdbx_audit_revision_details.ordinal             1 
_pdbx_audit_revision_details.revision_ordinal    1 
_pdbx_audit_revision_details.data_content_type   'Structure model' 
_pdbx_audit_revision_details.provider            repository 
_pdbx_audit_revision_details.type                'Initial release' 
_pdbx_audit_revision_details.description         ? 
_pdbx_audit_revision_details.details             ? 
# 
loop_
_pdbx_audit_revision_group.ordinal 
_pdbx_audit_revision_group.revision_ordinal 
_pdbx_audit_revision_group.data_content_type 
_pdbx_audit_revision_group.group 
1 2 'Structure model' 'Version format compliance' 
2 3 'Structure model' Advisory                    
3 3 'Structure model' 'Version format compliance' 
4 4 'Structure model' 'Refinement description'    
5 5 'Structure model' 'Data collection'           
6 5 'Structure model' 'Database references'       
# 
loop_
_pdbx_audit_revision_category.ordinal 
_pdbx_audit_revision_category.revision_ordinal 
_pdbx_audit_revision_category.data_content_type 
_pdbx_audit_revision_category.category 
1 4 'Structure model' software       
2 5 'Structure model' chem_comp_atom 
3 5 'Structure model' chem_comp_bond 
4 5 'Structure model' database_2     
# 
loop_
_pdbx_audit_revision_item.ordinal 
_pdbx_audit_revision_item.revision_ordinal 
_pdbx_audit_revision_item.data_content_type 
_pdbx_audit_revision_item.item 
1  4 'Structure model' '_software.classification'            
2  4 'Structure model' '_software.contact_author'            
3  4 'Structure model' '_software.contact_author_email'      
4  4 'Structure model' '_software.date'                      
5  4 'Structure model' '_software.language'                  
6  4 'Structure model' '_software.location'                  
7  4 'Structure model' '_software.name'                      
8  4 'Structure model' '_software.type'                      
9  4 'Structure model' '_software.version'                   
10 5 'Structure model' '_database_2.pdbx_DOI'                
11 5 'Structure model' '_database_2.pdbx_database_accession' 
# 
_pdbx_database_status.entry_id                        2HPL 
_pdbx_database_status.deposit_site                    RCSB 
_pdbx_database_status.process_site                    RCSB 
_pdbx_database_status.recvd_initial_deposition_date   2006-07-17 
_pdbx_database_status.status_code                     REL 
_pdbx_database_status.status_code_sf                  REL 
_pdbx_database_status.status_code_mr                  ? 
_pdbx_database_status.SG_entry                        ? 
_pdbx_database_status.pdb_format_compatible           Y 
_pdbx_database_status.status_code_cs                  ? 
_pdbx_database_status.methods_development_category    ? 
_pdbx_database_status.status_code_nmr_data            ? 
# 
_pdbx_database_related.db_name        PDB 
_pdbx_database_related.db_id          2HPJ 
_pdbx_database_related.details        'PUB domain of mouse PNGase' 
_pdbx_database_related.content_type   unspecified 
# 
loop_
_audit_author.name 
_audit_author.pdbx_ordinal 
'Zhao, G.'       1 
'Zhou, X.'       2 
'Wang, L.'       3 
'Li, G.'         4 
'Lennarz, W.'    5 
'Schindelin, H.' 6 
# 
_citation.id                        primary 
_citation.title                     
;Studies on peptide:N-glycanase-p97 interaction suggest that p97 phosphorylation modulates endoplasmic reticulum-associated degradation.
;
_citation.journal_abbrev            Proc.Natl.Acad.Sci.Usa 
_citation.journal_volume            104 
_citation.page_first                8785 
_citation.page_last                 8790 
_citation.year                      2007 
_citation.journal_id_ASTM           PNASA6 
_citation.country                   US 
_citation.journal_id_ISSN           0027-8424 
_citation.journal_id_CSD            0040 
_citation.book_publisher            ? 
_citation.pdbx_database_id_PubMed   17496150 
_citation.pdbx_database_id_DOI      10.1073/pnas.0702966104 
# 
loop_
_citation_author.citation_id 
_citation_author.name 
_citation_author.ordinal 
_citation_author.identifier_ORCID 
primary 'Zhao, G.'       1 ? 
primary 'Zhou, X.'       2 ? 
primary 'Wang, L.'       3 ? 
primary 'Li, G.'         4 ? 
primary 'Schindelin, H.' 5 ? 
primary 'Lennarz, W.J.'  6 ? 
# 
loop_
_entity.id 
_entity.type 
_entity.src_method 
_entity.pdbx_description 
_entity.formula_weight 
_entity.pdbx_number_of_molecules 
_entity.pdbx_ec 
_entity.pdbx_mutation 
_entity.pdbx_fragment 
_entity.details 
1 polymer man PNGase                        11198.752 1   3.5.1.52 ? ? ? 
2 polymer syn 'C-terminal of mouse p97/VCP' 581.574   1   ?        ? ? ? 
3 water   nat water                         18.015    167 ?        ? ? ? 
# 
_entity_name_com.entity_id   1 
_entity_name_com.name        'Peptide N-glycanase' 
# 
loop_
_entity_poly.entity_id 
_entity_poly.type 
_entity_poly.nstd_linkage 
_entity_poly.nstd_monomer 
_entity_poly.pdbx_seq_one_letter_code 
_entity_poly.pdbx_seq_one_letter_code_can 
_entity_poly.pdbx_strand_id 
_entity_poly.pdbx_target_identifier 
1 'polypeptide(L)' no no 
;SASPAVAELCQNTPETFLEASKLLLTYADNILRNPSDEKYRSIRIGNTAFSTRLLPVRGAVECLFEMGFEEGETHLIFPK
KASVEQLQKIRDLIAIERSS
;
;SASPAVAELCQNTPETFLEASKLLLTYADNILRNPSDEKYRSIRIGNTAFSTRLLPVRGAVECLFEMGFEEGETHLIFPK
KASVEQLQKIRDLIAIERSS
;
A ? 
2 'polypeptide(L)' no no DDLYG                                                                                                   
DDLYG                                                                                                   B ? 
# 
_pdbx_entity_nonpoly.entity_id   3 
_pdbx_entity_nonpoly.name        water 
_pdbx_entity_nonpoly.comp_id     HOH 
# 
loop_
_entity_poly_seq.entity_id 
_entity_poly_seq.num 
_entity_poly_seq.mon_id 
_entity_poly_seq.hetero 
1 1   SER n 
1 2   ALA n 
1 3   SER n 
1 4   PRO n 
1 5   ALA n 
1 6   VAL n 
1 7   ALA n 
1 8   GLU n 
1 9   LEU n 
1 10  CYS n 
1 11  GLN n 
1 12  ASN n 
1 13  THR n 
1 14  PRO n 
1 15  GLU n 
1 16  THR n 
1 17  PHE n 
1 18  LEU n 
1 19  GLU n 
1 20  ALA n 
1 21  SER n 
1 22  LYS n 
1 23  LEU n 
1 24  LEU n 
1 25  LEU n 
1 26  THR n 
1 27  TYR n 
1 28  ALA n 
1 29  ASP n 
1 30  ASN n 
1 31  ILE n 
1 32  LEU n 
1 33  ARG n 
1 34  ASN n 
1 35  PRO n 
1 36  SER n 
1 37  ASP n 
1 38  GLU n 
1 39  LYS n 
1 40  TYR n 
1 41  ARG n 
1 42  SER n 
1 43  ILE n 
1 44  ARG n 
1 45  ILE n 
1 46  GLY n 
1 47  ASN n 
1 48  THR n 
1 49  ALA n 
1 50  PHE n 
1 51  SER n 
1 52  THR n 
1 53  ARG n 
1 54  LEU n 
1 55  LEU n 
1 56  PRO n 
1 57  VAL n 
1 58  ARG n 
1 59  GLY n 
1 60  ALA n 
1 61  VAL n 
1 62  GLU n 
1 63  CYS n 
1 64  LEU n 
1 65  PHE n 
1 66  GLU n 
1 67  MET n 
1 68  GLY n 
1 69  PHE n 
1 70  GLU n 
1 71  GLU n 
1 72  GLY n 
1 73  GLU n 
1 74  THR n 
1 75  HIS n 
1 76  LEU n 
1 77  ILE n 
1 78  PHE n 
1 79  PRO n 
1 80  LYS n 
1 81  LYS n 
1 82  ALA n 
1 83  SER n 
1 84  VAL n 
1 85  GLU n 
1 86  GLN n 
1 87  LEU n 
1 88  GLN n 
1 89  LYS n 
1 90  ILE n 
1 91  ARG n 
1 92  ASP n 
1 93  LEU n 
1 94  ILE n 
1 95  ALA n 
1 96  ILE n 
1 97  GLU n 
1 98  ARG n 
1 99  SER n 
1 100 SER n 
2 1   ASP n 
2 2   ASP n 
2 3   LEU n 
2 4   TYR n 
2 5   GLY n 
# 
_entity_src_gen.entity_id                          1 
_entity_src_gen.pdbx_src_id                        1 
_entity_src_gen.pdbx_alt_source_flag               sample 
_entity_src_gen.pdbx_seq_type                      ? 
_entity_src_gen.pdbx_beg_seq_num                   ? 
_entity_src_gen.pdbx_end_seq_num                   ? 
_entity_src_gen.gene_src_common_name               'house mouse' 
_entity_src_gen.gene_src_genus                     Mus 
_entity_src_gen.pdbx_gene_src_gene                 Ngly1 
_entity_src_gen.gene_src_species                   ? 
_entity_src_gen.gene_src_strain                    ? 
_entity_src_gen.gene_src_tissue                    ? 
_entity_src_gen.gene_src_tissue_fraction           ? 
_entity_src_gen.gene_src_details                   ? 
_entity_src_gen.pdbx_gene_src_fragment             ? 
_entity_src_gen.pdbx_gene_src_scientific_name      'Mus musculus' 
_entity_src_gen.pdbx_gene_src_ncbi_taxonomy_id     10090 
_entity_src_gen.pdbx_gene_src_variant              ? 
_entity_src_gen.pdbx_gene_src_cell_line            ? 
_entity_src_gen.pdbx_gene_src_atcc                 ? 
_entity_src_gen.pdbx_gene_src_organ                ? 
_entity_src_gen.pdbx_gene_src_organelle            ? 
_entity_src_gen.pdbx_gene_src_cell                 ? 
_entity_src_gen.pdbx_gene_src_cellular_location    ? 
_entity_src_gen.host_org_common_name               ? 
_entity_src_gen.pdbx_host_org_scientific_name      'Escherichia coli' 
_entity_src_gen.pdbx_host_org_ncbi_taxonomy_id     562 
_entity_src_gen.host_org_genus                     Escherichia 
_entity_src_gen.pdbx_host_org_gene                 ? 
_entity_src_gen.pdbx_host_org_organ                ? 
_entity_src_gen.host_org_species                   ? 
_entity_src_gen.pdbx_host_org_tissue               ? 
_entity_src_gen.pdbx_host_org_tissue_fraction      ? 
_entity_src_gen.pdbx_host_org_strain               'BL21DE3 Codon Plus RIL' 
_entity_src_gen.pdbx_host_org_variant              ? 
_entity_src_gen.pdbx_host_org_cell_line            ? 
_entity_src_gen.pdbx_host_org_atcc                 ? 
_entity_src_gen.pdbx_host_org_culture_collection   ? 
_entity_src_gen.pdbx_host_org_cell                 ? 
_entity_src_gen.pdbx_host_org_organelle            ? 
_entity_src_gen.pdbx_host_org_cellular_location    ? 
_entity_src_gen.pdbx_host_org_vector_type          Plasmid 
_entity_src_gen.pdbx_host_org_vector               ? 
_entity_src_gen.host_org_details                   ? 
_entity_src_gen.expression_system_id               ? 
_entity_src_gen.plasmid_name                       pTYB1 
_entity_src_gen.plasmid_details                    ? 
_entity_src_gen.pdbx_description                   ? 
# 
_pdbx_entity_src_syn.entity_id              2 
_pdbx_entity_src_syn.pdbx_src_id            1 
_pdbx_entity_src_syn.pdbx_alt_source_flag   sample 
_pdbx_entity_src_syn.pdbx_beg_seq_num       ? 
_pdbx_entity_src_syn.pdbx_end_seq_num       ? 
_pdbx_entity_src_syn.organism_scientific    ? 
_pdbx_entity_src_syn.organism_common_name   ? 
_pdbx_entity_src_syn.ncbi_taxonomy_id       ? 
_pdbx_entity_src_syn.details                'Chemically synthesized. Occurs naturally in mus musculus (mouse)' 
# 
loop_
_chem_comp.id 
_chem_comp.type 
_chem_comp.mon_nstd_flag 
_chem_comp.name 
_chem_comp.pdbx_synonyms 
_chem_comp.formula 
_chem_comp.formula_weight 
ALA 'L-peptide linking' y ALANINE         ? 'C3 H7 N O2'     89.093  
ARG 'L-peptide linking' y ARGININE        ? 'C6 H15 N4 O2 1' 175.209 
ASN 'L-peptide linking' y ASPARAGINE      ? 'C4 H8 N2 O3'    132.118 
ASP 'L-peptide linking' y 'ASPARTIC ACID' ? 'C4 H7 N O4'     133.103 
CYS 'L-peptide linking' y CYSTEINE        ? 'C3 H7 N O2 S'   121.158 
GLN 'L-peptide linking' y GLUTAMINE       ? 'C5 H10 N2 O3'   146.144 
GLU 'L-peptide linking' y 'GLUTAMIC ACID' ? 'C5 H9 N O4'     147.129 
GLY 'peptide linking'   y GLYCINE         ? 'C2 H5 N O2'     75.067  
HIS 'L-peptide linking' y HISTIDINE       ? 'C6 H10 N3 O2 1' 156.162 
HOH non-polymer         . WATER           ? 'H2 O'           18.015  
ILE 'L-peptide linking' y ISOLEUCINE      ? 'C6 H13 N O2'    131.173 
LEU 'L-peptide linking' y LEUCINE         ? 'C6 H13 N O2'    131.173 
LYS 'L-peptide linking' y LYSINE          ? 'C6 H15 N2 O2 1' 147.195 
MET 'L-peptide linking' y METHIONINE      ? 'C5 H11 N O2 S'  149.211 
PHE 'L-peptide linking' y PHENYLALANINE   ? 'C9 H11 N O2'    165.189 
PRO 'L-peptide linking' y PROLINE         ? 'C5 H9 N O2'     115.130 
SER 'L-peptide linking' y SERINE          ? 'C3 H7 N O3'     105.093 
THR 'L-peptide linking' y THREONINE       ? 'C4 H9 N O3'     119.119 
TYR 'L-peptide linking' y TYROSINE        ? 'C9 H11 N O3'    181.189 
VAL 'L-peptide linking' y VALINE          ? 'C5 H11 N O2'    117.146 
# 
loop_
_pdbx_poly_seq_scheme.asym_id 
_pdbx_poly_seq_scheme.entity_id 
_pdbx_poly_seq_scheme.seq_id 
_pdbx_poly_seq_scheme.mon_id 
_pdbx_poly_seq_scheme.ndb_seq_num 
_pdbx_poly_seq_scheme.pdb_seq_num 
_pdbx_poly_seq_scheme.auth_seq_num 
_pdbx_poly_seq_scheme.pdb_mon_id 
_pdbx_poly_seq_scheme.auth_mon_id 
_pdbx_poly_seq_scheme.pdb_strand_id 
_pdbx_poly_seq_scheme.pdb_ins_code 
_pdbx_poly_seq_scheme.hetero 
A 1 1   SER 1   12  12  SER SER A . n 
A 1 2   ALA 2   13  13  ALA ALA A . n 
A 1 3   SER 3   14  14  SER SER A . n 
A 1 4   PRO 4   15  15  PRO PRO A . n 
A 1 5   ALA 5   16  16  ALA ALA A . n 
A 1 6   VAL 6   17  17  VAL VAL A . n 
A 1 7   ALA 7   18  18  ALA ALA A . n 
A 1 8   GLU 8   19  19  GLU GLU A . n 
A 1 9   LEU 9   20  20  LEU LEU A . n 
A 1 10  CYS 10  21  21  CYS CYS A . n 
A 1 11  GLN 11  22  22  GLN GLN A . n 
A 1 12  ASN 12  23  23  ASN ASN A . n 
A 1 13  THR 13  24  24  THR THR A . n 
A 1 14  PRO 14  25  25  PRO PRO A . n 
A 1 15  GLU 15  26  26  GLU GLU A . n 
A 1 16  THR 16  27  27  THR THR A . n 
A 1 17  PHE 17  28  28  PHE PHE A . n 
A 1 18  LEU 18  29  29  LEU LEU A . n 
A 1 19  GLU 19  30  30  GLU GLU A . n 
A 1 20  ALA 20  31  31  ALA ALA A . n 
A 1 21  SER 21  32  32  SER SER A . n 
A 1 22  LYS 22  33  33  LYS LYS A . n 
A 1 23  LEU 23  34  34  LEU LEU A . n 
A 1 24  LEU 24  35  35  LEU LEU A . n 
A 1 25  LEU 25  36  36  LEU LEU A . n 
A 1 26  THR 26  37  37  THR THR A . n 
A 1 27  TYR 27  38  38  TYR TYR A . n 
A 1 28  ALA 28  39  39  ALA ALA A . n 
A 1 29  ASP 29  40  40  ASP ASP A . n 
A 1 30  ASN 30  41  41  ASN ASN A . n 
A 1 31  ILE 31  42  42  ILE ILE A . n 
A 1 32  LEU 32  43  43  LEU LEU A . n 
A 1 33  ARG 33  44  44  ARG ARG A . n 
A 1 34  ASN 34  45  45  ASN ASN A . n 
A 1 35  PRO 35  46  46  PRO PRO A . n 
A 1 36  SER 36  47  47  SER SER A . n 
A 1 37  ASP 37  48  48  ASP ASP A . n 
A 1 38  GLU 38  49  49  GLU GLU A . n 
A 1 39  LYS 39  50  50  LYS LYS A . n 
A 1 40  TYR 40  51  51  TYR TYR A . n 
A 1 41  ARG 41  52  52  ARG ARG A . n 
A 1 42  SER 42  53  53  SER SER A . n 
A 1 43  ILE 43  54  54  ILE ILE A . n 
A 1 44  ARG 44  55  55  ARG ARG A . n 
A 1 45  ILE 45  56  56  ILE ILE A . n 
A 1 46  GLY 46  57  57  GLY GLY A . n 
A 1 47  ASN 47  58  58  ASN ASN A . n 
A 1 48  THR 48  59  59  THR THR A . n 
A 1 49  ALA 49  60  60  ALA ALA A . n 
A 1 50  PHE 50  61  61  PHE PHE A . n 
A 1 51  SER 51  62  62  SER SER A . n 
A 1 52  THR 52  63  63  THR THR A . n 
A 1 53  ARG 53  64  64  ARG ARG A . n 
A 1 54  LEU 54  65  65  LEU LEU A . n 
A 1 55  LEU 55  66  66  LEU LEU A . n 
A 1 56  PRO 56  67  67  PRO PRO A . n 
A 1 57  VAL 57  68  68  VAL VAL A . n 
A 1 58  ARG 58  69  69  ARG ARG A . n 
A 1 59  GLY 59  70  70  GLY GLY A . n 
A 1 60  ALA 60  71  71  ALA ALA A . n 
A 1 61  VAL 61  72  72  VAL VAL A . n 
A 1 62  GLU 62  73  73  GLU GLU A . n 
A 1 63  CYS 63  74  74  CYS CYS A . n 
A 1 64  LEU 64  75  75  LEU LEU A . n 
A 1 65  PHE 65  76  76  PHE PHE A . n 
A 1 66  GLU 66  77  77  GLU GLU A . n 
A 1 67  MET 67  78  78  MET MET A . n 
A 1 68  GLY 68  79  79  GLY GLY A . n 
A 1 69  PHE 69  80  80  PHE PHE A . n 
A 1 70  GLU 70  81  81  GLU GLU A . n 
A 1 71  GLU 71  82  82  GLU GLU A . n 
A 1 72  GLY 72  83  83  GLY GLY A . n 
A 1 73  GLU 73  84  84  GLU GLU A . n 
A 1 74  THR 74  85  85  THR THR A . n 
A 1 75  HIS 75  86  86  HIS HIS A . n 
A 1 76  LEU 76  87  87  LEU LEU A . n 
A 1 77  ILE 77  88  88  ILE ILE A . n 
A 1 78  PHE 78  89  89  PHE PHE A . n 
A 1 79  PRO 79  90  90  PRO PRO A . n 
A 1 80  LYS 80  91  91  LYS LYS A . n 
A 1 81  LYS 81  92  92  LYS LYS A . n 
A 1 82  ALA 82  93  93  ALA ALA A . n 
A 1 83  SER 83  94  94  SER SER A . n 
A 1 84  VAL 84  95  95  VAL VAL A . n 
A 1 85  GLU 85  96  96  GLU GLU A . n 
A 1 86  GLN 86  97  97  GLN GLN A . n 
A 1 87  LEU 87  98  98  LEU LEU A . n 
A 1 88  GLN 88  99  99  GLN GLN A . n 
A 1 89  LYS 89  100 100 LYS LYS A . n 
A 1 90  ILE 90  101 101 ILE ILE A . n 
A 1 91  ARG 91  102 102 ARG ARG A . n 
A 1 92  ASP 92  103 103 ASP ASP A . n 
A 1 93  LEU 93  104 104 LEU LEU A . n 
A 1 94  ILE 94  105 105 ILE ILE A . n 
A 1 95  ALA 95  106 106 ALA ALA A . n 
A 1 96  ILE 96  107 107 ILE ILE A . n 
A 1 97  GLU 97  108 108 GLU GLU A . n 
A 1 98  ARG 98  109 109 ARG ARG A . n 
A 1 99  SER 99  110 110 SER SER A . n 
A 1 100 SER 100 111 111 SER SER A . n 
B 2 1   ASP 1   802 802 ASP ASP B . n 
B 2 2   ASP 2   803 803 ASP ASP B . n 
B 2 3   LEU 3   804 804 LEU LEU B . n 
B 2 4   TYR 4   805 805 TYR TYR B . n 
B 2 5   GLY 5   806 806 GLY GLY B . n 
# 
loop_
_pdbx_nonpoly_scheme.asym_id 
_pdbx_nonpoly_scheme.entity_id 
_pdbx_nonpoly_scheme.mon_id 
_pdbx_nonpoly_scheme.ndb_seq_num 
_pdbx_nonpoly_scheme.pdb_seq_num 
_pdbx_nonpoly_scheme.auth_seq_num 
_pdbx_nonpoly_scheme.pdb_mon_id 
_pdbx_nonpoly_scheme.auth_mon_id 
_pdbx_nonpoly_scheme.pdb_strand_id 
_pdbx_nonpoly_scheme.pdb_ins_code 
C 3 HOH 1   112 1   HOH HOH A . 
C 3 HOH 2   113 2   HOH HOH A . 
C 3 HOH 3   114 3   HOH HOH A . 
C 3 HOH 4   115 4   HOH HOH A . 
C 3 HOH 5   116 5   HOH HOH A . 
C 3 HOH 6   117 6   HOH HOH A . 
C 3 HOH 7   118 7   HOH HOH A . 
C 3 HOH 8   119 8   HOH HOH A . 
C 3 HOH 9   120 9   HOH HOH A . 
C 3 HOH 10  121 10  HOH HOH A . 
C 3 HOH 11  122 11  HOH HOH A . 
C 3 HOH 12  123 12  HOH HOH A . 
C 3 HOH 13  124 13  HOH HOH A . 
C 3 HOH 14  125 14  HOH HOH A . 
C 3 HOH 15  126 15  HOH HOH A . 
C 3 HOH 16  127 16  HOH HOH A . 
C 3 HOH 17  128 17  HOH HOH A . 
C 3 HOH 18  129 18  HOH HOH A . 
C 3 HOH 19  130 19  HOH HOH A . 
C 3 HOH 20  131 20  HOH HOH A . 
C 3 HOH 21  132 21  HOH HOH A . 
C 3 HOH 22  133 22  HOH HOH A . 
C 3 HOH 23  134 23  HOH HOH A . 
C 3 HOH 24  135 24  HOH HOH A . 
C 3 HOH 25  136 25  HOH HOH A . 
C 3 HOH 26  137 26  HOH HOH A . 
C 3 HOH 27  138 27  HOH HOH A . 
C 3 HOH 28  139 28  HOH HOH A . 
C 3 HOH 29  140 29  HOH HOH A . 
C 3 HOH 30  141 30  HOH HOH A . 
C 3 HOH 31  142 31  HOH HOH A . 
C 3 HOH 32  143 32  HOH HOH A . 
C 3 HOH 33  144 33  HOH HOH A . 
C 3 HOH 34  145 34  HOH HOH A . 
C 3 HOH 35  146 35  HOH HOH A . 
C 3 HOH 36  147 36  HOH HOH A . 
C 3 HOH 37  148 37  HOH HOH A . 
C 3 HOH 38  149 38  HOH HOH A . 
C 3 HOH 39  150 39  HOH HOH A . 
C 3 HOH 40  151 40  HOH HOH A . 
C 3 HOH 41  152 41  HOH HOH A . 
C 3 HOH 42  153 42  HOH HOH A . 
C 3 HOH 43  154 43  HOH HOH A . 
C 3 HOH 44  155 44  HOH HOH A . 
C 3 HOH 45  156 45  HOH HOH A . 
C 3 HOH 46  157 47  HOH HOH A . 
C 3 HOH 47  158 48  HOH HOH A . 
C 3 HOH 48  159 49  HOH HOH A . 
C 3 HOH 49  160 50  HOH HOH A . 
C 3 HOH 50  161 51  HOH HOH A . 
C 3 HOH 51  162 53  HOH HOH A . 
C 3 HOH 52  163 54  HOH HOH A . 
C 3 HOH 53  164 55  HOH HOH A . 
C 3 HOH 54  165 56  HOH HOH A . 
C 3 HOH 55  166 57  HOH HOH A . 
C 3 HOH 56  167 58  HOH HOH A . 
C 3 HOH 57  168 59  HOH HOH A . 
C 3 HOH 58  169 60  HOH HOH A . 
C 3 HOH 59  170 61  HOH HOH A . 
C 3 HOH 60  171 62  HOH HOH A . 
C 3 HOH 61  172 63  HOH HOH A . 
C 3 HOH 62  173 64  HOH HOH A . 
C 3 HOH 63  174 65  HOH HOH A . 
C 3 HOH 64  175 66  HOH HOH A . 
C 3 HOH 65  176 67  HOH HOH A . 
C 3 HOH 66  177 68  HOH HOH A . 
C 3 HOH 67  178 69  HOH HOH A . 
C 3 HOH 68  179 70  HOH HOH A . 
C 3 HOH 69  180 71  HOH HOH A . 
C 3 HOH 70  181 72  HOH HOH A . 
C 3 HOH 71  182 73  HOH HOH A . 
C 3 HOH 72  183 74  HOH HOH A . 
C 3 HOH 73  184 75  HOH HOH A . 
C 3 HOH 74  185 76  HOH HOH A . 
C 3 HOH 75  186 77  HOH HOH A . 
C 3 HOH 76  187 78  HOH HOH A . 
C 3 HOH 77  188 79  HOH HOH A . 
C 3 HOH 78  189 80  HOH HOH A . 
C 3 HOH 79  190 81  HOH HOH A . 
C 3 HOH 80  191 82  HOH HOH A . 
C 3 HOH 81  192 83  HOH HOH A . 
C 3 HOH 82  193 84  HOH HOH A . 
C 3 HOH 83  194 85  HOH HOH A . 
C 3 HOH 84  195 86  HOH HOH A . 
C 3 HOH 85  196 88  HOH HOH A . 
C 3 HOH 86  197 89  HOH HOH A . 
C 3 HOH 87  198 90  HOH HOH A . 
C 3 HOH 88  199 91  HOH HOH A . 
C 3 HOH 89  200 92  HOH HOH A . 
C 3 HOH 90  201 93  HOH HOH A . 
C 3 HOH 91  202 95  HOH HOH A . 
C 3 HOH 92  203 96  HOH HOH A . 
C 3 HOH 93  204 97  HOH HOH A . 
C 3 HOH 94  205 98  HOH HOH A . 
C 3 HOH 95  206 99  HOH HOH A . 
C 3 HOH 96  207 100 HOH HOH A . 
C 3 HOH 97  208 101 HOH HOH A . 
C 3 HOH 98  209 102 HOH HOH A . 
C 3 HOH 99  210 103 HOH HOH A . 
C 3 HOH 100 211 104 HOH HOH A . 
C 3 HOH 101 212 105 HOH HOH A . 
C 3 HOH 102 213 106 HOH HOH A . 
C 3 HOH 103 214 107 HOH HOH A . 
C 3 HOH 104 215 108 HOH HOH A . 
C 3 HOH 105 216 109 HOH HOH A . 
C 3 HOH 106 217 110 HOH HOH A . 
C 3 HOH 107 218 111 HOH HOH A . 
C 3 HOH 108 219 112 HOH HOH A . 
C 3 HOH 109 220 113 HOH HOH A . 
C 3 HOH 110 221 114 HOH HOH A . 
C 3 HOH 111 222 115 HOH HOH A . 
C 3 HOH 112 223 116 HOH HOH A . 
C 3 HOH 113 224 117 HOH HOH A . 
C 3 HOH 114 225 118 HOH HOH A . 
C 3 HOH 115 226 120 HOH HOH A . 
C 3 HOH 116 227 121 HOH HOH A . 
C 3 HOH 117 228 122 HOH HOH A . 
C 3 HOH 118 229 123 HOH HOH A . 
C 3 HOH 119 230 124 HOH HOH A . 
C 3 HOH 120 231 125 HOH HOH A . 
C 3 HOH 121 232 127 HOH HOH A . 
C 3 HOH 122 233 128 HOH HOH A . 
C 3 HOH 123 234 129 HOH HOH A . 
C 3 HOH 124 235 130 HOH HOH A . 
C 3 HOH 125 236 131 HOH HOH A . 
C 3 HOH 126 237 132 HOH HOH A . 
C 3 HOH 127 238 133 HOH HOH A . 
C 3 HOH 128 239 135 HOH HOH A . 
C 3 HOH 129 240 136 HOH HOH A . 
C 3 HOH 130 241 137 HOH HOH A . 
C 3 HOH 131 242 138 HOH HOH A . 
C 3 HOH 132 243 139 HOH HOH A . 
C 3 HOH 133 244 140 HOH HOH A . 
C 3 HOH 134 245 141 HOH HOH A . 
C 3 HOH 135 246 142 HOH HOH A . 
C 3 HOH 136 247 144 HOH HOH A . 
C 3 HOH 137 248 145 HOH HOH A . 
C 3 HOH 138 249 146 HOH HOH A . 
C 3 HOH 139 250 147 HOH HOH A . 
C 3 HOH 140 251 148 HOH HOH A . 
C 3 HOH 141 252 149 HOH HOH A . 
C 3 HOH 142 253 150 HOH HOH A . 
C 3 HOH 143 254 152 HOH HOH A . 
C 3 HOH 144 255 153 HOH HOH A . 
C 3 HOH 145 256 154 HOH HOH A . 
C 3 HOH 146 257 155 HOH HOH A . 
C 3 HOH 147 258 156 HOH HOH A . 
C 3 HOH 148 259 157 HOH HOH A . 
C 3 HOH 149 260 158 HOH HOH A . 
C 3 HOH 150 261 159 HOH HOH A . 
C 3 HOH 151 262 160 HOH HOH A . 
C 3 HOH 152 263 161 HOH HOH A . 
C 3 HOH 153 264 162 HOH HOH A . 
C 3 HOH 154 265 163 HOH HOH A . 
C 3 HOH 155 266 165 HOH HOH A . 
C 3 HOH 156 267 166 HOH HOH A . 
C 3 HOH 157 268 167 HOH HOH A . 
C 3 HOH 158 269 168 HOH HOH A . 
C 3 HOH 159 270 169 HOH HOH A . 
C 3 HOH 160 271 170 HOH HOH A . 
C 3 HOH 161 272 171 HOH HOH A . 
C 3 HOH 162 273 172 HOH HOH A . 
C 3 HOH 163 274 173 HOH HOH A . 
D 3 HOH 1   46  46  HOH HOH B . 
D 3 HOH 2   52  52  HOH HOH B . 
D 3 HOH 3   87  87  HOH HOH B . 
D 3 HOH 4   126 126 HOH HOH B . 
# 
loop_
_software.name 
_software.version 
_software.date 
_software.type 
_software.contact_author 
_software.contact_author_email 
_software.classification 
_software.location 
_software.language 
_software.citation_id 
_software.pdbx_ordinal 
DENZO       .        ?                package 'Zbyszek Otwinowski' zbyszek@mix.swmed.edu    'data reduction'  
http://www.lnls.br/infra/linhasluz/denzo-hkl.htm ?          ? 1 
SCALEPACK   .        ?                package 'Zbyszek Otwinowski' zbyszek@mix.swmed.edu    'data scaling'    
http://www.lnls.br/infra/linhasluz/denzo-hkl.htm ?          ? 2 
REFMAC      5.2.0005 ?                program 'Murshudov, G.N.'    ccp4@dl.ac.uk            refinement        
http://www.ccp4.ac.uk/main.html                  Fortran_77 ? 3 
PDB_EXTRACT 2.000    'April. 3, 2006' package PDB                  sw-help@rcsb.rutgers.edu 'data extraction' 
http://pdb.rutgers.edu/software/                 C++        ? 4 
REFMAC      5.2.0005 ?                ?       ?                    ?                        phasing           ? ?          ? 5 
# 
_cell.entry_id           2HPL 
_cell.length_a           65.608 
_cell.length_b           52.420 
_cell.length_c           35.028 
_cell.angle_alpha        90.00 
_cell.angle_beta         115.33 
_cell.angle_gamma        90.00 
_cell.Z_PDB              4 
_cell.pdbx_unique_axis   ? 
_cell.length_a_esd       ? 
_cell.length_b_esd       ? 
_cell.length_c_esd       ? 
_cell.angle_alpha_esd    ? 
_cell.angle_beta_esd     ? 
_cell.angle_gamma_esd    ? 
# 
_symmetry.entry_id                         2HPL 
_symmetry.space_group_name_H-M             'C 1 2 1' 
_symmetry.pdbx_full_space_group_name_H-M   ? 
_symmetry.cell_setting                     ? 
_symmetry.Int_Tables_number                5 
_symmetry.space_group_name_Hall            ? 
# 
_exptl.entry_id          2HPL 
_exptl.method            'X-RAY DIFFRACTION' 
_exptl.crystals_number   1 
# 
_exptl_crystal.id                    1 
_exptl_crystal.density_meas          ? 
_exptl_crystal.density_Matthews      2.31 
_exptl_crystal.density_percent_sol   46.75 
_exptl_crystal.description           ? 
_exptl_crystal.F_000                 ? 
_exptl_crystal.preparation           ? 
# 
_exptl_crystal_grow.crystal_id      1 
_exptl_crystal_grow.method          ? 
_exptl_crystal_grow.temp            281 
_exptl_crystal_grow.temp_details    ? 
_exptl_crystal_grow.pH              8.0 
_exptl_crystal_grow.pdbx_details    
'18-22% PEG 5000 MME and 14-18% Tacsimate, pH 8.0, VAPOR DIFFUSION, HANGING DROP, temperature 281K' 
_exptl_crystal_grow.pdbx_pH_range   . 
# 
_diffrn.id                     1 
_diffrn.ambient_temp           100 
_diffrn.ambient_temp_details   ? 
_diffrn.crystal_id             1 
# 
_diffrn_detector.diffrn_id              1 
_diffrn_detector.detector               CCD 
_diffrn_detector.type                   'ADSC QUANTUM 4' 
_diffrn_detector.pdbx_collection_date   ? 
_diffrn_detector.details                ? 
# 
_diffrn_radiation.diffrn_id                        1 
_diffrn_radiation.wavelength_id                    1 
_diffrn_radiation.pdbx_monochromatic_or_laue_m_l   M 
_diffrn_radiation.monochromator                    ? 
_diffrn_radiation.pdbx_diffrn_protocol             'SINGLE WAVELENGTH' 
_diffrn_radiation.pdbx_scattering_type             x-ray 
# 
_diffrn_radiation_wavelength.id           1 
_diffrn_radiation_wavelength.wavelength   1.04 
_diffrn_radiation_wavelength.wt           1.0 
# 
_diffrn_source.diffrn_id                   1 
_diffrn_source.source                      SYNCHROTRON 
_diffrn_source.type                        'NSLS BEAMLINE X26C' 
_diffrn_source.pdbx_synchrotron_site       NSLS 
_diffrn_source.pdbx_synchrotron_beamline   X26C 
_diffrn_source.pdbx_wavelength             ? 
_diffrn_source.pdbx_wavelength_list        1.04 
# 
_reflns.entry_id                     2HPL 
_reflns.observed_criterion_sigma_I   ? 
_reflns.observed_criterion_sigma_F   ? 
_reflns.d_resolution_low             50.000 
_reflns.d_resolution_high            1.800 
_reflns.number_obs                   8764 
_reflns.number_all                   ? 
_reflns.percent_possible_obs         87.7 
_reflns.pdbx_Rmerge_I_obs            0.06 
_reflns.pdbx_Rsym_value              ? 
_reflns.pdbx_netI_over_sigmaI        14.4000 
_reflns.B_iso_Wilson_estimate        ? 
_reflns.pdbx_redundancy              5.800 
_reflns.R_free_details               ? 
_reflns.limit_h_max                  ? 
_reflns.limit_h_min                  ? 
_reflns.limit_k_max                  ? 
_reflns.limit_k_min                  ? 
_reflns.limit_l_max                  ? 
_reflns.limit_l_min                  ? 
_reflns.observed_criterion_F_max     ? 
_reflns.observed_criterion_F_min     ? 
_reflns.pdbx_chi_squared             ? 
_reflns.pdbx_scaling_rejects         ? 
_reflns.pdbx_ordinal                 1 
_reflns.pdbx_diffrn_id               1 
# 
_reflns_shell.d_res_high             1.80 
_reflns_shell.d_res_low              1.86 
_reflns_shell.percent_possible_all   46.1 
_reflns_shell.Rmerge_I_obs           0.314 
_reflns_shell.pdbx_Rsym_value        ? 
_reflns_shell.meanI_over_sigI_obs    ? 
_reflns_shell.pdbx_redundancy        3.80 
_reflns_shell.percent_possible_obs   ? 
_reflns_shell.number_unique_all      ? 
_reflns_shell.number_measured_all    ? 
_reflns_shell.number_measured_obs    ? 
_reflns_shell.number_unique_obs      ? 
_reflns_shell.pdbx_chi_squared       ? 
_reflns_shell.pdbx_ordinal           1 
_reflns_shell.pdbx_diffrn_id         1 
# 
_refine.entry_id                                 2HPL 
_refine.ls_number_reflns_obs                     8753 
_refine.ls_number_reflns_all                     3033 
_refine.pdbx_ls_sigma_I                          ? 
_refine.pdbx_ls_sigma_F                          0.000 
_refine.pdbx_data_cutoff_high_absF               ? 
_refine.pdbx_data_cutoff_low_absF                ? 
_refine.pdbx_data_cutoff_high_rms_absF           ? 
_refine.ls_d_res_low                             20.00 
_refine.ls_d_res_high                            1.80 
_refine.ls_percent_reflns_obs                    87.8 
_refine.ls_R_factor_obs                          ? 
_refine.ls_R_factor_all                          ? 
_refine.ls_R_factor_R_work                       0.146 
_refine.ls_R_factor_R_free                       0.185 
_refine.ls_R_factor_R_free_error                 ? 
_refine.ls_R_factor_R_free_error_details         ? 
_refine.ls_percent_reflns_R_free                 4.900 
_refine.ls_number_reflns_R_free                  428 
_refine.ls_number_parameters                     ? 
_refine.ls_number_restraints                     ? 
_refine.occupancy_min                            ? 
_refine.occupancy_max                            ? 
_refine.correlation_coeff_Fo_to_Fc               0.970 
_refine.correlation_coeff_Fo_to_Fc_free          0.949 
_refine.B_iso_mean                               18.76 
_refine.aniso_B[1][1]                            2.84000 
_refine.aniso_B[2][2]                            -0.90000 
_refine.aniso_B[3][3]                            -1.94000 
_refine.aniso_B[1][2]                            0.00000 
_refine.aniso_B[1][3]                            0.01000 
_refine.aniso_B[2][3]                            0.00000 
_refine.solvent_model_details                    MASK 
_refine.solvent_model_param_ksol                 ? 
_refine.solvent_model_param_bsol                 ? 
_refine.pdbx_solvent_vdw_probe_radii             1.20 
_refine.pdbx_solvent_ion_probe_radii             0.80 
_refine.pdbx_solvent_shrinkage_radii             0.80 
_refine.pdbx_ls_cross_valid_method               THROUGHOUT 
_refine.details                                  'HYDROGENS HAVE BEEN ADDED IN THE RIDING POSITIONS' 
_refine.pdbx_starting_model                      ? 
_refine.pdbx_method_to_determine_struct          'REFMAC 5.2.0005' 
_refine.pdbx_isotropic_thermal_model             ? 
_refine.pdbx_stereochemistry_target_values       'MAXIMUM LIKELIHOOD' 
_refine.pdbx_stereochem_target_val_spec_case     ? 
_refine.pdbx_R_Free_selection_details            RANDOM 
_refine.pdbx_overall_ESU_R                       0.134 
_refine.pdbx_overall_ESU_R_Free                  0.123 
_refine.overall_SU_ML                            0.076 
_refine.overall_SU_B                             4.459 
_refine.ls_redundancy_reflns_obs                 ? 
_refine.B_iso_min                                ? 
_refine.B_iso_max                                ? 
_refine.overall_SU_R_Cruickshank_DPI             ? 
_refine.overall_SU_R_free                        ? 
_refine.ls_wR_factor_R_free                      ? 
_refine.ls_wR_factor_R_work                      ? 
_refine.overall_FOM_free_R_set                   ? 
_refine.overall_FOM_work_R_set                   ? 
_refine.pdbx_refine_id                           'X-RAY DIFFRACTION' 
_refine.pdbx_TLS_residual_ADP_flag               'LIKELY RESIDUAL' 
_refine.pdbx_diffrn_id                           1 
_refine.pdbx_overall_phase_error                 ? 
_refine.pdbx_overall_SU_R_free_Cruickshank_DPI   ? 
_refine.pdbx_overall_SU_R_Blow_DPI               ? 
_refine.pdbx_overall_SU_R_free_Blow_DPI          ? 
# 
_refine_analyze.entry_id                        2HPL 
_refine_analyze.Luzzati_coordinate_error_obs    ? 
_refine_analyze.Luzzati_sigma_a_obs             ? 
_refine_analyze.Luzzati_d_res_low_obs           ? 
_refine_analyze.Luzzati_coordinate_error_free   0.242 
_refine_analyze.Luzzati_sigma_a_free            ? 
_refine_analyze.Luzzati_d_res_low_free          ? 
_refine_analyze.number_disordered_residues      ? 
_refine_analyze.occupancy_sum_hydrogen          ? 
_refine_analyze.occupancy_sum_non_hydrogen      ? 
_refine_analyze.pdbx_Luzzati_d_res_high_obs     ? 
_refine_analyze.pdbx_refine_id                  'X-RAY DIFFRACTION' 
# 
_refine_hist.pdbx_refine_id                   'X-RAY DIFFRACTION' 
_refine_hist.cycle_id                         LAST 
_refine_hist.pdbx_number_atoms_protein        827 
_refine_hist.pdbx_number_atoms_nucleic_acid   0 
_refine_hist.pdbx_number_atoms_ligand         0 
_refine_hist.number_atoms_solvent             167 
_refine_hist.number_atoms_total               994 
_refine_hist.d_res_high                       1.80 
_refine_hist.d_res_low                        20.00 
# 
loop_
_refine_ls_restr.type 
_refine_ls_restr.dev_ideal 
_refine_ls_restr.dev_ideal_target 
_refine_ls_restr.weight 
_refine_ls_restr.number 
_refine_ls_restr.pdbx_refine_id 
_refine_ls_restr.pdbx_restraint_function 
r_bond_refined_d             0.015  0.022  ? 839  'X-RAY DIFFRACTION' ? 
r_bond_other_d               0.002  0.020  ? 780  'X-RAY DIFFRACTION' ? 
r_angle_refined_deg          1.479  1.997  ? 1133 'X-RAY DIFFRACTION' ? 
r_angle_other_deg            0.870  3.000  ? 1816 'X-RAY DIFFRACTION' ? 
r_dihedral_angle_1_deg       5.664  5.000  ? 103  'X-RAY DIFFRACTION' ? 
r_dihedral_angle_2_deg       36.053 24.103 ? 39   'X-RAY DIFFRACTION' ? 
r_dihedral_angle_3_deg       14.384 15.000 ? 151  'X-RAY DIFFRACTION' ? 
r_dihedral_angle_4_deg       16.512 15.000 ? 7    'X-RAY DIFFRACTION' ? 
r_chiral_restr               0.085  0.200  ? 130  'X-RAY DIFFRACTION' ? 
r_gen_planes_refined         0.006  0.020  ? 926  'X-RAY DIFFRACTION' ? 
r_gen_planes_other           0.001  0.020  ? 165  'X-RAY DIFFRACTION' ? 
r_nbd_refined                0.229  0.200  ? 179  'X-RAY DIFFRACTION' ? 
r_nbd_other                  0.200  0.200  ? 774  'X-RAY DIFFRACTION' ? 
r_nbtor_refined              0.182  0.200  ? 411  'X-RAY DIFFRACTION' ? 
r_nbtor_other                0.089  0.200  ? 464  'X-RAY DIFFRACTION' ? 
r_xyhbond_nbd_refined        0.159  0.200  ? 113  'X-RAY DIFFRACTION' ? 
r_xyhbond_nbd_other          ?      ?      ? ?    'X-RAY DIFFRACTION' ? 
r_metal_ion_refined          ?      ?      ? ?    'X-RAY DIFFRACTION' ? 
r_metal_ion_other            ?      ?      ? ?    'X-RAY DIFFRACTION' ? 
r_symmetry_vdw_refined       0.185  0.200  ? 8    'X-RAY DIFFRACTION' ? 
r_symmetry_vdw_other         0.313  0.200  ? 31   'X-RAY DIFFRACTION' ? 
r_symmetry_hbond_refined     0.173  0.200  ? 18   'X-RAY DIFFRACTION' ? 
r_symmetry_hbond_other       ?      ?      ? ?    'X-RAY DIFFRACTION' ? 
r_symmetry_metal_ion_refined ?      ?      ? ?    'X-RAY DIFFRACTION' ? 
r_symmetry_metal_ion_other   ?      ?      ? ?    'X-RAY DIFFRACTION' ? 
r_mcbond_it                  1.232  1.500  ? 681  'X-RAY DIFFRACTION' ? 
r_mcbond_other               0.258  1.500  ? 214  'X-RAY DIFFRACTION' ? 
r_mcangle_it                 1.396  2.000  ? 846  'X-RAY DIFFRACTION' ? 
r_scbond_it                  2.515  3.000  ? 351  'X-RAY DIFFRACTION' ? 
r_scangle_it                 3.494  4.500  ? 287  'X-RAY DIFFRACTION' ? 
r_rigid_bond_restr           ?      ?      ? ?    'X-RAY DIFFRACTION' ? 
r_sphericity_free            ?      ?      ? ?    'X-RAY DIFFRACTION' ? 
r_sphericity_bonded          ?      ?      ? ?    'X-RAY DIFFRACTION' ? 
# 
_refine_ls_shell.pdbx_total_number_of_bins_used   20 
_refine_ls_shell.d_res_high                       1.80 
_refine_ls_shell.d_res_low                        1.85 
_refine_ls_shell.number_reflns_R_work             319 
_refine_ls_shell.R_factor_R_work                  0.185 
_refine_ls_shell.percent_reflns_obs               46.40 
_refine_ls_shell.R_factor_R_free                  0.317 
_refine_ls_shell.R_factor_R_free_error            ? 
_refine_ls_shell.percent_reflns_R_free            ? 
_refine_ls_shell.number_reflns_R_free             16 
_refine_ls_shell.number_reflns_all                ? 
_refine_ls_shell.R_factor_all                     ? 
_refine_ls_shell.redundancy_reflns_obs            ? 
_refine_ls_shell.number_reflns_obs                ? 
_refine_ls_shell.pdbx_refine_id                   'X-RAY DIFFRACTION' 
# 
_struct.entry_id                  2HPL 
_struct.title                     'Crystal structure of the mouse p97/PNGase complex' 
_struct.pdbx_model_details        ? 
_struct.pdbx_CASP_flag            ? 
_struct.pdbx_model_type_details   ? 
# 
_struct_keywords.entry_id        2HPL 
_struct_keywords.pdbx_keywords   HYDROLASE 
_struct_keywords.text            'PUB domain, Winged helix, p97, HYDROLASE' 
# 
loop_
_struct_asym.id 
_struct_asym.pdbx_blank_PDB_chainid_flag 
_struct_asym.pdbx_modified 
_struct_asym.entity_id 
_struct_asym.details 
A N N 1 ? 
B N N 2 ? 
C N N 3 ? 
D N N 3 ? 
# 
loop_
_struct_ref.id 
_struct_ref.db_name 
_struct_ref.db_code 
_struct_ref.pdbx_db_accession 
_struct_ref.entity_id 
_struct_ref.pdbx_seq_one_letter_code 
_struct_ref.pdbx_align_begin 
_struct_ref.pdbx_db_isoform 
1 UNP Q9JI78_MOUSE Q9JI78 1 
;SASPAVAELCQNTPETFLEASKLLLTYADNILRNPSDEKYRSIRIGNTAFSTRLLPVRGAVECLFEMGFEEGETHLIFPK
KASVEQLQKIRDLIAIERSS
;
12 ? 
2 PDB 2HPL         2HPL   2 ? ?  ? 
# 
loop_
_struct_ref_seq.align_id 
_struct_ref_seq.ref_id 
_struct_ref_seq.pdbx_PDB_id_code 
_struct_ref_seq.pdbx_strand_id 
_struct_ref_seq.seq_align_beg 
_struct_ref_seq.pdbx_seq_align_beg_ins_code 
_struct_ref_seq.seq_align_end 
_struct_ref_seq.pdbx_seq_align_end_ins_code 
_struct_ref_seq.pdbx_db_accession 
_struct_ref_seq.db_align_beg 
_struct_ref_seq.pdbx_db_align_beg_ins_code 
_struct_ref_seq.db_align_end 
_struct_ref_seq.pdbx_db_align_end_ins_code 
_struct_ref_seq.pdbx_auth_seq_align_beg 
_struct_ref_seq.pdbx_auth_seq_align_end 
1 1 2HPL A 1 ? 100 ? Q9JI78 12  ? 111 ? 12  111 
2 2 2HPL B 1 ? 5   ? 2HPL   802 ? 806 ? 802 806 
# 
_pdbx_struct_assembly.id                   1 
_pdbx_struct_assembly.details              author_defined_assembly 
_pdbx_struct_assembly.method_details       ? 
_pdbx_struct_assembly.oligomeric_details   dimeric 
_pdbx_struct_assembly.oligomeric_count     2 
# 
_pdbx_struct_assembly_gen.assembly_id       1 
_pdbx_struct_assembly_gen.oper_expression   1 
_pdbx_struct_assembly_gen.asym_id_list      A,B,C,D 
# 
_pdbx_struct_oper_list.id                   1 
_pdbx_struct_oper_list.type                 'identity operation' 
_pdbx_struct_oper_list.name                 1_555 
_pdbx_struct_oper_list.symmetry_operation   x,y,z 
_pdbx_struct_oper_list.matrix[1][1]         1.0000000000 
_pdbx_struct_oper_list.matrix[1][2]         0.0000000000 
_pdbx_struct_oper_list.matrix[1][3]         0.0000000000 
_pdbx_struct_oper_list.vector[1]            0.0000000000 
_pdbx_struct_oper_list.matrix[2][1]         0.0000000000 
_pdbx_struct_oper_list.matrix[2][2]         1.0000000000 
_pdbx_struct_oper_list.matrix[2][3]         0.0000000000 
_pdbx_struct_oper_list.vector[2]            0.0000000000 
_pdbx_struct_oper_list.matrix[3][1]         0.0000000000 
_pdbx_struct_oper_list.matrix[3][2]         0.0000000000 
_pdbx_struct_oper_list.matrix[3][3]         1.0000000000 
_pdbx_struct_oper_list.vector[3]            0.0000000000 
# 
_struct_biol.id        1 
_struct_biol.details   'Heterodimer of mouse PNGase PUB and p97' 
# 
loop_
_struct_conf.conf_type_id 
_struct_conf.id 
_struct_conf.pdbx_PDB_helix_id 
_struct_conf.beg_label_comp_id 
_struct_conf.beg_label_asym_id 
_struct_conf.beg_label_seq_id 
_struct_conf.pdbx_beg_PDB_ins_code 
_struct_conf.end_label_comp_id 
_struct_conf.end_label_asym_id 
_struct_conf.end_label_seq_id 
_struct_conf.pdbx_end_PDB_ins_code 
_struct_conf.beg_auth_comp_id 
_struct_conf.beg_auth_asym_id 
_struct_conf.beg_auth_seq_id 
_struct_conf.end_auth_comp_id 
_struct_conf.end_auth_asym_id 
_struct_conf.end_auth_seq_id 
_struct_conf.pdbx_PDB_helix_class 
_struct_conf.details 
_struct_conf.pdbx_PDB_helix_length 
HELX_P HELX_P1 1 SER A 3  ? CYS A 10 ? SER A 14 CYS A 21  1 ? 8  
HELX_P HELX_P2 2 THR A 13 ? ASN A 34 ? THR A 24 ASN A 45  1 ? 22 
HELX_P HELX_P3 3 ASP A 37 ? TYR A 40 ? ASP A 48 TYR A 51  5 ? 4  
HELX_P HELX_P4 4 ASN A 47 ? LEU A 54 ? ASN A 58 LEU A 65  1 ? 8  
HELX_P HELX_P5 5 GLY A 59 ? GLY A 68 ? GLY A 70 GLY A 79  1 ? 10 
HELX_P HELX_P6 6 SER A 83 ? SER A 99 ? SER A 94 SER A 110 1 ? 17 
# 
_struct_conf_type.id          HELX_P 
_struct_conf_type.criteria    ? 
_struct_conf_type.reference   ? 
# 
_struct_sheet.id               A 
_struct_sheet.type             ? 
_struct_sheet.number_strands   3 
_struct_sheet.details          ? 
# 
loop_
_struct_sheet_order.sheet_id 
_struct_sheet_order.range_id_1 
_struct_sheet_order.range_id_2 
_struct_sheet_order.offset 
_struct_sheet_order.sense 
A 1 2 ? anti-parallel 
A 2 3 ? anti-parallel 
# 
loop_
_struct_sheet_range.sheet_id 
_struct_sheet_range.id 
_struct_sheet_range.beg_label_comp_id 
_struct_sheet_range.beg_label_asym_id 
_struct_sheet_range.beg_label_seq_id 
_struct_sheet_range.pdbx_beg_PDB_ins_code 
_struct_sheet_range.end_label_comp_id 
_struct_sheet_range.end_label_asym_id 
_struct_sheet_range.end_label_seq_id 
_struct_sheet_range.pdbx_end_PDB_ins_code 
_struct_sheet_range.beg_auth_comp_id 
_struct_sheet_range.beg_auth_asym_id 
_struct_sheet_range.beg_auth_seq_id 
_struct_sheet_range.end_auth_comp_id 
_struct_sheet_range.end_auth_asym_id 
_struct_sheet_range.end_auth_seq_id 
A 1 SER A 42 ? ARG A 44 ? SER A 53 ARG A 55 
A 2 HIS A 75 ? ILE A 77 ? HIS A 86 ILE A 88 
A 3 GLU A 70 ? GLU A 71 ? GLU A 81 GLU A 82 
# 
loop_
_pdbx_struct_sheet_hbond.sheet_id 
_pdbx_struct_sheet_hbond.range_id_1 
_pdbx_struct_sheet_hbond.range_id_2 
_pdbx_struct_sheet_hbond.range_1_label_atom_id 
_pdbx_struct_sheet_hbond.range_1_label_comp_id 
_pdbx_struct_sheet_hbond.range_1_label_asym_id 
_pdbx_struct_sheet_hbond.range_1_label_seq_id 
_pdbx_struct_sheet_hbond.range_1_PDB_ins_code 
_pdbx_struct_sheet_hbond.range_1_auth_atom_id 
_pdbx_struct_sheet_hbond.range_1_auth_comp_id 
_pdbx_struct_sheet_hbond.range_1_auth_asym_id 
_pdbx_struct_sheet_hbond.range_1_auth_seq_id 
_pdbx_struct_sheet_hbond.range_2_label_atom_id 
_pdbx_struct_sheet_hbond.range_2_label_comp_id 
_pdbx_struct_sheet_hbond.range_2_label_asym_id 
_pdbx_struct_sheet_hbond.range_2_label_seq_id 
_pdbx_struct_sheet_hbond.range_2_PDB_ins_code 
_pdbx_struct_sheet_hbond.range_2_auth_atom_id 
_pdbx_struct_sheet_hbond.range_2_auth_comp_id 
_pdbx_struct_sheet_hbond.range_2_auth_asym_id 
_pdbx_struct_sheet_hbond.range_2_auth_seq_id 
A 1 2 N ILE A 43 ? N ILE A 54 O LEU A 76 ? O LEU A 87 
A 2 3 O ILE A 77 ? O ILE A 88 N GLU A 70 ? N GLU A 81 
# 
_pdbx_refine_tls.id               1 
_pdbx_refine_tls.details          ? 
_pdbx_refine_tls.method           refined 
_pdbx_refine_tls.origin_x         -0.1414 
_pdbx_refine_tls.origin_y         -0.1072 
_pdbx_refine_tls.origin_z         -0.1212 
_pdbx_refine_tls.T[1][1]          -0.0501 
_pdbx_refine_tls.T[2][2]          -0.0371 
_pdbx_refine_tls.T[3][3]          -0.0439 
_pdbx_refine_tls.T[1][2]          -0.0113 
_pdbx_refine_tls.T[1][3]          -0.0068 
_pdbx_refine_tls.T[2][3]          0.0042 
_pdbx_refine_tls.L[1][1]          0.7472 
_pdbx_refine_tls.L[2][2]          2.1771 
_pdbx_refine_tls.L[3][3]          1.2201 
_pdbx_refine_tls.L[1][2]          -0.0022 
_pdbx_refine_tls.L[1][3]          0.1960 
_pdbx_refine_tls.L[2][3]          -0.3901 
_pdbx_refine_tls.S[1][1]          0.0338 
_pdbx_refine_tls.S[1][2]          -0.0292 
_pdbx_refine_tls.S[1][3]          0.0300 
_pdbx_refine_tls.S[2][1]          -0.0337 
_pdbx_refine_tls.S[2][2]          -0.0397 
_pdbx_refine_tls.S[2][3]          0.0067 
_pdbx_refine_tls.S[3][1]          0.0241 
_pdbx_refine_tls.S[3][2]          0.0236 
_pdbx_refine_tls.S[3][3]          0.0060 
_pdbx_refine_tls.pdbx_refine_id   'X-RAY DIFFRACTION' 
# 
loop_
_pdbx_refine_tls_group.id 
_pdbx_refine_tls_group.refine_tls_id 
_pdbx_refine_tls_group.beg_auth_asym_id 
_pdbx_refine_tls_group.beg_auth_seq_id 
_pdbx_refine_tls_group.beg_label_asym_id 
_pdbx_refine_tls_group.beg_label_seq_id 
_pdbx_refine_tls_group.end_auth_asym_id 
_pdbx_refine_tls_group.end_auth_seq_id 
_pdbx_refine_tls_group.end_label_asym_id 
_pdbx_refine_tls_group.end_label_seq_id 
_pdbx_refine_tls_group.selection 
_pdbx_refine_tls_group.pdbx_refine_id 
_pdbx_refine_tls_group.selection_details 
1 1 A 12  A 1 A 111 A 100 ? 'X-RAY DIFFRACTION' ? 
2 1 B 803 B 2 B 806 B 5   ? 'X-RAY DIFFRACTION' ? 
# 
loop_
_chem_comp_atom.comp_id 
_chem_comp_atom.atom_id 
_chem_comp_atom.type_symbol 
_chem_comp_atom.pdbx_aromatic_flag 
_chem_comp_atom.pdbx_stereo_config 
_chem_comp_atom.pdbx_ordinal 
ALA N    N N N 1   
ALA CA   C N S 2   
ALA C    C N N 3   
ALA O    O N N 4   
ALA CB   C N N 5   
ALA OXT  O N N 6   
ALA H    H N N 7   
ALA H2   H N N 8   
ALA HA   H N N 9   
ALA HB1  H N N 10  
ALA HB2  H N N 11  
ALA HB3  H N N 12  
ALA HXT  H N N 13  
ARG N    N N N 14  
ARG CA   C N S 15  
ARG C    C N N 16  
ARG O    O N N 17  
ARG CB   C N N 18  
ARG CG   C N N 19  
ARG CD   C N N 20  
ARG NE   N N N 21  
ARG CZ   C N N 22  
ARG NH1  N N N 23  
ARG NH2  N N N 24  
ARG OXT  O N N 25  
ARG H    H N N 26  
ARG H2   H N N 27  
ARG HA   H N N 28  
ARG HB2  H N N 29  
ARG HB3  H N N 30  
ARG HG2  H N N 31  
ARG HG3  H N N 32  
ARG HD2  H N N 33  
ARG HD3  H N N 34  
ARG HE   H N N 35  
ARG HH11 H N N 36  
ARG HH12 H N N 37  
ARG HH21 H N N 38  
ARG HH22 H N N 39  
ARG HXT  H N N 40  
ASN N    N N N 41  
ASN CA   C N S 42  
ASN C    C N N 43  
ASN O    O N N 44  
ASN CB   C N N 45  
ASN CG   C N N 46  
ASN OD1  O N N 47  
ASN ND2  N N N 48  
ASN OXT  O N N 49  
ASN H    H N N 50  
ASN H2   H N N 51  
ASN HA   H N N 52  
ASN HB2  H N N 53  
ASN HB3  H N N 54  
ASN HD21 H N N 55  
ASN HD22 H N N 56  
ASN HXT  H N N 57  
ASP N    N N N 58  
ASP CA   C N S 59  
ASP C    C N N 60  
ASP O    O N N 61  
ASP CB   C N N 62  
ASP CG   C N N 63  
ASP OD1  O N N 64  
ASP OD2  O N N 65  
ASP OXT  O N N 66  
ASP H    H N N 67  
ASP H2   H N N 68  
ASP HA   H N N 69  
ASP HB2  H N N 70  
ASP HB3  H N N 71  
ASP HD2  H N N 72  
ASP HXT  H N N 73  
CYS N    N N N 74  
CYS CA   C N R 75  
CYS C    C N N 76  
CYS O    O N N 77  
CYS CB   C N N 78  
CYS SG   S N N 79  
CYS OXT  O N N 80  
CYS H    H N N 81  
CYS H2   H N N 82  
CYS HA   H N N 83  
CYS HB2  H N N 84  
CYS HB3  H N N 85  
CYS HG   H N N 86  
CYS HXT  H N N 87  
GLN N    N N N 88  
GLN CA   C N S 89  
GLN C    C N N 90  
GLN O    O N N 91  
GLN CB   C N N 92  
GLN CG   C N N 93  
GLN CD   C N N 94  
GLN OE1  O N N 95  
GLN NE2  N N N 96  
GLN OXT  O N N 97  
GLN H    H N N 98  
GLN H2   H N N 99  
GLN HA   H N N 100 
GLN HB2  H N N 101 
GLN HB3  H N N 102 
GLN HG2  H N N 103 
GLN HG3  H N N 104 
GLN HE21 H N N 105 
GLN HE22 H N N 106 
GLN HXT  H N N 107 
GLU N    N N N 108 
GLU CA   C N S 109 
GLU C    C N N 110 
GLU O    O N N 111 
GLU CB   C N N 112 
GLU CG   C N N 113 
GLU CD   C N N 114 
GLU OE1  O N N 115 
GLU OE2  O N N 116 
GLU OXT  O N N 117 
GLU H    H N N 118 
GLU H2   H N N 119 
GLU HA   H N N 120 
GLU HB2  H N N 121 
GLU HB3  H N N 122 
GLU HG2  H N N 123 
GLU HG3  H N N 124 
GLU HE2  H N N 125 
GLU HXT  H N N 126 
GLY N    N N N 127 
GLY CA   C N N 128 
GLY C    C N N 129 
GLY O    O N N 130 
GLY OXT  O N N 131 
GLY H    H N N 132 
GLY H2   H N N 133 
GLY HA2  H N N 134 
GLY HA3  H N N 135 
GLY HXT  H N N 136 
HIS N    N N N 137 
HIS CA   C N S 138 
HIS C    C N N 139 
HIS O    O N N 140 
HIS CB   C N N 141 
HIS CG   C Y N 142 
HIS ND1  N Y N 143 
HIS CD2  C Y N 144 
HIS CE1  C Y N 145 
HIS NE2  N Y N 146 
HIS OXT  O N N 147 
HIS H    H N N 148 
HIS H2   H N N 149 
HIS HA   H N N 150 
HIS HB2  H N N 151 
HIS HB3  H N N 152 
HIS HD1  H N N 153 
HIS HD2  H N N 154 
HIS HE1  H N N 155 
HIS HE2  H N N 156 
HIS HXT  H N N 157 
HOH O    O N N 158 
HOH H1   H N N 159 
HOH H2   H N N 160 
ILE N    N N N 161 
ILE CA   C N S 162 
ILE C    C N N 163 
ILE O    O N N 164 
ILE CB   C N S 165 
ILE CG1  C N N 166 
ILE CG2  C N N 167 
ILE CD1  C N N 168 
ILE OXT  O N N 169 
ILE H    H N N 170 
ILE H2   H N N 171 
ILE HA   H N N 172 
ILE HB   H N N 173 
ILE HG12 H N N 174 
ILE HG13 H N N 175 
ILE HG21 H N N 176 
ILE HG22 H N N 177 
ILE HG23 H N N 178 
ILE HD11 H N N 179 
ILE HD12 H N N 180 
ILE HD13 H N N 181 
ILE HXT  H N N 182 
LEU N    N N N 183 
LEU CA   C N S 184 
LEU C    C N N 185 
LEU O    O N N 186 
LEU CB   C N N 187 
LEU CG   C N N 188 
LEU CD1  C N N 189 
LEU CD2  C N N 190 
LEU OXT  O N N 191 
LEU H    H N N 192 
LEU H2   H N N 193 
LEU HA   H N N 194 
LEU HB2  H N N 195 
LEU HB3  H N N 196 
LEU HG   H N N 197 
LEU HD11 H N N 198 
LEU HD12 H N N 199 
LEU HD13 H N N 200 
LEU HD21 H N N 201 
LEU HD22 H N N 202 
LEU HD23 H N N 203 
LEU HXT  H N N 204 
LYS N    N N N 205 
LYS CA   C N S 206 
LYS C    C N N 207 
LYS O    O N N 208 
LYS CB   C N N 209 
LYS CG   C N N 210 
LYS CD   C N N 211 
LYS CE   C N N 212 
LYS NZ   N N N 213 
LYS OXT  O N N 214 
LYS H    H N N 215 
LYS H2   H N N 216 
LYS HA   H N N 217 
LYS HB2  H N N 218 
LYS HB3  H N N 219 
LYS HG2  H N N 220 
LYS HG3  H N N 221 
LYS HD2  H N N 222 
LYS HD3  H N N 223 
LYS HE2  H N N 224 
LYS HE3  H N N 225 
LYS HZ1  H N N 226 
LYS HZ2  H N N 227 
LYS HZ3  H N N 228 
LYS HXT  H N N 229 
MET N    N N N 230 
MET CA   C N S 231 
MET C    C N N 232 
MET O    O N N 233 
MET CB   C N N 234 
MET CG   C N N 235 
MET SD   S N N 236 
MET CE   C N N 237 
MET OXT  O N N 238 
MET H    H N N 239 
MET H2   H N N 240 
MET HA   H N N 241 
MET HB2  H N N 242 
MET HB3  H N N 243 
MET HG2  H N N 244 
MET HG3  H N N 245 
MET HE1  H N N 246 
MET HE2  H N N 247 
MET HE3  H N N 248 
MET HXT  H N N 249 
PHE N    N N N 250 
PHE CA   C N S 251 
PHE C    C N N 252 
PHE O    O N N 253 
PHE CB   C N N 254 
PHE CG   C Y N 255 
PHE CD1  C Y N 256 
PHE CD2  C Y N 257 
PHE CE1  C Y N 258 
PHE CE2  C Y N 259 
PHE CZ   C Y N 260 
PHE OXT  O N N 261 
PHE H    H N N 262 
PHE H2   H N N 263 
PHE HA   H N N 264 
PHE HB2  H N N 265 
PHE HB3  H N N 266 
PHE HD1  H N N 267 
PHE HD2  H N N 268 
PHE HE1  H N N 269 
PHE HE2  H N N 270 
PHE HZ   H N N 271 
PHE HXT  H N N 272 
PRO N    N N N 273 
PRO CA   C N S 274 
PRO C    C N N 275 
PRO O    O N N 276 
PRO CB   C N N 277 
PRO CG   C N N 278 
PRO CD   C N N 279 
PRO OXT  O N N 280 
PRO H    H N N 281 
PRO HA   H N N 282 
PRO HB2  H N N 283 
PRO HB3  H N N 284 
PRO HG2  H N N 285 
PRO HG3  H N N 286 
PRO HD2  H N N 287 
PRO HD3  H N N 288 
PRO HXT  H N N 289 
SER N    N N N 290 
SER CA   C N S 291 
SER C    C N N 292 
SER O    O N N 293 
SER CB   C N N 294 
SER OG   O N N 295 
SER OXT  O N N 296 
SER H    H N N 297 
SER H2   H N N 298 
SER HA   H N N 299 
SER HB2  H N N 300 
SER HB3  H N N 301 
SER HG   H N N 302 
SER HXT  H N N 303 
THR N    N N N 304 
THR CA   C N S 305 
THR C    C N N 306 
THR O    O N N 307 
THR CB   C N R 308 
THR OG1  O N N 309 
THR CG2  C N N 310 
THR OXT  O N N 311 
THR H    H N N 312 
THR H2   H N N 313 
THR HA   H N N 314 
THR HB   H N N 315 
THR HG1  H N N 316 
THR HG21 H N N 317 
THR HG22 H N N 318 
THR HG23 H N N 319 
THR HXT  H N N 320 
TYR N    N N N 321 
TYR CA   C N S 322 
TYR C    C N N 323 
TYR O    O N N 324 
TYR CB   C N N 325 
TYR CG   C Y N 326 
TYR CD1  C Y N 327 
TYR CD2  C Y N 328 
TYR CE1  C Y N 329 
TYR CE2  C Y N 330 
TYR CZ   C Y N 331 
TYR OH   O N N 332 
TYR OXT  O N N 333 
TYR H    H N N 334 
TYR H2   H N N 335 
TYR HA   H N N 336 
TYR HB2  H N N 337 
TYR HB3  H N N 338 
TYR HD1  H N N 339 
TYR HD2  H N N 340 
TYR HE1  H N N 341 
TYR HE2  H N N 342 
TYR HH   H N N 343 
TYR HXT  H N N 344 
VAL N    N N N 345 
VAL CA   C N S 346 
VAL C    C N N 347 
VAL O    O N N 348 
VAL CB   C N N 349 
VAL CG1  C N N 350 
VAL CG2  C N N 351 
VAL OXT  O N N 352 
VAL H    H N N 353 
VAL H2   H N N 354 
VAL HA   H N N 355 
VAL HB   H N N 356 
VAL HG11 H N N 357 
VAL HG12 H N N 358 
VAL HG13 H N N 359 
VAL HG21 H N N 360 
VAL HG22 H N N 361 
VAL HG23 H N N 362 
VAL HXT  H N N 363 
# 
loop_
_chem_comp_bond.comp_id 
_chem_comp_bond.atom_id_1 
_chem_comp_bond.atom_id_2 
_chem_comp_bond.value_order 
_chem_comp_bond.pdbx_aromatic_flag 
_chem_comp_bond.pdbx_stereo_config 
_chem_comp_bond.pdbx_ordinal 
ALA N   CA   sing N N 1   
ALA N   H    sing N N 2   
ALA N   H2   sing N N 3   
ALA CA  C    sing N N 4   
ALA CA  CB   sing N N 5   
ALA CA  HA   sing N N 6   
ALA C   O    doub N N 7   
ALA C   OXT  sing N N 8   
ALA CB  HB1  sing N N 9   
ALA CB  HB2  sing N N 10  
ALA CB  HB3  sing N N 11  
ALA OXT HXT  sing N N 12  
ARG N   CA   sing N N 13  
ARG N   H    sing N N 14  
ARG N   H2   sing N N 15  
ARG CA  C    sing N N 16  
ARG CA  CB   sing N N 17  
ARG CA  HA   sing N N 18  
ARG C   O    doub N N 19  
ARG C   OXT  sing N N 20  
ARG CB  CG   sing N N 21  
ARG CB  HB2  sing N N 22  
ARG CB  HB3  sing N N 23  
ARG CG  CD   sing N N 24  
ARG CG  HG2  sing N N 25  
ARG CG  HG3  sing N N 26  
ARG CD  NE   sing N N 27  
ARG CD  HD2  sing N N 28  
ARG CD  HD3  sing N N 29  
ARG NE  CZ   sing N N 30  
ARG NE  HE   sing N N 31  
ARG CZ  NH1  sing N N 32  
ARG CZ  NH2  doub N N 33  
ARG NH1 HH11 sing N N 34  
ARG NH1 HH12 sing N N 35  
ARG NH2 HH21 sing N N 36  
ARG NH2 HH22 sing N N 37  
ARG OXT HXT  sing N N 38  
ASN N   CA   sing N N 39  
ASN N   H    sing N N 40  
ASN N   H2   sing N N 41  
ASN CA  C    sing N N 42  
ASN CA  CB   sing N N 43  
ASN CA  HA   sing N N 44  
ASN C   O    doub N N 45  
ASN C   OXT  sing N N 46  
ASN CB  CG   sing N N 47  
ASN CB  HB2  sing N N 48  
ASN CB  HB3  sing N N 49  
ASN CG  OD1  doub N N 50  
ASN CG  ND2  sing N N 51  
ASN ND2 HD21 sing N N 52  
ASN ND2 HD22 sing N N 53  
ASN OXT HXT  sing N N 54  
ASP N   CA   sing N N 55  
ASP N   H    sing N N 56  
ASP N   H2   sing N N 57  
ASP CA  C    sing N N 58  
ASP CA  CB   sing N N 59  
ASP CA  HA   sing N N 60  
ASP C   O    doub N N 61  
ASP C   OXT  sing N N 62  
ASP CB  CG   sing N N 63  
ASP CB  HB2  sing N N 64  
ASP CB  HB3  sing N N 65  
ASP CG  OD1  doub N N 66  
ASP CG  OD2  sing N N 67  
ASP OD2 HD2  sing N N 68  
ASP OXT HXT  sing N N 69  
CYS N   CA   sing N N 70  
CYS N   H    sing N N 71  
CYS N   H2   sing N N 72  
CYS CA  C    sing N N 73  
CYS CA  CB   sing N N 74  
CYS CA  HA   sing N N 75  
CYS C   O    doub N N 76  
CYS C   OXT  sing N N 77  
CYS CB  SG   sing N N 78  
CYS CB  HB2  sing N N 79  
CYS CB  HB3  sing N N 80  
CYS SG  HG   sing N N 81  
CYS OXT HXT  sing N N 82  
GLN N   CA   sing N N 83  
GLN N   H    sing N N 84  
GLN N   H2   sing N N 85  
GLN CA  C    sing N N 86  
GLN CA  CB   sing N N 87  
GLN CA  HA   sing N N 88  
GLN C   O    doub N N 89  
GLN C   OXT  sing N N 90  
GLN CB  CG   sing N N 91  
GLN CB  HB2  sing N N 92  
GLN CB  HB3  sing N N 93  
GLN CG  CD   sing N N 94  
GLN CG  HG2  sing N N 95  
GLN CG  HG3  sing N N 96  
GLN CD  OE1  doub N N 97  
GLN CD  NE2  sing N N 98  
GLN NE2 HE21 sing N N 99  
GLN NE2 HE22 sing N N 100 
GLN OXT HXT  sing N N 101 
GLU N   CA   sing N N 102 
GLU N   H    sing N N 103 
GLU N   H2   sing N N 104 
GLU CA  C    sing N N 105 
GLU CA  CB   sing N N 106 
GLU CA  HA   sing N N 107 
GLU C   O    doub N N 108 
GLU C   OXT  sing N N 109 
GLU CB  CG   sing N N 110 
GLU CB  HB2  sing N N 111 
GLU CB  HB3  sing N N 112 
GLU CG  CD   sing N N 113 
GLU CG  HG2  sing N N 114 
GLU CG  HG3  sing N N 115 
GLU CD  OE1  doub N N 116 
GLU CD  OE2  sing N N 117 
GLU OE2 HE2  sing N N 118 
GLU OXT HXT  sing N N 119 
GLY N   CA   sing N N 120 
GLY N   H    sing N N 121 
GLY N   H2   sing N N 122 
GLY CA  C    sing N N 123 
GLY CA  HA2  sing N N 124 
GLY CA  HA3  sing N N 125 
GLY C   O    doub N N 126 
GLY C   OXT  sing N N 127 
GLY OXT HXT  sing N N 128 
HIS N   CA   sing N N 129 
HIS N   H    sing N N 130 
HIS N   H2   sing N N 131 
HIS CA  C    sing N N 132 
HIS CA  CB   sing N N 133 
HIS CA  HA   sing N N 134 
HIS C   O    doub N N 135 
HIS C   OXT  sing N N 136 
HIS CB  CG   sing N N 137 
HIS CB  HB2  sing N N 138 
HIS CB  HB3  sing N N 139 
HIS CG  ND1  sing Y N 140 
HIS CG  CD2  doub Y N 141 
HIS ND1 CE1  doub Y N 142 
HIS ND1 HD1  sing N N 143 
HIS CD2 NE2  sing Y N 144 
HIS CD2 HD2  sing N N 145 
HIS CE1 NE2  sing Y N 146 
HIS CE1 HE1  sing N N 147 
HIS NE2 HE2  sing N N 148 
HIS OXT HXT  sing N N 149 
HOH O   H1   sing N N 150 
HOH O   H2   sing N N 151 
ILE N   CA   sing N N 152 
ILE N   H    sing N N 153 
ILE N   H2   sing N N 154 
ILE CA  C    sing N N 155 
ILE CA  CB   sing N N 156 
ILE CA  HA   sing N N 157 
ILE C   O    doub N N 158 
ILE C   OXT  sing N N 159 
ILE CB  CG1  sing N N 160 
ILE CB  CG2  sing N N 161 
ILE CB  HB   sing N N 162 
ILE CG1 CD1  sing N N 163 
ILE CG1 HG12 sing N N 164 
ILE CG1 HG13 sing N N 165 
ILE CG2 HG21 sing N N 166 
ILE CG2 HG22 sing N N 167 
ILE CG2 HG23 sing N N 168 
ILE CD1 HD11 sing N N 169 
ILE CD1 HD12 sing N N 170 
ILE CD1 HD13 sing N N 171 
ILE OXT HXT  sing N N 172 
LEU N   CA   sing N N 173 
LEU N   H    sing N N 174 
LEU N   H2   sing N N 175 
LEU CA  C    sing N N 176 
LEU CA  CB   sing N N 177 
LEU CA  HA   sing N N 178 
LEU C   O    doub N N 179 
LEU C   OXT  sing N N 180 
LEU CB  CG   sing N N 181 
LEU CB  HB2  sing N N 182 
LEU CB  HB3  sing N N 183 
LEU CG  CD1  sing N N 184 
LEU CG  CD2  sing N N 185 
LEU CG  HG   sing N N 186 
LEU CD1 HD11 sing N N 187 
LEU CD1 HD12 sing N N 188 
LEU CD1 HD13 sing N N 189 
LEU CD2 HD21 sing N N 190 
LEU CD2 HD22 sing N N 191 
LEU CD2 HD23 sing N N 192 
LEU OXT HXT  sing N N 193 
LYS N   CA   sing N N 194 
LYS N   H    sing N N 195 
LYS N   H2   sing N N 196 
LYS CA  C    sing N N 197 
LYS CA  CB   sing N N 198 
LYS CA  HA   sing N N 199 
LYS C   O    doub N N 200 
LYS C   OXT  sing N N 201 
LYS CB  CG   sing N N 202 
LYS CB  HB2  sing N N 203 
LYS CB  HB3  sing N N 204 
LYS CG  CD   sing N N 205 
LYS CG  HG2  sing N N 206 
LYS CG  HG3  sing N N 207 
LYS CD  CE   sing N N 208 
LYS CD  HD2  sing N N 209 
LYS CD  HD3  sing N N 210 
LYS CE  NZ   sing N N 211 
LYS CE  HE2  sing N N 212 
LYS CE  HE3  sing N N 213 
LYS NZ  HZ1  sing N N 214 
LYS NZ  HZ2  sing N N 215 
LYS NZ  HZ3  sing N N 216 
LYS OXT HXT  sing N N 217 
MET N   CA   sing N N 218 
MET N   H    sing N N 219 
MET N   H2   sing N N 220 
MET CA  C    sing N N 221 
MET CA  CB   sing N N 222 
MET CA  HA   sing N N 223 
MET C   O    doub N N 224 
MET C   OXT  sing N N 225 
MET CB  CG   sing N N 226 
MET CB  HB2  sing N N 227 
MET CB  HB3  sing N N 228 
MET CG  SD   sing N N 229 
MET CG  HG2  sing N N 230 
MET CG  HG3  sing N N 231 
MET SD  CE   sing N N 232 
MET CE  HE1  sing N N 233 
MET CE  HE2  sing N N 234 
MET CE  HE3  sing N N 235 
MET OXT HXT  sing N N 236 
PHE N   CA   sing N N 237 
PHE N   H    sing N N 238 
PHE N   H2   sing N N 239 
PHE CA  C    sing N N 240 
PHE CA  CB   sing N N 241 
PHE CA  HA   sing N N 242 
PHE C   O    doub N N 243 
PHE C   OXT  sing N N 244 
PHE CB  CG   sing N N 245 
PHE CB  HB2  sing N N 246 
PHE CB  HB3  sing N N 247 
PHE CG  CD1  doub Y N 248 
PHE CG  CD2  sing Y N 249 
PHE CD1 CE1  sing Y N 250 
PHE CD1 HD1  sing N N 251 
PHE CD2 CE2  doub Y N 252 
PHE CD2 HD2  sing N N 253 
PHE CE1 CZ   doub Y N 254 
PHE CE1 HE1  sing N N 255 
PHE CE2 CZ   sing Y N 256 
PHE CE2 HE2  sing N N 257 
PHE CZ  HZ   sing N N 258 
PHE OXT HXT  sing N N 259 
PRO N   CA   sing N N 260 
PRO N   CD   sing N N 261 
PRO N   H    sing N N 262 
PRO CA  C    sing N N 263 
PRO CA  CB   sing N N 264 
PRO CA  HA   sing N N 265 
PRO C   O    doub N N 266 
PRO C   OXT  sing N N 267 
PRO CB  CG   sing N N 268 
PRO CB  HB2  sing N N 269 
PRO CB  HB3  sing N N 270 
PRO CG  CD   sing N N 271 
PRO CG  HG2  sing N N 272 
PRO CG  HG3  sing N N 273 
PRO CD  HD2  sing N N 274 
PRO CD  HD3  sing N N 275 
PRO OXT HXT  sing N N 276 
SER N   CA   sing N N 277 
SER N   H    sing N N 278 
SER N   H2   sing N N 279 
SER CA  C    sing N N 280 
SER CA  CB   sing N N 281 
SER CA  HA   sing N N 282 
SER C   O    doub N N 283 
SER C   OXT  sing N N 284 
SER CB  OG   sing N N 285 
SER CB  HB2  sing N N 286 
SER CB  HB3  sing N N 287 
SER OG  HG   sing N N 288 
SER OXT HXT  sing N N 289 
THR N   CA   sing N N 290 
THR N   H    sing N N 291 
THR N   H2   sing N N 292 
THR CA  C    sing N N 293 
THR CA  CB   sing N N 294 
THR CA  HA   sing N N 295 
THR C   O    doub N N 296 
THR C   OXT  sing N N 297 
THR CB  OG1  sing N N 298 
THR CB  CG2  sing N N 299 
THR CB  HB   sing N N 300 
THR OG1 HG1  sing N N 301 
THR CG2 HG21 sing N N 302 
THR CG2 HG22 sing N N 303 
THR CG2 HG23 sing N N 304 
THR OXT HXT  sing N N 305 
TYR N   CA   sing N N 306 
TYR N   H    sing N N 307 
TYR N   H2   sing N N 308 
TYR CA  C    sing N N 309 
TYR CA  CB   sing N N 310 
TYR CA  HA   sing N N 311 
TYR C   O    doub N N 312 
TYR C   OXT  sing N N 313 
TYR CB  CG   sing N N 314 
TYR CB  HB2  sing N N 315 
TYR CB  HB3  sing N N 316 
TYR CG  CD1  doub Y N 317 
TYR CG  CD2  sing Y N 318 
TYR CD1 CE1  sing Y N 319 
TYR CD1 HD1  sing N N 320 
TYR CD2 CE2  doub Y N 321 
TYR CD2 HD2  sing N N 322 
TYR CE1 CZ   doub Y N 323 
TYR CE1 HE1  sing N N 324 
TYR CE2 CZ   sing Y N 325 
TYR CE2 HE2  sing N N 326 
TYR CZ  OH   sing N N 327 
TYR OH  HH   sing N N 328 
TYR OXT HXT  sing N N 329 
VAL N   CA   sing N N 330 
VAL N   H    sing N N 331 
VAL N   H2   sing N N 332 
VAL CA  C    sing N N 333 
VAL CA  CB   sing N N 334 
VAL CA  HA   sing N N 335 
VAL C   O    doub N N 336 
VAL C   OXT  sing N N 337 
VAL CB  CG1  sing N N 338 
VAL CB  CG2  sing N N 339 
VAL CB  HB   sing N N 340 
VAL CG1 HG11 sing N N 341 
VAL CG1 HG12 sing N N 342 
VAL CG1 HG13 sing N N 343 
VAL CG2 HG21 sing N N 344 
VAL CG2 HG22 sing N N 345 
VAL CG2 HG23 sing N N 346 
VAL OXT HXT  sing N N 347 
# 
_atom_sites.entry_id                    2HPL 
_atom_sites.fract_transf_matrix[1][1]   -0.01646936 
_atom_sites.fract_transf_matrix[1][2]   0.00257731 
_atom_sites.fract_transf_matrix[1][3]   0.00254800 
_atom_sites.fract_transf_matrix[2][1]   0.00323913 
_atom_sites.fract_transf_matrix[2][2]   0.01868990 
_atom_sites.fract_transf_matrix[2][3]   0.00203164 
_atom_sites.fract_transf_matrix[3][1]   -0.01695918 
_atom_sites.fract_transf_matrix[3][2]   0.00576700 
_atom_sites.fract_transf_matrix[3][3]   -0.02601423 
_atom_sites.fract_transf_vector[1]      0.718120 
_atom_sites.fract_transf_vector[2]      0.993191 
_atom_sites.fract_transf_vector[3]      0.437017 
# 
loop_
_atom_type.symbol 
C 
N 
O 
S 
# 
loop_
_atom_site.group_PDB 
_atom_site.id 
_atom_site.type_symbol 
_atom_site.label_atom_id 
_atom_site.label_alt_id 
_atom_site.label_comp_id 
_atom_site.label_asym_id 
_atom_site.label_entity_id 
_atom_site.label_seq_id 
_atom_site.pdbx_PDB_ins_code 
_atom_site.Cartn_x 
_atom_site.Cartn_y 
_atom_site.Cartn_z 
_atom_site.occupancy 
_atom_site.B_iso_or_equiv 
_atom_site.pdbx_formal_charge 
_atom_site.auth_seq_id 
_atom_site.auth_comp_id 
_atom_site.auth_asym_id 
_atom_site.auth_atom_id 
_atom_site.pdbx_PDB_model_num 
ATOM   1   N N   . SER A 1 1   ? 15.242  -9.610  1.195   1.00 28.37 ? 12  SER A N   1 
ATOM   2   C CA  . SER A 1 1   ? 14.070  -8.685  1.340   1.00 28.68 ? 12  SER A CA  1 
ATOM   3   C C   . SER A 1 1   ? 14.212  -7.797  2.590   1.00 28.12 ? 12  SER A C   1 
ATOM   4   O O   . SER A 1 1   ? 13.671  -8.155  3.650   1.00 29.37 ? 12  SER A O   1 
ATOM   5   C CB  . SER A 1 1   ? 12.760  -9.500  1.448   1.00 29.97 ? 12  SER A CB  1 
ATOM   6   O OG  . SER A 1 1   ? 11.984  -9.602  0.231   1.00 33.58 ? 12  SER A OG  1 
ATOM   7   N N   . ALA A 1 2   ? 14.931  -6.668  2.482   1.00 26.21 ? 13  ALA A N   1 
ATOM   8   C CA  . ALA A 1 2   ? 15.054  -5.701  3.599   1.00 23.90 ? 13  ALA A CA  1 
ATOM   9   C C   . ALA A 1 2   ? 14.558  -4.298  3.187   1.00 22.58 ? 13  ALA A C   1 
ATOM   10  O O   . ALA A 1 2   ? 15.337  -3.431  2.745   1.00 21.59 ? 13  ALA A O   1 
ATOM   11  C CB  . ALA A 1 2   ? 16.431  -5.628  4.099   1.00 24.27 ? 13  ALA A CB  1 
ATOM   12  N N   . SER A 1 3   ? 13.262  -4.109  3.391   1.00 19.46 ? 14  SER A N   1 
ATOM   13  C CA  . SER A 1 3   ? 12.541  -2.927  3.045   1.00 19.10 ? 14  SER A CA  1 
ATOM   14  C C   . SER A 1 3   ? 12.695  -1.811  4.098   1.00 17.53 ? 14  SER A C   1 
ATOM   15  O O   . SER A 1 3   ? 12.266  -1.982  5.237   1.00 17.03 ? 14  SER A O   1 
ATOM   16  C CB  . SER A 1 3   ? 11.056  -3.266  2.922   1.00 18.49 ? 14  SER A CB  1 
ATOM   17  O OG  . SER A 1 3   ? 10.308  -2.079  2.796   1.00 19.42 ? 14  SER A OG  1 
ATOM   18  N N   . PRO A 1 4   ? 13.250  -0.661  3.708   1.00 16.68 ? 15  PRO A N   1 
ATOM   19  C CA  . PRO A 1 4   ? 13.171  0.479   4.627   1.00 16.84 ? 15  PRO A CA  1 
ATOM   20  C C   . PRO A 1 4   ? 11.742  0.912   5.026   1.00 17.25 ? 15  PRO A C   1 
ATOM   21  O O   . PRO A 1 4   ? 11.484  1.207   6.211   1.00 15.58 ? 15  PRO A O   1 
ATOM   22  C CB  . PRO A 1 4   ? 13.942  1.593   3.877   1.00 17.52 ? 15  PRO A CB  1 
ATOM   23  C CG  . PRO A 1 4   ? 14.792  0.861   2.849   1.00 17.80 ? 15  PRO A CG  1 
ATOM   24  C CD  . PRO A 1 4   ? 13.968  -0.327  2.468   1.00 16.47 ? 15  PRO A CD  1 
ATOM   25  N N   . ALA A 1 5   ? 10.807  0.903   4.069   1.00 17.04 ? 16  ALA A N   1 
ATOM   26  C CA  . ALA A 1 5   ? 9.447   1.320   4.320   1.00 17.36 ? 16  ALA A CA  1 
ATOM   27  C C   . ALA A 1 5   ? 8.736   0.393   5.302   1.00 17.43 ? 16  ALA A C   1 
ATOM   28  O O   . ALA A 1 5   ? 8.037   0.857   6.198   1.00 17.57 ? 16  ALA A O   1 
ATOM   29  C CB  . ALA A 1 5   ? 8.656   1.363   2.992   1.00 17.83 ? 16  ALA A CB  1 
ATOM   30  N N   . VAL A 1 6   ? 8.907   -0.912  5.124   1.00 17.18 ? 17  VAL A N   1 
ATOM   31  C CA  . VAL A 1 6   ? 8.255   -1.853  6.014   1.00 17.61 ? 17  VAL A CA  1 
ATOM   32  C C   . VAL A 1 6   ? 8.836   -1.720  7.423   1.00 17.18 ? 17  VAL A C   1 
ATOM   33  O O   . VAL A 1 6   ? 8.093   -1.682  8.379   1.00 17.67 ? 17  VAL A O   1 
ATOM   34  C CB  . VAL A 1 6   ? 8.367   -3.324  5.561   1.00 17.06 ? 17  VAL A CB  1 
ATOM   35  C CG1 . VAL A 1 6   ? 7.661   -4.220  6.582   1.00 16.34 ? 17  VAL A CG1 1 
ATOM   36  C CG2 . VAL A 1 6   ? 7.760   -3.531  4.218   1.00 18.48 ? 17  VAL A CG2 1 
ATOM   37  N N   . ALA A 1 7   ? 10.153  -1.611  7.547   1.00 18.22 ? 18  ALA A N   1 
ATOM   38  C CA  . ALA A 1 7   ? 10.779  -1.384  8.864   1.00 17.97 ? 18  ALA A CA  1 
ATOM   39  C C   . ALA A 1 7   ? 10.224  -0.125  9.560   1.00 18.26 ? 18  ALA A C   1 
ATOM   40  O O   . ALA A 1 7   ? 9.942   -0.117  10.779  1.00 17.90 ? 18  ALA A O   1 
ATOM   41  C CB  . ALA A 1 7   ? 12.289  -1.288  8.713   1.00 18.52 ? 18  ALA A CB  1 
ATOM   42  N N   . GLU A 1 8   ? 10.070  0.946   8.798   1.00 18.60 ? 19  GLU A N   1 
ATOM   43  C CA  . GLU A 1 8   ? 9.487   2.181   9.350   1.00 18.45 ? 19  GLU A CA  1 
ATOM   44  C C   . GLU A 1 8   ? 8.035   1.969   9.767   1.00 18.80 ? 19  GLU A C   1 
ATOM   45  O O   . GLU A 1 8   ? 7.634   2.416   10.841  1.00 18.75 ? 19  GLU A O   1 
ATOM   46  C CB  . GLU A 1 8   ? 9.570   3.310   8.343   1.00 18.64 ? 19  GLU A CB  1 
ATOM   47  C CG  . GLU A 1 8   ? 9.002   4.624   8.795   1.00 20.34 ? 19  GLU A CG  1 
ATOM   48  C CD  . GLU A 1 8   ? 9.941   5.480   9.609   1.00 24.51 ? 19  GLU A CD  1 
ATOM   49  O OE1 . GLU A 1 8   ? 10.911  4.991   10.232  1.00 24.91 ? 19  GLU A OE1 1 
ATOM   50  O OE2 . GLU A 1 8   ? 9.680   6.700   9.632   1.00 29.56 ? 19  GLU A OE2 1 
ATOM   51  N N   . LEU A 1 9   ? 7.252   1.313   8.895   1.00 18.80 ? 20  LEU A N   1 
ATOM   52  C CA  . LEU A 1 9   ? 5.867   0.974   9.203   1.00 18.56 ? 20  LEU A CA  1 
ATOM   53  C C   . LEU A 1 9   ? 5.743   0.245   10.546  1.00 18.24 ? 20  LEU A C   1 
ATOM   54  O O   . LEU A 1 9   ? 4.794   0.503   11.302  1.00 17.57 ? 20  LEU A O   1 
ATOM   55  C CB  . LEU A 1 9   ? 5.249   0.126   8.095   1.00 18.77 ? 20  LEU A CB  1 
ATOM   56  C CG  . LEU A 1 9   ? 3.749   -0.194  8.220   1.00 19.45 ? 20  LEU A CG  1 
ATOM   57  C CD1 . LEU A 1 9   ? 2.888   1.066   8.007   1.00 21.17 ? 20  LEU A CD1 1 
ATOM   58  C CD2 . LEU A 1 9   ? 3.385   -1.280  7.230   1.00 20.37 ? 20  LEU A CD2 1 
ATOM   59  N N   . CYS A 1 10  ? 6.682   -0.672  10.832  1.00 18.55 ? 21  CYS A N   1 
ATOM   60  C CA  . CYS A 1 10  ? 6.672   -1.478  12.068  1.00 18.84 ? 21  CYS A CA  1 
ATOM   61  C C   . CYS A 1 10  ? 7.004   -0.693  13.344  1.00 19.38 ? 21  CYS A C   1 
ATOM   62  O O   . CYS A 1 10  ? 6.832   -1.183  14.459  1.00 19.29 ? 21  CYS A O   1 
ATOM   63  C CB  . CYS A 1 10  ? 7.640   -2.650  11.928  1.00 18.86 ? 21  CYS A CB  1 
ATOM   64  S SG  . CYS A 1 10  ? 7.024   -3.879  10.798  1.00 21.52 ? 21  CYS A SG  1 
ATOM   65  N N   . GLN A 1 11  ? 7.503   0.524   13.182  1.00 20.02 ? 22  GLN A N   1 
ATOM   66  C CA  . GLN A 1 11  ? 7.793   1.399   14.302  1.00 20.04 ? 22  GLN A CA  1 
ATOM   67  C C   . GLN A 1 11  ? 6.539   2.094   14.875  1.00 19.59 ? 22  GLN A C   1 
ATOM   68  O O   . GLN A 1 11  ? 6.600   2.659   15.950  1.00 19.40 ? 22  GLN A O   1 
ATOM   69  C CB  . GLN A 1 11  ? 8.832   2.431   13.867  1.00 21.53 ? 22  GLN A CB  1 
ATOM   70  C CG  . GLN A 1 11  ? 10.134  1.801   13.402  1.00 24.78 ? 22  GLN A CG  1 
ATOM   71  C CD  . GLN A 1 11  ? 11.097  1.656   14.518  1.00 31.98 ? 22  GLN A CD  1 
ATOM   72  O OE1 . GLN A 1 11  ? 11.137  0.620   15.198  1.00 36.88 ? 22  GLN A OE1 1 
ATOM   73  N NE2 . GLN A 1 11  ? 11.872  2.716   14.765  1.00 36.77 ? 22  GLN A NE2 1 
ATOM   74  N N   . ASN A 1 12  ? 5.417   2.025   14.178  1.00 18.18 ? 23  ASN A N   1 
ATOM   75  C CA  . ASN A 1 12  ? 4.150   2.529   14.673  1.00 18.34 ? 23  ASN A CA  1 
ATOM   76  C C   . ASN A 1 12  ? 3.580   1.730   15.850  1.00 18.03 ? 23  ASN A C   1 
ATOM   77  O O   . ASN A 1 12  ? 3.960   0.605   16.116  1.00 18.24 ? 23  ASN A O   1 
ATOM   78  C CB  . ASN A 1 12  ? 3.096   2.513   13.542  1.00 18.77 ? 23  ASN A CB  1 
ATOM   79  C CG  . ASN A 1 12  ? 3.336   3.570   12.544  1.00 18.54 ? 23  ASN A CG  1 
ATOM   80  O OD1 . ASN A 1 12  ? 3.081   4.726   12.818  1.00 21.22 ? 23  ASN A OD1 1 
ATOM   81  N ND2 . ASN A 1 12  ? 3.874   3.195   11.378  1.00 17.00 ? 23  ASN A ND2 1 
ATOM   82  N N   . THR A 1 13  ? 2.659   2.336   16.572  1.00 17.84 ? 24  THR A N   1 
ATOM   83  C CA  . THR A 1 13  ? 2.024   1.622   17.653  1.00 17.45 ? 24  THR A CA  1 
ATOM   84  C C   . THR A 1 13  ? 1.307   0.391   17.099  1.00 17.42 ? 24  THR A C   1 
ATOM   85  O O   . THR A 1 13  ? 0.968   0.348   15.916  1.00 16.79 ? 24  THR A O   1 
ATOM   86  C CB  . THR A 1 13  ? 1.022   2.488   18.383  1.00 16.85 ? 24  THR A CB  1 
ATOM   87  O OG1 . THR A 1 13  ? -0.047  2.826   17.512  1.00 17.67 ? 24  THR A OG1 1 
ATOM   88  C CG2 . THR A 1 13  ? 1.703   3.741   18.934  1.00 19.25 ? 24  THR A CG2 1 
ATOM   89  N N   . PRO A 1 14  ? 1.108   -0.638  17.949  1.00 18.02 ? 25  PRO A N   1 
ATOM   90  C CA  . PRO A 1 14  ? 0.394   -1.828  17.463  1.00 18.60 ? 25  PRO A CA  1 
ATOM   91  C C   . PRO A 1 14  ? -0.926  -1.492  16.743  1.00 19.21 ? 25  PRO A C   1 
ATOM   92  O O   . PRO A 1 14  ? -1.162  -1.989  15.645  1.00 18.47 ? 25  PRO A O   1 
ATOM   93  C CB  . PRO A 1 14  ? 0.150   -2.635  18.738  1.00 18.49 ? 25  PRO A CB  1 
ATOM   94  C CG  . PRO A 1 14  ? 1.324   -2.272  19.630  1.00 17.90 ? 25  PRO A CG  1 
ATOM   95  C CD  . PRO A 1 14  ? 1.553   -0.788  19.349  1.00 17.13 ? 25  PRO A CD  1 
ATOM   96  N N   . GLU A 1 15  ? -1.745  -0.627  17.338  1.00 19.33 ? 26  GLU A N   1 
ATOM   97  C CA  . GLU A 1 15  ? -3.025  -0.263  16.752  1.00 19.86 ? 26  GLU A CA  1 
ATOM   98  C C   . GLU A 1 15  ? -2.919  0.338   15.364  1.00 18.72 ? 26  GLU A C   1 
ATOM   99  O O   . GLU A 1 15  ? -3.588  -0.094  14.444  1.00 18.59 ? 26  GLU A O   1 
ATOM   100 C CB  . GLU A 1 15  ? -3.713  0.747   17.638  1.00 21.19 ? 26  GLU A CB  1 
ATOM   101 C CG  . GLU A 1 15  ? -5.153  0.538   17.783  1.00 24.89 ? 26  GLU A CG  1 
ATOM   102 C CD  . GLU A 1 15  ? -5.792  1.547   18.750  1.00 25.66 ? 26  GLU A CD  1 
ATOM   103 O OE1 . GLU A 1 15  ? -5.165  2.600   19.051  1.00 32.69 ? 26  GLU A OE1 1 
ATOM   104 O OE2 . GLU A 1 15  ? -6.934  1.277   19.179  1.00 33.72 ? 26  GLU A OE2 1 
ATOM   105 N N   . THR A 1 16  ? -2.085  1.371   15.240  1.00 18.37 ? 27  THR A N   1 
ATOM   106 C CA  . THR A 1 16  ? -1.893  2.078   13.987  1.00 18.39 ? 27  THR A CA  1 
ATOM   107 C C   . THR A 1 16  ? -1.201  1.189   12.951  1.00 18.29 ? 27  THR A C   1 
ATOM   108 O O   . THR A 1 16  ? -1.554  1.201   11.765  1.00 16.72 ? 27  THR A O   1 
ATOM   109 C CB  . THR A 1 16  ? -1.048  3.333   14.213  1.00 19.08 ? 27  THR A CB  1 
ATOM   110 O OG1 . THR A 1 16  ? -1.742  4.194   15.132  1.00 20.13 ? 27  THR A OG1 1 
ATOM   111 C CG2 . THR A 1 16  ? -0.773  4.027   12.907  1.00 18.45 ? 27  THR A CG2 1 
ATOM   112 N N   . PHE A 1 17  ? -0.201  0.432   13.401  1.00 17.64 ? 28  PHE A N   1 
ATOM   113 C CA  . PHE A 1 17  ? 0.410   -0.547  12.527  1.00 17.63 ? 28  PHE A CA  1 
ATOM   114 C C   . PHE A 1 17  ? -0.661  -1.444  11.888  1.00 17.03 ? 28  PHE A C   1 
ATOM   115 O O   . PHE A 1 17  ? -0.668  -1.633  10.651  1.00 17.82 ? 28  PHE A O   1 
ATOM   116 C CB  . PHE A 1 17  ? 1.449   -1.427  13.242  1.00 17.53 ? 28  PHE A CB  1 
ATOM   117 C CG  . PHE A 1 17  ? 1.903   -2.557  12.386  1.00 17.61 ? 28  PHE A CG  1 
ATOM   118 C CD1 . PHE A 1 17  ? 2.785   -2.326  11.328  1.00 17.96 ? 28  PHE A CD1 1 
ATOM   119 C CD2 . PHE A 1 17  ? 1.385   -3.825  12.563  1.00 18.59 ? 28  PHE A CD2 1 
ATOM   120 C CE1 . PHE A 1 17  ? 3.155   -3.349  10.498  1.00 17.82 ? 28  PHE A CE1 1 
ATOM   121 C CE2 . PHE A 1 17  ? 1.738   -4.853  11.716  1.00 19.40 ? 28  PHE A CE2 1 
ATOM   122 C CZ  . PHE A 1 17  ? 2.623   -4.612  10.692  1.00 18.34 ? 28  PHE A CZ  1 
ATOM   123 N N   . LEU A 1 18  ? -1.535  -2.026  12.712  1.00 16.88 ? 29  LEU A N   1 
ATOM   124 C CA  . LEU A 1 18  ? -2.565  -2.923  12.199  1.00 17.89 ? 29  LEU A CA  1 
ATOM   125 C C   . LEU A 1 18  ? -3.484  -2.241  11.172  1.00 18.26 ? 29  LEU A C   1 
ATOM   126 O O   . LEU A 1 18  ? -3.738  -2.774  10.079  1.00 17.48 ? 29  LEU A O   1 
ATOM   127 C CB  . LEU A 1 18  ? -3.364  -3.510  13.351  1.00 16.98 ? 29  LEU A CB  1 
ATOM   128 C CG  . LEU A 1 18  ? -2.594  -4.523  14.186  1.00 18.71 ? 29  LEU A CG  1 
ATOM   129 C CD1 . LEU A 1 18  ? -3.380  -4.892  15.412  1.00 19.21 ? 29  LEU A CD1 1 
ATOM   130 C CD2 . LEU A 1 18  ? -2.264  -5.810  13.375  1.00 20.58 ? 29  LEU A CD2 1 
ATOM   131 N N   . GLU A 1 19  ? -3.885  -1.014  11.494  1.00 18.59 ? 30  GLU A N   1 
ATOM   132 C CA  . GLU A 1 19  ? -4.834  -0.289  10.671  1.00 18.92 ? 30  GLU A CA  1 
ATOM   133 C C   . GLU A 1 19  ? -4.236  -0.034  9.310   1.00 18.42 ? 30  GLU A C   1 
ATOM   134 O O   . GLU A 1 19  ? -4.854  -0.349  8.266   1.00 18.29 ? 30  GLU A O   1 
ATOM   135 C CB  . GLU A 1 19  ? -5.234  1.052   11.317  1.00 18.21 ? 30  GLU A CB  1 
ATOM   136 C CG  . GLU A 1 19  ? -6.267  1.728   10.494  1.00 20.20 ? 30  GLU A CG  1 
ATOM   137 C CD  . GLU A 1 19  ? -6.900  2.947   11.127  1.00 22.04 ? 30  GLU A CD  1 
ATOM   138 O OE1 . GLU A 1 19  ? -6.237  3.707   11.869  1.00 24.05 ? 30  GLU A OE1 1 
ATOM   139 O OE2 . GLU A 1 19  ? -8.083  3.153   10.807  1.00 27.51 ? 30  GLU A OE2 1 
ATOM   140 N N   . ALA A 1 20  ? -3.054  0.573   9.317   1.00 18.25 ? 31  ALA A N   1 
ATOM   141 C CA  . ALA A 1 20  ? -2.335  0.910   8.080   1.00 18.80 ? 31  ALA A CA  1 
ATOM   142 C C   . ALA A 1 20  ? -1.866  -0.309  7.235   1.00 18.26 ? 31  ALA A C   1 
ATOM   143 O O   . ALA A 1 20  ? -2.047  -0.341  6.009   1.00 17.07 ? 31  ALA A O   1 
ATOM   144 C CB  . ALA A 1 20  ? -1.188  1.815   8.391   1.00 18.58 ? 31  ALA A CB  1 
ATOM   145 N N   . SER A 1 21  ? -1.256  -1.294  7.874   1.00 17.59 ? 32  SER A N   1 
ATOM   146 C CA  . SER A 1 21  ? -0.829  -2.516  7.190   1.00 17.52 ? 32  SER A CA  1 
ATOM   147 C C   . SER A 1 21  ? -2.012  -3.255  6.560   1.00 17.72 ? 32  SER A C   1 
ATOM   148 O O   . SER A 1 21  ? -1.882  -3.825  5.493   1.00 17.23 ? 32  SER A O   1 
ATOM   149 C CB  . SER A 1 21  ? -0.063  -3.441  8.140   1.00 17.62 ? 32  SER A CB  1 
ATOM   150 O OG  . SER A 1 21  ? -0.903  -3.895  9.193   1.00 18.79 ? 32  SER A OG  1 
ATOM   151 N N   . LYS A 1 22  ? -3.175  -3.222  7.203   1.00 17.97 ? 33  LYS A N   1 
ATOM   152 C CA  . LYS A 1 22  ? -4.366  -3.857  6.650   1.00 19.12 ? 33  LYS A CA  1 
ATOM   153 C C   . LYS A 1 22  ? -4.728  -3.228  5.297   1.00 19.25 ? 33  LYS A C   1 
ATOM   154 O O   . LYS A 1 22  ? -4.958  -3.945  4.326   1.00 18.92 ? 33  LYS A O   1 
ATOM   155 C CB  . LYS A 1 22  ? -5.553  -3.794  7.618   1.00 19.60 ? 33  LYS A CB  1 
ATOM   156 C CG  . LYS A 1 22  ? -6.826  -4.453  7.075   1.00 22.05 ? 33  LYS A CG  1 
ATOM   157 C CD  . LYS A 1 22  ? -7.966  -4.293  8.094   1.00 24.56 ? 33  LYS A CD  1 
ATOM   158 C CE  . LYS A 1 22  ? -9.251  -5.095  7.749   1.00 28.83 ? 33  LYS A CE  1 
ATOM   159 N NZ  . LYS A 1 22  ? -10.158 -4.411  6.733   1.00 33.26 ? 33  LYS A NZ  1 
ATOM   160 N N   . LEU A 1 23  ? -4.762  -1.895  5.261   1.00 18.95 ? 34  LEU A N   1 
ATOM   161 C CA  . LEU A 1 23  ? -5.047  -1.159  4.029   1.00 18.21 ? 34  LEU A CA  1 
ATOM   162 C C   . LEU A 1 23  ? -4.012  -1.468  2.951   1.00 17.85 ? 34  LEU A C   1 
ATOM   163 O O   . LEU A 1 23  ? -4.372  -1.715  1.806   1.00 16.43 ? 34  LEU A O   1 
ATOM   164 C CB  . LEU A 1 23  ? -5.109  0.329   4.295   1.00 18.51 ? 34  LEU A CB  1 
ATOM   165 C CG  . LEU A 1 23  ? -6.349  0.775   5.054   1.00 18.97 ? 34  LEU A CG  1 
ATOM   166 C CD1 . LEU A 1 23  ? -6.220  2.191   5.671   1.00 21.32 ? 34  LEU A CD1 1 
ATOM   167 C CD2 . LEU A 1 23  ? -7.547  0.707   4.088   1.00 22.82 ? 34  LEU A CD2 1 
ATOM   168 N N   . LEU A 1 24  ? -2.743  -1.483  3.326   1.00 16.85 ? 35  LEU A N   1 
ATOM   169 C CA  . LEU A 1 24  ? -1.681  -1.744  2.385   1.00 16.80 ? 35  LEU A CA  1 
ATOM   170 C C   . LEU A 1 24  ? -1.826  -3.122  1.755   1.00 16.89 ? 35  LEU A C   1 
ATOM   171 O O   . LEU A 1 24  ? -1.583  -3.284  0.571   1.00 17.57 ? 35  LEU A O   1 
ATOM   172 C CB  . LEU A 1 24  ? -0.317  -1.647  3.072   1.00 16.75 ? 35  LEU A CB  1 
ATOM   173 C CG  . LEU A 1 24  ? 0.191   -0.226  3.318   1.00 15.05 ? 35  LEU A CG  1 
ATOM   174 C CD1 . LEU A 1 24  ? 1.340   -0.188  4.326   1.00 15.02 ? 35  LEU A CD1 1 
ATOM   175 C CD2 . LEU A 1 24  ? 0.586   0.412   2.020   1.00 18.31 ? 35  LEU A CD2 1 
ATOM   176 N N   . LEU A 1 25  ? -2.184  -4.116  2.565   1.00 18.01 ? 36  LEU A N   1 
ATOM   177 C CA  . LEU A 1 25  ? -2.396  -5.471  2.045   1.00 18.06 ? 36  LEU A CA  1 
ATOM   178 C C   . LEU A 1 25  ? -3.536  -5.511  1.064   1.00 17.93 ? 36  LEU A C   1 
ATOM   179 O O   . LEU A 1 25  ? -3.411  -6.170  0.057   1.00 16.87 ? 36  LEU A O   1 
ATOM   180 C CB  . LEU A 1 25  ? -2.631  -6.502  3.143   1.00 17.96 ? 36  LEU A CB  1 
ATOM   181 C CG  . LEU A 1 25  ? -1.433  -6.919  3.985   1.00 19.80 ? 36  LEU A CG  1 
ATOM   182 C CD1 . LEU A 1 25  ? -1.842  -8.152  4.823   1.00 22.74 ? 36  LEU A CD1 1 
ATOM   183 C CD2 . LEU A 1 25  ? -0.199  -7.285  3.152   1.00 20.55 ? 36  LEU A CD2 1 
ATOM   184 N N   . THR A 1 26  ? -4.607  -4.775  1.351   1.00 18.34 ? 37  THR A N   1 
ATOM   185 C CA  . THR A 1 26  ? -5.778  -4.735  0.487   1.00 17.97 ? 37  THR A CA  1 
ATOM   186 C C   . THR A 1 26  ? -5.412  -4.094  -0.848  1.00 17.87 ? 37  THR A C   1 
ATOM   187 O O   . THR A 1 26  ? -5.808  -4.573  -1.909  1.00 17.74 ? 37  THR A O   1 
ATOM   188 C CB  . THR A 1 26  ? -6.946  -3.961  1.221   1.00 18.35 ? 37  THR A CB  1 
ATOM   189 O OG1 . THR A 1 26  ? -7.354  -4.678  2.388   1.00 19.77 ? 37  THR A OG1 1 
ATOM   190 C CG2 . THR A 1 26  ? -8.140  -3.755  0.311   1.00 18.95 ? 37  THR A CG2 1 
ATOM   191 N N   . TYR A 1 27  ? -4.636  -2.999  -0.819  1.00 17.82 ? 38  TYR A N   1 
ATOM   192 C CA  . TYR A 1 27  ? -4.263  -2.344  -2.058  1.00 18.04 ? 38  TYR A CA  1 
ATOM   193 C C   . TYR A 1 27  ? -3.420  -3.261  -2.908  1.00 18.14 ? 38  TYR A C   1 
ATOM   194 O O   . TYR A 1 27  ? -3.544  -3.280  -4.133  1.00 20.15 ? 38  TYR A O   1 
ATOM   195 C CB  . TYR A 1 27  ? -3.529  -1.028  -1.803  1.00 18.77 ? 38  TYR A CB  1 
ATOM   196 C CG  . TYR A 1 27  ? -4.409  0.090   -1.253  1.00 19.88 ? 38  TYR A CG  1 
ATOM   197 C CD1 . TYR A 1 27  ? -5.564  0.492   -1.921  1.00 22.70 ? 38  TYR A CD1 1 
ATOM   198 C CD2 . TYR A 1 27  ? -4.040  0.791   -0.104  1.00 20.63 ? 38  TYR A CD2 1 
ATOM   199 C CE1 . TYR A 1 27  ? -6.352  1.531   -1.434  1.00 23.24 ? 38  TYR A CE1 1 
ATOM   200 C CE2 . TYR A 1 27  ? -4.831  1.816   0.399   1.00 21.87 ? 38  TYR A CE2 1 
ATOM   201 C CZ  . TYR A 1 27  ? -5.973  2.183   -0.281  1.00 22.99 ? 38  TYR A CZ  1 
ATOM   202 O OH  . TYR A 1 27  ? -6.776  3.200   0.167   1.00 26.05 ? 38  TYR A OH  1 
ATOM   203 N N   . ALA A 1 28  ? -2.512  -3.993  -2.281  1.00 17.58 ? 39  ALA A N   1 
ATOM   204 C CA  . ALA A 1 28  ? -1.667  -4.935  -3.011  1.00 17.09 ? 39  ALA A CA  1 
ATOM   205 C C   . ALA A 1 28  ? -2.463  -6.091  -3.565  1.00 17.04 ? 39  ALA A C   1 
ATOM   206 O O   . ALA A 1 28  ? -2.364  -6.378  -4.773  1.00 17.10 ? 39  ALA A O   1 
ATOM   207 C CB  . ALA A 1 28  ? -0.530  -5.452  -2.169  1.00 16.94 ? 39  ALA A CB  1 
ATOM   208 N N   . ASP A 1 29  ? -3.251  -6.726  -2.699  1.00 15.72 ? 40  ASP A N   1 
ATOM   209 C CA  . ASP A 1 29  ? -3.978  -7.956  -3.052  1.00 16.43 ? 40  ASP A CA  1 
ATOM   210 C C   . ASP A 1 29  ? -4.991  -7.707  -4.161  1.00 16.20 ? 40  ASP A C   1 
ATOM   211 O O   . ASP A 1 29  ? -5.173  -8.522  -5.043  1.00 15.64 ? 40  ASP A O   1 
ATOM   212 C CB  . ASP A 1 29  ? -4.706  -8.518  -1.816  1.00 15.94 ? 40  ASP A CB  1 
ATOM   213 C CG  . ASP A 1 29  ? -3.762  -9.214  -0.850  1.00 17.38 ? 40  ASP A CG  1 
ATOM   214 O OD1 . ASP A 1 29  ? -2.619  -9.524  -1.272  1.00 20.04 ? 40  ASP A OD1 1 
ATOM   215 O OD2 . ASP A 1 29  ? -4.187  -9.434  0.318   1.00 17.49 ? 40  ASP A OD2 1 
ATOM   216 N N   . ASN A 1 30  ? -5.678  -6.555  -4.129  1.00 16.60 ? 41  ASN A N   1 
ATOM   217 C CA  . ASN A 1 30  ? -6.635  -6.247  -5.191  1.00 16.72 ? 41  ASN A CA  1 
ATOM   218 C C   . ASN A 1 30  ? -5.994  -6.213  -6.593  1.00 16.69 ? 41  ASN A C   1 
ATOM   219 O O   . ASN A 1 30  ? -6.578  -6.697  -7.560  1.00 17.23 ? 41  ASN A O   1 
ATOM   220 C CB  . ASN A 1 30  ? -7.373  -4.945  -4.945  1.00 16.93 ? 41  ASN A CB  1 
ATOM   221 C CG  . ASN A 1 30  ? -8.418  -5.071  -3.828  1.00 18.82 ? 41  ASN A CG  1 
ATOM   222 O OD1 . ASN A 1 30  ? -8.830  -6.179  -3.457  1.00 18.72 ? 41  ASN A OD1 1 
ATOM   223 N ND2 . ASN A 1 30  ? -8.806  -3.963  -3.282  1.00 19.42 ? 41  ASN A ND2 1 
ATOM   224 N N   . ILE A 1 31  ? -4.788  -5.672  -6.682  1.00 16.79 ? 42  ILE A N   1 
ATOM   225 C CA  . ILE A 1 31  ? -4.013  -5.725  -7.917  1.00 17.10 ? 42  ILE A CA  1 
ATOM   226 C C   . ILE A 1 31  ? -3.499  -7.142  -8.269  1.00 16.34 ? 42  ILE A C   1 
ATOM   227 O O   . ILE A 1 31  ? -3.645  -7.622  -9.425  1.00 15.58 ? 42  ILE A O   1 
ATOM   228 C CB  . ILE A 1 31  ? -2.846  -4.726  -7.873  1.00 16.55 ? 42  ILE A CB  1 
ATOM   229 C CG1 . ILE A 1 31  ? -3.383  -3.278  -7.790  1.00 16.49 ? 42  ILE A CG1 1 
ATOM   230 C CG2 . ILE A 1 31  ? -1.984  -4.871  -9.092  1.00 18.21 ? 42  ILE A CG2 1 
ATOM   231 C CD1 . ILE A 1 31  ? -2.382  -2.245  -7.399  1.00 18.53 ? 42  ILE A CD1 1 
ATOM   232 N N   . LEU A 1 32  ? -2.905  -7.799  -7.288  1.00 17.30 ? 43  LEU A N   1 
ATOM   233 C CA  . LEU A 1 32  ? -2.327  -9.156  -7.460  1.00 17.42 ? 43  LEU A CA  1 
ATOM   234 C C   . LEU A 1 32  ? -3.372  -10.158 -7.943  1.00 17.15 ? 43  LEU A C   1 
ATOM   235 O O   . LEU A 1 32  ? -3.103  -10.980 -8.794  1.00 17.43 ? 43  LEU A O   1 
ATOM   236 C CB  . LEU A 1 32  ? -1.662  -9.625  -6.160  1.00 16.77 ? 43  LEU A CB  1 
ATOM   237 C CG  . LEU A 1 32  ? -0.378  -8.888  -5.742  1.00 18.24 ? 43  LEU A CG  1 
ATOM   238 C CD1 . LEU A 1 32  ? 0.028   -9.227  -4.347  1.00 18.29 ? 43  LEU A CD1 1 
ATOM   239 C CD2 . LEU A 1 32  ? 0.729   -9.243  -6.785  1.00 18.93 ? 43  LEU A CD2 1 
ATOM   240 N N   . ARG A 1 33  ? -4.593  -10.026 -7.449  1.00 17.17 ? 44  ARG A N   1 
ATOM   241 C CA  . ARG A 1 33  ? -5.628  -11.012 -7.711  1.00 17.26 ? 44  ARG A CA  1 
ATOM   242 C C   . ARG A 1 33  ? -6.574  -10.593 -8.863  1.00 17.26 ? 44  ARG A C   1 
ATOM   243 O O   . ARG A 1 33  ? -7.384  -11.387 -9.329  1.00 17.08 ? 44  ARG A O   1 
ATOM   244 C CB  . ARG A 1 33  ? -6.399  -11.296 -6.413  1.00 16.64 ? 44  ARG A CB  1 
ATOM   245 C CG  . ARG A 1 33  ? -5.537  -11.845 -5.326  1.00 17.10 ? 44  ARG A CG  1 
ATOM   246 C CD  . ARG A 1 33  ? -6.296  -12.171 -4.055  1.00 17.74 ? 44  ARG A CD  1 
ATOM   247 N NE  . ARG A 1 33  ? -5.359  -12.439 -2.963  1.00 18.92 ? 44  ARG A NE  1 
ATOM   248 C CZ  . ARG A 1 33  ? -5.685  -12.878 -1.751  1.00 20.53 ? 44  ARG A CZ  1 
ATOM   249 N NH1 . ARG A 1 33  ? -6.952  -13.094 -1.439  1.00 21.63 ? 44  ARG A NH1 1 
ATOM   250 N NH2 . ARG A 1 33  ? -4.727  -13.084 -0.843  1.00 20.19 ? 44  ARG A NH2 1 
ATOM   251 N N   . ASN A 1 34  ? -6.445  -9.361  -9.329  1.00 17.42 ? 45  ASN A N   1 
ATOM   252 C CA  . ASN A 1 34  ? -7.221  -8.815  -10.443 1.00 18.74 ? 45  ASN A CA  1 
ATOM   253 C C   . ASN A 1 34  ? -6.305  -7.956  -11.361 1.00 19.84 ? 45  ASN A C   1 
ATOM   254 O O   . ASN A 1 34  ? -6.547  -6.781  -11.575 1.00 19.14 ? 45  ASN A O   1 
ATOM   255 C CB  . ASN A 1 34  ? -8.401  -7.977  -9.944  1.00 18.13 ? 45  ASN A CB  1 
ATOM   256 C CG  . ASN A 1 34  ? -9.219  -8.674  -8.874  1.00 18.37 ? 45  ASN A CG  1 
ATOM   257 O OD1 . ASN A 1 34  ? -10.127 -9.446  -9.181  1.00 20.83 ? 45  ASN A OD1 1 
ATOM   258 N ND2 . ASN A 1 34  ? -8.919  -8.397  -7.614  1.00 18.69 ? 45  ASN A ND2 1 
ATOM   259 N N   . PRO A 1 35  ? -5.270  -8.575  -11.931 1.00 21.48 ? 46  PRO A N   1 
ATOM   260 C CA  . PRO A 1 35  ? -4.269  -7.792  -12.642 1.00 23.25 ? 46  PRO A CA  1 
ATOM   261 C C   . PRO A 1 35  ? -4.810  -7.005  -13.871 1.00 24.19 ? 46  PRO A C   1 
ATOM   262 O O   . PRO A 1 35  ? -4.218  -5.993  -14.223 1.00 25.38 ? 46  PRO A O   1 
ATOM   263 C CB  . PRO A 1 35  ? -3.222  -8.850  -13.039 1.00 24.24 ? 46  PRO A CB  1 
ATOM   264 C CG  . PRO A 1 35  ? -3.919  -10.102 -13.023 1.00 23.34 ? 46  PRO A CG  1 
ATOM   265 C CD  . PRO A 1 35  ? -4.977  -10.011 -11.978 1.00 21.83 ? 46  PRO A CD  1 
ATOM   266 N N   . SER A 1 36  ? -5.916  -7.458  -14.457 1.00 25.24 ? 47  SER A N   1 
ATOM   267 C CA  . SER A 1 36  ? -6.598  -6.793  -15.579 1.00 25.76 ? 47  SER A CA  1 
ATOM   268 C C   . SER A 1 36  ? -7.639  -5.745  -15.199 1.00 25.53 ? 47  SER A C   1 
ATOM   269 O O   . SER A 1 36  ? -8.257  -5.161  -16.094 1.00 25.57 ? 47  SER A O   1 
ATOM   270 C CB  . SER A 1 36  ? -7.329  -7.820  -16.418 1.00 26.11 ? 47  SER A CB  1 
ATOM   271 O OG  . SER A 1 36  ? -6.419  -8.797  -16.860 1.00 31.20 ? 47  SER A OG  1 
ATOM   272 N N   . ASP A 1 37  ? -7.868  -5.537  -13.903 1.00 24.28 ? 48  ASP A N   1 
ATOM   273 C CA  . ASP A 1 37  ? -8.851  -4.556  -13.474 1.00 23.70 ? 48  ASP A CA  1 
ATOM   274 C C   . ASP A 1 37  ? -8.178  -3.244  -13.149 1.00 22.84 ? 48  ASP A C   1 
ATOM   275 O O   . ASP A 1 37  ? -7.605  -3.071  -12.067 1.00 22.89 ? 48  ASP A O   1 
ATOM   276 C CB  . ASP A 1 37  ? -9.668  -5.020  -12.274 1.00 24.26 ? 48  ASP A CB  1 
ATOM   277 C CG  . ASP A 1 37  ? -10.898 -4.156  -12.062 1.00 25.10 ? 48  ASP A CG  1 
ATOM   278 O OD1 . ASP A 1 37  ? -10.917 -3.007  -12.585 1.00 23.94 ? 48  ASP A OD1 1 
ATOM   279 O OD2 . ASP A 1 37  ? -11.863 -4.625  -11.415 1.00 29.26 ? 48  ASP A OD2 1 
ATOM   280 N N   . GLU A 1 38  ? -8.253  -2.308  -14.085 1.00 21.18 ? 49  GLU A N   1 
ATOM   281 C CA  . GLU A 1 38  ? -7.601  -1.006  -13.898 1.00 21.21 ? 49  GLU A CA  1 
ATOM   282 C C   . GLU A 1 38  ? -8.085  -0.221  -12.692 1.00 19.94 ? 49  GLU A C   1 
ATOM   283 O O   . GLU A 1 38  ? -7.385  0.667   -12.231 1.00 18.09 ? 49  GLU A O   1 
ATOM   284 C CB  . GLU A 1 38  ? -7.738  -0.134  -15.140 1.00 20.73 ? 49  GLU A CB  1 
ATOM   285 C CG  . GLU A 1 38  ? -9.156  0.276   -15.507 1.00 22.04 ? 49  GLU A CG  1 
ATOM   286 C CD  . GLU A 1 38  ? -9.945  -0.761  -16.296 1.00 21.63 ? 49  GLU A CD  1 
ATOM   287 O OE1 . GLU A 1 38  ? -9.545  -1.950  -16.415 1.00 16.71 ? 49  GLU A OE1 1 
ATOM   288 O OE2 . GLU A 1 38  ? -10.988 -0.343  -16.824 1.00 24.28 ? 49  GLU A OE2 1 
ATOM   289 N N   . LYS A 1 39  ? -9.275  -0.517  -12.177 1.00 19.76 ? 50  LYS A N   1 
ATOM   290 C CA  . LYS A 1 39  ? -9.785  0.314   -11.115 1.00 21.59 ? 50  LYS A CA  1 
ATOM   291 C C   . LYS A 1 39  ? -8.948  0.171   -9.843  1.00 20.83 ? 50  LYS A C   1 
ATOM   292 O O   . LYS A 1 39  ? -8.906  1.103   -9.047  1.00 22.23 ? 50  LYS A O   1 
ATOM   293 C CB  . LYS A 1 39  ? -11.292 0.108   -10.858 1.00 22.39 ? 50  LYS A CB  1 
ATOM   294 C CG  . LYS A 1 39  ? -11.692 -1.125  -10.119 1.00 24.34 ? 50  LYS A CG  1 
ATOM   295 C CD  . LYS A 1 39  ? -13.127 -0.960  -9.549  1.00 26.23 ? 50  LYS A CD  1 
ATOM   296 C CE  . LYS A 1 39  ? -13.587 -2.126  -8.727  1.00 28.95 ? 50  LYS A CE  1 
ATOM   297 N NZ  . LYS A 1 39  ? -14.290 -3.156  -9.569  1.00 33.72 ? 50  LYS A NZ  1 
ATOM   298 N N   . TYR A 1 40  ? -8.231  -0.945  -9.680  1.00 19.25 ? 51  TYR A N   1 
ATOM   299 C CA  . TYR A 1 40  ? -7.392  -1.123  -8.494  1.00 19.93 ? 51  TYR A CA  1 
ATOM   300 C C   . TYR A 1 40  ? -5.992  -0.494  -8.604  1.00 19.04 ? 51  TYR A C   1 
ATOM   301 O O   . TYR A 1 40  ? -5.220  -0.485  -7.639  1.00 18.70 ? 51  TYR A O   1 
ATOM   302 C CB  . TYR A 1 40  ? -7.250  -2.588  -8.173  1.00 20.06 ? 51  TYR A CB  1 
ATOM   303 C CG  . TYR A 1 40  ? -8.562  -3.261  -7.913  1.00 19.76 ? 51  TYR A CG  1 
ATOM   304 C CD1 . TYR A 1 40  ? -9.450  -2.755  -6.947  1.00 20.12 ? 51  TYR A CD1 1 
ATOM   305 C CD2 . TYR A 1 40  ? -8.907  -4.393  -8.592  1.00 21.18 ? 51  TYR A CD2 1 
ATOM   306 C CE1 . TYR A 1 40  ? -10.641 -3.395  -6.681  1.00 20.48 ? 51  TYR A CE1 1 
ATOM   307 C CE2 . TYR A 1 40  ? -10.119 -5.024  -8.360  1.00 21.29 ? 51  TYR A CE2 1 
ATOM   308 C CZ  . TYR A 1 40  ? -10.963 -4.533  -7.394  1.00 22.62 ? 51  TYR A CZ  1 
ATOM   309 O OH  . TYR A 1 40  ? -12.168 -5.170  -7.162  1.00 22.49 ? 51  TYR A OH  1 
ATOM   310 N N   . ARG A 1 41  ? -5.677  0.046   -9.772  1.00 20.11 ? 52  ARG A N   1 
ATOM   311 C CA  . ARG A 1 41  ? -4.394  0.682   -10.008 1.00 21.16 ? 52  ARG A CA  1 
ATOM   312 C C   . ARG A 1 41  ? -4.307  2.175   -9.752  1.00 21.97 ? 52  ARG A C   1 
ATOM   313 O O   . ARG A 1 41  ? -3.297  2.798   -10.089 1.00 23.25 ? 52  ARG A O   1 
ATOM   314 C CB  . ARG A 1 41  ? -4.003  0.440   -11.436 1.00 21.67 ? 52  ARG A CB  1 
ATOM   315 C CG  . ARG A 1 41  ? -3.667  -1.006  -11.604 1.00 23.96 ? 52  ARG A CG  1 
ATOM   316 C CD  . ARG A 1 41  ? -3.465  -1.335  -13.006 1.00 29.84 ? 52  ARG A CD  1 
ATOM   317 N NE  . ARG A 1 41  ? -2.804  -2.623  -13.085 1.00 31.08 ? 52  ARG A NE  1 
ATOM   318 C CZ  . ARG A 1 41  ? -1.510  -2.793  -13.308 1.00 32.16 ? 52  ARG A CZ  1 
ATOM   319 N NH1 . ARG A 1 41  ? -0.685  -1.756  -13.471 1.00 33.94 ? 52  ARG A NH1 1 
ATOM   320 N NH2 . ARG A 1 41  ? -1.044  -4.020  -13.378 1.00 34.49 ? 52  ARG A NH2 1 
ATOM   321 N N   . SER A 1 42  ? -5.371  2.762   -9.246  1.00 21.37 ? 53  SER A N   1 
ATOM   322 C CA  . SER A 1 42  ? -5.326  4.171   -8.905  1.00 21.66 ? 53  SER A CA  1 
ATOM   323 C C   . SER A 1 42  ? -6.087  4.415   -7.583  1.00 21.91 ? 53  SER A C   1 
ATOM   324 O O   . SER A 1 42  ? -7.173  3.835   -7.316  1.00 21.66 ? 53  SER A O   1 
ATOM   325 C CB  . SER A 1 42  ? -5.776  5.034   -10.086 1.00 21.28 ? 53  SER A CB  1 
ATOM   326 O OG  . SER A 1 42  ? -7.142  5.234   -10.056 1.00 27.86 ? 53  SER A OG  1 
ATOM   327 N N   . ILE A 1 43  ? -5.468  5.219   -6.732  1.00 20.29 ? 54  ILE A N   1 
ATOM   328 C CA  . ILE A 1 43  ? -5.972  5.484   -5.403  1.00 20.65 ? 54  ILE A CA  1 
ATOM   329 C C   . ILE A 1 43  ? -6.022  7.016   -5.296  1.00 20.41 ? 54  ILE A C   1 
ATOM   330 O O   . ILE A 1 43  ? -4.986  7.671   -5.421  1.00 19.45 ? 54  ILE A O   1 
ATOM   331 C CB  . ILE A 1 43  ? -5.007  4.955   -4.322  1.00 20.20 ? 54  ILE A CB  1 
ATOM   332 C CG1 . ILE A 1 43  ? -4.718  3.444   -4.496  1.00 20.50 ? 54  ILE A CG1 1 
ATOM   333 C CG2 . ILE A 1 43  ? -5.548  5.256   -2.918  1.00 20.87 ? 54  ILE A CG2 1 
ATOM   334 C CD1 . ILE A 1 43  ? -3.699  2.908   -3.518  1.00 19.95 ? 54  ILE A CD1 1 
ATOM   335 N N   . ARG A 1 44  ? -7.199  7.563   -5.005  1.00 19.96 ? 55  ARG A N   1 
ATOM   336 C CA  . ARG A 1 44  ? -7.330  8.997   -4.947  1.00 19.91 ? 55  ARG A CA  1 
ATOM   337 C C   . ARG A 1 44  ? -6.694  9.533   -3.659  1.00 19.57 ? 55  ARG A C   1 
ATOM   338 O O   . ARG A 1 44  ? -6.995  9.098   -2.550  1.00 19.48 ? 55  ARG A O   1 
ATOM   339 C CB  . ARG A 1 44  ? -8.798  9.388   -5.048  1.00 20.47 ? 55  ARG A CB  1 
ATOM   340 C CG  . ARG A 1 44  ? -9.008  10.842  -5.353  1.00 20.40 ? 55  ARG A CG  1 
ATOM   341 C CD  . ARG A 1 44  ? -10.435 11.141  -5.718  1.00 23.23 ? 55  ARG A CD  1 
ATOM   342 N NE  . ARG A 1 44  ? -11.313 11.035  -4.547  1.00 22.81 ? 55  ARG A NE  1 
ATOM   343 C CZ  . ARG A 1 44  ? -11.483 11.971  -3.616  1.00 24.90 ? 55  ARG A CZ  1 
ATOM   344 N NH1 . ARG A 1 44  ? -10.847 13.120  -3.669  1.00 25.43 ? 55  ARG A NH1 1 
ATOM   345 N NH2 . ARG A 1 44  ? -12.307 11.726  -2.603  1.00 24.62 ? 55  ARG A NH2 1 
ATOM   346 N N   . ILE A 1 45  ? -5.817  10.520  -3.811  1.00 18.12 ? 56  ILE A N   1 
ATOM   347 C CA  . ILE A 1 45  ? -5.069  11.036  -2.660  1.00 18.08 ? 56  ILE A CA  1 
ATOM   348 C C   . ILE A 1 45  ? -6.011  11.637  -1.586  1.00 18.39 ? 56  ILE A C   1 
ATOM   349 O O   . ILE A 1 45  ? -5.730  11.556  -0.384  1.00 18.52 ? 56  ILE A O   1 
ATOM   350 C CB  . ILE A 1 45  ? -3.991  12.072  -3.155  1.00 16.39 ? 56  ILE A CB  1 
ATOM   351 C CG1 . ILE A 1 45  ? -2.829  11.329  -3.820  1.00 18.06 ? 56  ILE A CG1 1 
ATOM   352 C CG2 . ILE A 1 45  ? -3.485  12.975  -2.034  1.00 18.43 ? 56  ILE A CG2 1 
ATOM   353 C CD1 . ILE A 1 45  ? -1.972  12.195  -4.672  1.00 18.06 ? 56  ILE A CD1 1 
ATOM   354 N N   . GLY A 1 46  ? -7.131  12.192  -2.043  1.00 18.20 ? 57  GLY A N   1 
ATOM   355 C CA  . GLY A 1 46  ? -8.185  12.763  -1.167  1.00 18.17 ? 57  GLY A CA  1 
ATOM   356 C C   . GLY A 1 46  ? -9.264  11.798  -0.673  1.00 17.93 ? 57  GLY A C   1 
ATOM   357 O O   . GLY A 1 46  ? -10.144 12.206  0.059   1.00 17.88 ? 57  GLY A O   1 
ATOM   358 N N   . ASN A 1 47  ? -9.205  10.533  -1.077  1.00 18.29 ? 58  ASN A N   1 
ATOM   359 C CA  . ASN A 1 47  ? -10.131 9.494   -0.571  1.00 18.14 ? 58  ASN A CA  1 
ATOM   360 C C   . ASN A 1 47  ? -10.101 9.508   0.959   1.00 17.96 ? 58  ASN A C   1 
ATOM   361 O O   . ASN A 1 47  ? -9.049  9.606   1.542   1.00 18.10 ? 58  ASN A O   1 
ATOM   362 C CB  . ASN A 1 47  ? -9.710  8.122   -1.106  1.00 17.60 ? 58  ASN A CB  1 
ATOM   363 C CG  . ASN A 1 47  ? -10.478 6.960   -0.442  1.00 17.39 ? 58  ASN A CG  1 
ATOM   364 O OD1 . ASN A 1 47  ? -10.066 6.432   0.580   1.00 20.02 ? 58  ASN A OD1 1 
ATOM   365 N ND2 . ASN A 1 47  ? -11.585 6.582   -1.027  1.00 15.67 ? 58  ASN A ND2 1 
ATOM   366 N N   . THR A 1 48  ? -11.245 9.446   1.624   1.00 19.77 ? 59  THR A N   1 
ATOM   367 C CA  . THR A 1 48  ? -11.271 9.614   3.086   1.00 19.61 ? 59  THR A CA  1 
ATOM   368 C C   . THR A 1 48  ? -10.387 8.602   3.833   1.00 20.34 ? 59  THR A C   1 
ATOM   369 O O   . THR A 1 48  ? -9.528  8.982   4.650   1.00 20.05 ? 59  THR A O   1 
ATOM   370 C CB  . THR A 1 48  ? -12.738 9.561   3.611   1.00 19.67 ? 59  THR A CB  1 
ATOM   371 O OG1 . THR A 1 48  ? -13.492 10.584  2.948   1.00 19.87 ? 59  THR A OG1 1 
ATOM   372 C CG2 . THR A 1 48  ? -12.808 9.812   5.126   1.00 21.22 ? 59  THR A CG2 1 
ATOM   373 N N   . ALA A 1 49  ? -10.580 7.315   3.550   1.00 20.45 ? 60  ALA A N   1 
ATOM   374 C CA  . ALA A 1 49  ? -9.802  6.254   4.192   1.00 20.29 ? 60  ALA A CA  1 
ATOM   375 C C   . ALA A 1 49  ? -8.311  6.436   3.970   1.00 20.64 ? 60  ALA A C   1 
ATOM   376 O O   . ALA A 1 49  ? -7.518  6.382   4.914   1.00 19.64 ? 60  ALA A O   1 
ATOM   377 C CB  . ALA A 1 49  ? -10.235 4.896   3.694   1.00 20.88 ? 60  ALA A CB  1 
ATOM   378 N N   . PHE A 1 50  ? -7.934  6.640   2.713   1.00 20.33 ? 61  PHE A N   1 
ATOM   379 C CA  . PHE A 1 50  ? -6.552  6.780   2.335   1.00 20.39 ? 61  PHE A CA  1 
ATOM   380 C C   . PHE A 1 50  ? -5.874  7.970   2.987   1.00 20.08 ? 61  PHE A C   1 
ATOM   381 O O   . PHE A 1 50  ? -4.772  7.855   3.501   1.00 19.78 ? 61  PHE A O   1 
ATOM   382 C CB  . PHE A 1 50  ? -6.468  6.904   0.803   1.00 20.65 ? 61  PHE A CB  1 
ATOM   383 C CG  . PHE A 1 50  ? -5.083  6.881   0.268   1.00 20.80 ? 61  PHE A CG  1 
ATOM   384 C CD1 . PHE A 1 50  ? -4.298  5.750   0.406   1.00 22.39 ? 61  PHE A CD1 1 
ATOM   385 C CD2 . PHE A 1 50  ? -4.558  7.981   -0.380  1.00 20.34 ? 61  PHE A CD2 1 
ATOM   386 C CE1 . PHE A 1 50  ? -3.038  5.716   -0.092  1.00 22.43 ? 61  PHE A CE1 1 
ATOM   387 C CE2 . PHE A 1 50  ? -3.266  7.952   -0.879  1.00 22.41 ? 61  PHE A CE2 1 
ATOM   388 C CZ  . PHE A 1 50  ? -2.514  6.823   -0.742  1.00 22.90 ? 61  PHE A CZ  1 
ATOM   389 N N   . SER A 1 51  ? -6.544  9.123   2.946   1.00 20.37 ? 62  SER A N   1 
ATOM   390 C CA  . SER A 1 51  ? -5.959  10.371  3.393   1.00 20.39 ? 62  SER A CA  1 
ATOM   391 C C   . SER A 1 51  ? -5.869  10.431  4.916   1.00 20.91 ? 62  SER A C   1 
ATOM   392 O O   . SER A 1 51  ? -5.003  11.140  5.439   1.00 19.83 ? 62  SER A O   1 
ATOM   393 C CB  . SER A 1 51  ? -6.769  11.573  2.861   1.00 20.32 ? 62  SER A CB  1 
ATOM   394 O OG  . SER A 1 51  ? -8.079  11.608  3.377   1.00 20.19 ? 62  SER A OG  1 
ATOM   395 N N   . THR A 1 52  ? -6.797  9.743   5.610   1.00 21.37 ? 63  THR A N   1 
ATOM   396 C CA  . THR A 1 52  ? -6.884  9.806   7.090   1.00 21.48 ? 63  THR A CA  1 
ATOM   397 C C   . THR A 1 52  ? -6.248  8.635   7.829   1.00 21.96 ? 63  THR A C   1 
ATOM   398 O O   . THR A 1 52  ? -5.718  8.820   8.940   1.00 22.57 ? 63  THR A O   1 
ATOM   399 C CB  . THR A 1 52  ? -8.348  9.982   7.602   1.00 20.80 ? 63  THR A CB  1 
ATOM   400 O OG1 . THR A 1 52  ? -9.139  8.859   7.207   1.00 19.67 ? 63  THR A OG1 1 
ATOM   401 C CG2 . THR A 1 52  ? -8.971  11.303  7.048   1.00 21.59 ? 63  THR A CG2 1 
ATOM   402 N N   . ARG A 1 53  ? -6.305  7.441   7.239   1.00 22.17 ? 64  ARG A N   1 
ATOM   403 C CA  . ARG A 1 53  ? -5.806  6.216   7.865   1.00 22.77 ? 64  ARG A CA  1 
ATOM   404 C C   . ARG A 1 53  ? -4.526  5.658   7.292   1.00 21.68 ? 64  ARG A C   1 
ATOM   405 O O   . ARG A 1 53  ? -3.914  4.774   7.897   1.00 23.19 ? 64  ARG A O   1 
ATOM   406 C CB  . ARG A 1 53  ? -6.869  5.136   7.786   1.00 22.93 ? 64  ARG A CB  1 
ATOM   407 C CG  . ARG A 1 53  ? -8.106  5.556   8.508   1.00 25.58 ? 64  ARG A CG  1 
ATOM   408 C CD  . ARG A 1 53  ? -9.193  4.576   8.254   1.00 29.91 ? 64  ARG A CD  1 
ATOM   409 N NE  . ARG A 1 53  ? -10.360 5.281   7.744   1.00 36.88 ? 64  ARG A NE  1 
ATOM   410 C CZ  . ARG A 1 53  ? -11.322 4.712   7.034   1.00 39.10 ? 64  ARG A CZ  1 
ATOM   411 N NH1 . ARG A 1 53  ? -11.251 3.400   6.769   1.00 41.13 ? 64  ARG A NH1 1 
ATOM   412 N NH2 . ARG A 1 53  ? -12.349 5.459   6.603   1.00 39.18 ? 64  ARG A NH2 1 
ATOM   413 N N   . LEU A 1 54  ? -4.118  6.119   6.120   1.00 20.34 ? 65  LEU A N   1 
ATOM   414 C CA  . LEU A 1 54  ? -2.896  5.587   5.535   1.00 20.28 ? 65  LEU A CA  1 
ATOM   415 C C   . LEU A 1 54  ? -1.826  6.671   5.405   1.00 19.13 ? 65  LEU A C   1 
ATOM   416 O O   . LEU A 1 54  ? -0.752  6.575   5.996   1.00 17.23 ? 65  LEU A O   1 
ATOM   417 C CB  . LEU A 1 54  ? -3.174  4.934   4.175   1.00 20.42 ? 65  LEU A CB  1 
ATOM   418 C CG  . LEU A 1 54  ? -1.954  4.106   3.716   1.00 22.51 ? 65  LEU A CG  1 
ATOM   419 C CD1 . LEU A 1 54  ? -2.375  2.868   2.993   1.00 25.45 ? 65  LEU A CD1 1 
ATOM   420 C CD2 . LEU A 1 54  ? -0.963  4.917   2.886   1.00 22.01 ? 65  LEU A CD2 1 
ATOM   421 N N   . LEU A 1 55  ? -2.133  7.722   4.655   1.00 18.24 ? 66  LEU A N   1 
ATOM   422 C CA  . LEU A 1 55  ? -1.121  8.743   4.371   1.00 18.58 ? 66  LEU A CA  1 
ATOM   423 C C   . LEU A 1 55  ? -0.437  9.374   5.598   1.00 17.73 ? 66  LEU A C   1 
ATOM   424 O O   . LEU A 1 55  ? 0.759   9.669   5.526   1.00 18.18 ? 66  LEU A O   1 
ATOM   425 C CB  . LEU A 1 55  ? -1.662  9.855   3.495   1.00 18.44 ? 66  LEU A CB  1 
ATOM   426 C CG  . LEU A 1 55  ? -1.903  9.492   2.051   1.00 20.23 ? 66  LEU A CG  1 
ATOM   427 C CD1 . LEU A 1 55  ? -2.529  10.698  1.330   1.00 21.99 ? 66  LEU A CD1 1 
ATOM   428 C CD2 . LEU A 1 55  ? -0.620  9.044   1.369   1.00 21.12 ? 66  LEU A CD2 1 
ATOM   429 N N   . PRO A 1 56  ? -1.178  9.620   6.690   1.00 17.72 ? 67  PRO A N   1 
ATOM   430 C CA  . PRO A 1 56  ? -0.510  10.201  7.846   1.00 17.71 ? 67  PRO A CA  1 
ATOM   431 C C   . PRO A 1 56  ? 0.433   9.267   8.622   1.00 17.65 ? 67  PRO A C   1 
ATOM   432 O O   . PRO A 1 56  ? 1.071   9.725   9.558   1.00 16.99 ? 67  PRO A O   1 
ATOM   433 C CB  . PRO A 1 56  ? -1.687  10.621  8.742   1.00 18.42 ? 67  PRO A CB  1 
ATOM   434 C CG  . PRO A 1 56  ? -2.855  10.662  7.862   1.00 17.75 ? 67  PRO A CG  1 
ATOM   435 C CD  . PRO A 1 56  ? -2.628  9.521   6.928   1.00 18.23 ? 67  PRO A CD  1 
ATOM   436 N N   . VAL A 1 57  ? 0.486   7.977   8.255   1.00 17.27 ? 68  VAL A N   1 
ATOM   437 C CA  . VAL A 1 57  ? 1.152   6.963   9.060   1.00 16.70 ? 68  VAL A CA  1 
ATOM   438 C C   . VAL A 1 57  ? 2.595   6.760   8.601   1.00 16.49 ? 68  VAL A C   1 
ATOM   439 O O   . VAL A 1 57  ? 2.859   6.461   7.438   1.00 16.94 ? 68  VAL A O   1 
ATOM   440 C CB  . VAL A 1 57  ? 0.386   5.630   9.029   1.00 16.17 ? 68  VAL A CB  1 
ATOM   441 C CG1 . VAL A 1 57  ? 1.248   4.530   9.681   1.00 13.77 ? 68  VAL A CG1 1 
ATOM   442 C CG2 . VAL A 1 57  ? -0.952  5.781   9.734   1.00 18.09 ? 68  VAL A CG2 1 
ATOM   443 N N   . ARG A 1 58  ? 3.523   6.884   9.533   1.00 17.29 ? 69  ARG A N   1 
ATOM   444 C CA  . ARG A 1 58  ? 4.930   6.826   9.182   1.00 18.82 ? 69  ARG A CA  1 
ATOM   445 C C   . ARG A 1 58  ? 5.210   5.484   8.510   1.00 17.94 ? 69  ARG A C   1 
ATOM   446 O O   . ARG A 1 58  ? 4.772   4.421   8.985   1.00 16.56 ? 69  ARG A O   1 
ATOM   447 C CB  . ARG A 1 58  ? 5.847   7.102   10.375  1.00 18.89 ? 69  ARG A CB  1 
ATOM   448 C CG  . ARG A 1 58  ? 5.910   6.002   11.374  1.00 22.55 ? 69  ARG A CG  1 
ATOM   449 C CD  . ARG A 1 58  ? 6.749   6.380   12.553  1.00 24.40 ? 69  ARG A CD  1 
ATOM   450 N NE  . ARG A 1 58  ? 8.165   6.053   12.406  1.00 29.60 ? 69  ARG A NE  1 
ATOM   451 C CZ  . ARG A 1 58  ? 9.028   6.083   13.424  1.00 31.48 ? 69  ARG A CZ  1 
ATOM   452 N NH1 . ARG A 1 58  ? 8.604   6.403   14.637  1.00 32.24 ? 69  ARG A NH1 1 
ATOM   453 N NH2 . ARG A 1 58  ? 10.313  5.788   13.234  1.00 31.71 ? 69  ARG A NH2 1 
ATOM   454 N N   . GLY A 1 59  ? 5.827   5.577   7.334   1.00 18.11 ? 70  GLY A N   1 
ATOM   455 C CA  . GLY A 1 59  ? 6.217   4.422   6.554   1.00 18.14 ? 70  GLY A CA  1 
ATOM   456 C C   . GLY A 1 59  ? 5.214   3.959   5.528   1.00 17.90 ? 70  GLY A C   1 
ATOM   457 O O   . GLY A 1 59  ? 5.564   3.240   4.591   1.00 18.45 ? 70  GLY A O   1 
ATOM   458 N N   . ALA A 1 60  ? 3.960   4.352   5.680   1.00 16.95 ? 71  ALA A N   1 
ATOM   459 C CA  . ALA A 1 60  ? 2.925   3.683   4.921   1.00 17.03 ? 71  ALA A CA  1 
ATOM   460 C C   . ALA A 1 60  ? 2.915   4.088   3.454   1.00 17.30 ? 71  ALA A C   1 
ATOM   461 O O   . ALA A 1 60  ? 2.858   3.225   2.569   1.00 17.97 ? 71  ALA A O   1 
ATOM   462 C CB  . ALA A 1 60  ? 1.572   3.883   5.553   1.00 16.16 ? 71  ALA A CB  1 
ATOM   463 N N   . VAL A 1 61  ? 3.043   5.384   3.167   1.00 17.88 ? 72  VAL A N   1 
ATOM   464 C CA  . VAL A 1 61  ? 3.025   5.771   1.757   1.00 18.06 ? 72  VAL A CA  1 
ATOM   465 C C   . VAL A 1 61  ? 4.269   5.242   1.073   1.00 18.55 ? 72  VAL A C   1 
ATOM   466 O O   . VAL A 1 61  ? 4.182   4.773   -0.051  1.00 18.94 ? 72  VAL A O   1 
ATOM   467 C CB  . VAL A 1 61  ? 2.835   7.266   1.504   1.00 18.14 ? 72  VAL A CB  1 
ATOM   468 C CG1 . VAL A 1 61  ? 4.030   8.063   1.892   1.00 17.70 ? 72  VAL A CG1 1 
ATOM   469 C CG2 . VAL A 1 61  ? 2.476   7.491   0.034   1.00 18.19 ? 72  VAL A CG2 1 
ATOM   470 N N   . GLU A 1 62  ? 5.390   5.226   1.785   1.00 17.87 ? 73  GLU A N   1 
ATOM   471 C CA  . GLU A 1 62  ? 6.597   4.673   1.223   1.00 18.15 ? 73  GLU A CA  1 
ATOM   472 C C   . GLU A 1 62  ? 6.475   3.176   0.896   1.00 18.43 ? 73  GLU A C   1 
ATOM   473 O O   . GLU A 1 62  ? 7.119   2.696   -0.025  1.00 16.59 ? 73  GLU A O   1 
ATOM   474 C CB  . GLU A 1 62  ? 7.782   4.917   2.126   1.00 18.99 ? 73  GLU A CB  1 
ATOM   475 C CG  . GLU A 1 62  ? 8.264   6.346   2.093   1.00 20.76 ? 73  GLU A CG  1 
ATOM   476 C CD  . GLU A 1 62  ? 7.462   7.255   2.986   1.00 22.20 ? 73  GLU A CD  1 
ATOM   477 O OE1 . GLU A 1 62  ? 6.725   6.713   3.861   1.00 20.09 ? 73  GLU A OE1 1 
ATOM   478 O OE2 . GLU A 1 62  ? 7.603   8.497   2.822   1.00 21.00 ? 73  GLU A OE2 1 
ATOM   479 N N   . CYS A 1 63  ? 5.663   2.444   1.639   1.00 16.94 ? 74  CYS A N   1 
ATOM   480 C CA  . CYS A 1 63  ? 5.384   1.051   1.274   1.00 17.87 ? 74  CYS A CA  1 
ATOM   481 C C   . CYS A 1 63  ? 4.710   0.983   -0.124  1.00 17.91 ? 74  CYS A C   1 
ATOM   482 O O   . CYS A 1 63  ? 5.037   0.118   -0.945  1.00 16.63 ? 74  CYS A O   1 
ATOM   483 C CB  . CYS A 1 63  ? 4.490   0.380   2.327   1.00 17.18 ? 74  CYS A CB  1 
ATOM   484 S SG  . CYS A 1 63  ? 5.337   -0.088  3.874   1.00 17.79 ? 74  CYS A SG  1 
ATOM   485 N N   . LEU A 1 64  ? 3.761   1.885   -0.377  1.00 18.01 ? 75  LEU A N   1 
ATOM   486 C CA  . LEU A 1 64  ? 3.142   1.962   -1.718  1.00 18.12 ? 75  LEU A CA  1 
ATOM   487 C C   . LEU A 1 64  ? 4.171   2.284   -2.809  1.00 18.31 ? 75  LEU A C   1 
ATOM   488 O O   . LEU A 1 64  ? 4.172   1.689   -3.905  1.00 18.82 ? 75  LEU A O   1 
ATOM   489 C CB  . LEU A 1 64  ? 2.004   2.970   -1.746  1.00 18.56 ? 75  LEU A CB  1 
ATOM   490 C CG  . LEU A 1 64  ? 0.777   2.570   -0.929  1.00 18.70 ? 75  LEU A CG  1 
ATOM   491 C CD1 . LEU A 1 64  ? -0.166  3.726   -0.836  1.00 20.04 ? 75  LEU A CD1 1 
ATOM   492 C CD2 . LEU A 1 64  ? 0.088   1.358   -1.519  1.00 21.12 ? 75  LEU A CD2 1 
ATOM   493 N N   . PHE A 1 65  ? 5.052   3.231   -2.526  1.00 17.87 ? 76  PHE A N   1 
ATOM   494 C CA  . PHE A 1 65  ? 6.104   3.548   -3.486  1.00 17.83 ? 76  PHE A CA  1 
ATOM   495 C C   . PHE A 1 65  ? 7.019   2.340   -3.727  1.00 17.72 ? 76  PHE A C   1 
ATOM   496 O O   . PHE A 1 65  ? 7.327   2.003   -4.863  1.00 16.89 ? 76  PHE A O   1 
ATOM   497 C CB  . PHE A 1 65  ? 6.920   4.751   -3.009  1.00 18.06 ? 76  PHE A CB  1 
ATOM   498 C CG  . PHE A 1 65  ? 6.133   6.019   -2.922  1.00 17.42 ? 76  PHE A CG  1 
ATOM   499 C CD1 . PHE A 1 65  ? 5.106   6.314   -3.837  1.00 16.72 ? 76  PHE A CD1 1 
ATOM   500 C CD2 . PHE A 1 65  ? 6.500   6.979   -1.993  1.00 19.70 ? 76  PHE A CD2 1 
ATOM   501 C CE1 . PHE A 1 65  ? 4.440   7.509   -3.772  1.00 18.81 ? 76  PHE A CE1 1 
ATOM   502 C CE2 . PHE A 1 65  ? 5.805   8.163   -1.922  1.00 21.84 ? 76  PHE A CE2 1 
ATOM   503 C CZ  . PHE A 1 65  ? 4.780   8.414   -2.798  1.00 18.00 ? 76  PHE A CZ  1 
ATOM   504 N N   . GLU A 1 66  ? 7.425   1.652   -2.670  1.00 17.47 ? 77  GLU A N   1 
ATOM   505 C CA  . GLU A 1 66  ? 8.248   0.457   -2.862  1.00 18.00 ? 77  GLU A CA  1 
ATOM   506 C C   . GLU A 1 66  ? 7.499   -0.667  -3.636  1.00 18.13 ? 77  GLU A C   1 
ATOM   507 O O   . GLU A 1 66  ? 8.110   -1.384  -4.429  1.00 17.47 ? 77  GLU A O   1 
ATOM   508 C CB  . GLU A 1 66  ? 8.765   -0.054  -1.516  1.00 18.19 ? 77  GLU A CB  1 
ATOM   509 C CG  . GLU A 1 66  ? 9.900   0.765   -0.953  1.00 19.32 ? 77  GLU A CG  1 
ATOM   510 C CD  . GLU A 1 66  ? 10.554  0.141   0.287   1.00 19.32 ? 77  GLU A CD  1 
ATOM   511 O OE1 . GLU A 1 66  ? 10.497  -1.101  0.431   1.00 19.70 ? 77  GLU A OE1 1 
ATOM   512 O OE2 . GLU A 1 66  ? 11.115  0.902   1.116   1.00 19.91 ? 77  GLU A OE2 1 
ATOM   513 N N   . MET A 1 67  ? 6.182   -0.771  -3.446  1.00 17.64 ? 78  MET A N   1 
ATOM   514 C CA  . MET A 1 67  ? 5.335   -1.702  -4.215  1.00 17.74 ? 78  MET A CA  1 
ATOM   515 C C   . MET A 1 67  ? 5.354   -1.386  -5.701  1.00 17.70 ? 78  MET A C   1 
ATOM   516 O O   . MET A 1 67  ? 5.191   -2.270  -6.551  1.00 17.77 ? 78  MET A O   1 
ATOM   517 C CB  . MET A 1 67  ? 3.888   -1.634  -3.734  1.00 17.90 ? 78  MET A CB  1 
ATOM   518 C CG  . MET A 1 67  ? 3.595   -2.345  -2.420  1.00 16.44 ? 78  MET A CG  1 
ATOM   519 S SD  . MET A 1 67  ? 1.894   -2.013  -1.971  1.00 20.36 ? 78  MET A SD  1 
ATOM   520 C CE  . MET A 1 67  ? 1.804   -2.853  -0.387  1.00 20.72 ? 78  MET A CE  1 
ATOM   521 N N   . GLY A 1 68  ? 5.552   -0.126  -6.017  1.00 18.53 ? 79  GLY A N   1 
ATOM   522 C CA  . GLY A 1 68  ? 5.621   0.330   -7.416  1.00 19.69 ? 79  GLY A CA  1 
ATOM   523 C C   . GLY A 1 68  ? 4.646   1.441   -7.771  1.00 18.94 ? 79  GLY A C   1 
ATOM   524 O O   . GLY A 1 68  ? 4.583   1.834   -8.938  1.00 19.18 ? 79  GLY A O   1 
ATOM   525 N N   . PHE A 1 69  ? 3.866   1.943   -6.810  1.00 18.92 ? 80  PHE A N   1 
ATOM   526 C CA  . PHE A 1 69  ? 2.957   3.060   -7.104  1.00 18.58 ? 80  PHE A CA  1 
ATOM   527 C C   . PHE A 1 69  ? 3.772   4.328   -7.366  1.00 18.49 ? 80  PHE A C   1 
ATOM   528 O O   . PHE A 1 69  ? 4.805   4.527   -6.731  1.00 18.02 ? 80  PHE A O   1 
ATOM   529 C CB  . PHE A 1 69  ? 2.010   3.362   -5.967  1.00 18.19 ? 80  PHE A CB  1 
ATOM   530 C CG  . PHE A 1 69  ? 0.869   2.394   -5.830  1.00 18.21 ? 80  PHE A CG  1 
ATOM   531 C CD1 . PHE A 1 69  ? -0.390  2.710   -6.298  1.00 21.72 ? 80  PHE A CD1 1 
ATOM   532 C CD2 . PHE A 1 69  ? 1.046   1.166   -5.212  1.00 20.96 ? 80  PHE A CD2 1 
ATOM   533 C CE1 . PHE A 1 69  ? -1.461  1.800   -6.127  1.00 19.45 ? 80  PHE A CE1 1 
ATOM   534 C CE2 . PHE A 1 69  ? -0.047  0.245   -5.050  1.00 17.76 ? 80  PHE A CE2 1 
ATOM   535 C CZ  . PHE A 1 69  ? -1.252  0.560   -5.524  1.00 18.60 ? 80  PHE A CZ  1 
ATOM   536 N N   . GLU A 1 70  ? 3.276   5.170   -8.266  1.00 17.20 ? 81  GLU A N   1 
ATOM   537 C CA  . GLU A 1 70  ? 3.846   6.490   -8.531  1.00 19.61 ? 81  GLU A CA  1 
ATOM   538 C C   . GLU A 1 70  ? 2.848   7.570   -8.154  1.00 19.33 ? 81  GLU A C   1 
ATOM   539 O O   . GLU A 1 70  ? 1.627   7.416   -8.289  1.00 20.49 ? 81  GLU A O   1 
ATOM   540 C CB  . GLU A 1 70  ? 4.221   6.629   -9.995  1.00 19.48 ? 81  GLU A CB  1 
ATOM   541 C CG  . GLU A 1 70  ? 5.441   5.821   -10.355 1.00 22.76 ? 81  GLU A CG  1 
ATOM   542 C CD  . GLU A 1 70  ? 5.761   5.850   -11.830 1.00 24.74 ? 81  GLU A CD  1 
ATOM   543 O OE1 . GLU A 1 70  ? 4.852   6.090   -12.670 1.00 29.01 ? 81  GLU A OE1 1 
ATOM   544 O OE2 . GLU A 1 70  ? 6.938   5.615   -12.139 1.00 32.70 ? 81  GLU A OE2 1 
ATOM   545 N N   . GLU A 1 71  ? 3.349   8.684   -7.658  1.00 18.82 ? 82  GLU A N   1 
ATOM   546 C CA  . GLU A 1 71  ? 2.446   9.736   -7.233  1.00 19.03 ? 82  GLU A CA  1 
ATOM   547 C C   . GLU A 1 71  ? 2.130   10.696  -8.380  1.00 18.22 ? 82  GLU A C   1 
ATOM   548 O O   . GLU A 1 71  ? 3.036   11.328  -8.908  1.00 17.07 ? 82  GLU A O   1 
ATOM   549 C CB  . GLU A 1 71  ? 3.026   10.500  -6.048  1.00 18.80 ? 82  GLU A CB  1 
ATOM   550 C CG  . GLU A 1 71  ? 2.145   11.665  -5.642  1.00 19.71 ? 82  GLU A CG  1 
ATOM   551 C CD  . GLU A 1 71  ? 2.349   12.094  -4.197  1.00 21.85 ? 82  GLU A CD  1 
ATOM   552 O OE1 . GLU A 1 71  ? 3.057   11.379  -3.442  1.00 22.58 ? 82  GLU A OE1 1 
ATOM   553 O OE2 . GLU A 1 71  ? 1.791   13.155  -3.831  1.00 20.40 ? 82  GLU A OE2 1 
ATOM   554 N N   . GLY A 1 72  ? 0.850   10.790  -8.761  1.00 16.99 ? 83  GLY A N   1 
ATOM   555 C CA  . GLY A 1 72  ? 0.390   11.825  -9.671  1.00 18.00 ? 83  GLY A CA  1 
ATOM   556 C C   . GLY A 1 72  ? -0.204  12.967  -8.854  1.00 17.88 ? 83  GLY A C   1 
ATOM   557 O O   . GLY A 1 72  ? -0.061  13.000  -7.624  1.00 18.31 ? 83  GLY A O   1 
ATOM   558 N N   . GLU A 1 73  ? -0.871  13.896  -9.527  1.00 18.75 ? 84  GLU A N   1 
ATOM   559 C CA  . GLU A 1 73  ? -1.387  15.099  -8.845  1.00 17.83 ? 84  GLU A CA  1 
ATOM   560 C C   . GLU A 1 73  ? -2.521  14.794  -7.915  1.00 17.83 ? 84  GLU A C   1 
ATOM   561 O O   . GLU A 1 73  ? -2.585  15.362  -6.832  1.00 17.18 ? 84  GLU A O   1 
ATOM   562 C CB  . GLU A 1 73  ? -1.867  16.137  -9.850  1.00 18.48 ? 84  GLU A CB  1 
ATOM   563 C CG  . GLU A 1 73  ? -0.788  16.644  -10.775 1.00 18.54 ? 84  GLU A CG  1 
ATOM   564 C CD  . GLU A 1 73  ? 0.266   17.501  -10.079 1.00 21.83 ? 84  GLU A CD  1 
ATOM   565 O OE1 . GLU A 1 73  ? 0.131   17.847  -8.865  1.00 18.46 ? 84  GLU A OE1 1 
ATOM   566 O OE2 . GLU A 1 73  ? 1.255   17.824  -10.778 1.00 19.87 ? 84  GLU A OE2 1 
ATOM   567 N N   . THR A 1 74  ? -3.431  13.929  -8.355  1.00 17.68 ? 85  THR A N   1 
ATOM   568 C CA  . THR A 1 74  ? -4.646  13.592  -7.583  1.00 17.63 ? 85  THR A CA  1 
ATOM   569 C C   . THR A 1 74  ? -4.697  12.127  -7.150  1.00 16.74 ? 85  THR A C   1 
ATOM   570 O O   . THR A 1 74  ? -5.488  11.771  -6.289  1.00 16.28 ? 85  THR A O   1 
ATOM   571 C CB  . THR A 1 74  ? -5.963  13.932  -8.364  1.00 18.35 ? 85  THR A CB  1 
ATOM   572 O OG1 . THR A 1 74  ? -5.969  13.247  -9.628  1.00 17.77 ? 85  THR A OG1 1 
ATOM   573 C CG2 . THR A 1 74  ? -6.062  15.441  -8.595  1.00 18.00 ? 85  THR A CG2 1 
ATOM   574 N N   . HIS A 1 75  ? -3.880  11.289  -7.766  1.00 17.15 ? 86  HIS A N   1 
ATOM   575 C CA  . HIS A 1 75  ? -3.865  9.859   -7.465  1.00 18.09 ? 86  HIS A CA  1 
ATOM   576 C C   . HIS A 1 75  ? -2.495  9.276   -7.383  1.00 18.54 ? 86  HIS A C   1 
ATOM   577 O O   . HIS A 1 75  ? -1.571  9.732   -8.063  1.00 18.52 ? 86  HIS A O   1 
ATOM   578 C CB  . HIS A 1 75  ? -4.602  9.044   -8.514  1.00 18.24 ? 86  HIS A CB  1 
ATOM   579 C CG  . HIS A 1 75  ? -6.014  9.458   -8.733  1.00 18.35 ? 86  HIS A CG  1 
ATOM   580 N ND1 . HIS A 1 75  ? -7.086  8.676   -8.375  1.00 20.33 ? 86  HIS A ND1 1 
ATOM   581 C CD2 . HIS A 1 75  ? -6.528  10.581  -9.269  1.00 17.71 ? 86  HIS A CD2 1 
ATOM   582 C CE1 . HIS A 1 75  ? -8.205  9.288   -8.714  1.00 15.59 ? 86  HIS A CE1 1 
ATOM   583 N NE2 . HIS A 1 75  ? -7.897  10.449  -9.253  1.00 20.95 ? 86  HIS A NE2 1 
ATOM   584 N N   . LEU A 1 76  ? -2.371  8.236   -6.577  1.00 19.61 ? 87  LEU A N   1 
ATOM   585 C CA  . LEU A 1 76  ? -1.266  7.287   -6.742  1.00 20.38 ? 87  LEU A CA  1 
ATOM   586 C C   . LEU A 1 76  ? -1.711  6.247   -7.752  1.00 20.68 ? 87  LEU A C   1 
ATOM   587 O O   . LEU A 1 76  ? -2.834  5.716   -7.682  1.00 21.09 ? 87  LEU A O   1 
ATOM   588 C CB  . LEU A 1 76  ? -0.877  6.614   -5.432  1.00 21.26 ? 87  LEU A CB  1 
ATOM   589 C CG  . LEU A 1 76  ? 0.256   7.255   -4.656  1.00 21.86 ? 87  LEU A CG  1 
ATOM   590 C CD1 . LEU A 1 76  ? -0.160  8.611   -4.183  1.00 20.28 ? 87  LEU A CD1 1 
ATOM   591 C CD2 . LEU A 1 76  ? 0.680   6.368   -3.455  1.00 21.44 ? 87  LEU A CD2 1 
ATOM   592 N N   . ILE A 1 77  ? -0.813  5.951   -8.683  1.00 21.33 ? 88  ILE A N   1 
ATOM   593 C CA  . ILE A 1 77  ? -1.096  5.064   -9.786  1.00 21.40 ? 88  ILE A CA  1 
ATOM   594 C C   . ILE A 1 77  ? -0.066  3.929   -9.775  1.00 21.58 ? 88  ILE A C   1 
ATOM   595 O O   . ILE A 1 77  ? 1.139   4.186   -9.628  1.00 21.38 ? 88  ILE A O   1 
ATOM   596 C CB  . ILE A 1 77  ? -0.969  5.826   -11.148 1.00 21.75 ? 88  ILE A CB  1 
ATOM   597 C CG1 . ILE A 1 77  ? -1.862  7.082   -11.169 1.00 24.59 ? 88  ILE A CG1 1 
ATOM   598 C CG2 . ILE A 1 77  ? -1.273  4.916   -12.353 1.00 22.16 ? 88  ILE A CG2 1 
ATOM   599 C CD1 . ILE A 1 77  ? -3.305  6.791   -11.361 1.00 27.14 ? 88  ILE A CD1 1 
ATOM   600 N N   . PHE A 1 78  ? -0.551  2.697   -9.920  1.00 21.33 ? 89  PHE A N   1 
ATOM   601 C CA  . PHE A 1 78  ? 0.315   1.552   -10.185 1.00 21.60 ? 89  PHE A CA  1 
ATOM   602 C C   . PHE A 1 78  ? 0.526   1.451   -11.712 1.00 21.89 ? 89  PHE A C   1 
ATOM   603 O O   . PHE A 1 78  ? -0.335  0.986   -12.409 1.00 22.72 ? 89  PHE A O   1 
ATOM   604 C CB  . PHE A 1 78  ? -0.307  0.288   -9.574  1.00 21.60 ? 89  PHE A CB  1 
ATOM   605 C CG  . PHE A 1 78  ? 0.634   -0.894  -9.535  1.00 21.02 ? 89  PHE A CG  1 
ATOM   606 C CD1 . PHE A 1 78  ? 1.607   -0.979  -8.563  1.00 20.38 ? 89  PHE A CD1 1 
ATOM   607 C CD2 . PHE A 1 78  ? 0.576   -1.878  -10.495 1.00 22.86 ? 89  PHE A CD2 1 
ATOM   608 C CE1 . PHE A 1 78  ? 2.508   -2.047  -8.546  1.00 21.12 ? 89  PHE A CE1 1 
ATOM   609 C CE2 . PHE A 1 78  ? 1.489   -2.958  -10.489 1.00 23.31 ? 89  PHE A CE2 1 
ATOM   610 C CZ  . PHE A 1 78  ? 2.454   -3.031  -9.501  1.00 20.95 ? 89  PHE A CZ  1 
ATOM   611 N N   . PRO A 1 79  ? 1.666   1.909   -12.241 1.00 22.61 ? 90  PRO A N   1 
ATOM   612 C CA  . PRO A 1 79  ? 1.804   2.053   -13.694 1.00 24.06 ? 90  PRO A CA  1 
ATOM   613 C C   . PRO A 1 79  ? 2.017   0.734   -14.449 1.00 24.84 ? 90  PRO A C   1 
ATOM   614 O O   . PRO A 1 79  ? 2.382   -0.274  -13.843 1.00 23.66 ? 90  PRO A O   1 
ATOM   615 C CB  . PRO A 1 79  ? 3.060   2.909   -13.814 1.00 24.06 ? 90  PRO A CB  1 
ATOM   616 C CG  . PRO A 1 79  ? 3.897   2.456   -12.651 1.00 22.62 ? 90  PRO A CG  1 
ATOM   617 C CD  . PRO A 1 79  ? 2.914   2.288   -11.551 1.00 23.10 ? 90  PRO A CD  1 
ATOM   618 N N   . LYS A 1 80  ? 1.822   0.759   -15.778 1.00 26.27 ? 91  LYS A N   1 
ATOM   619 C CA  . LYS A 1 80  ? 2.001   -0.428  -16.631 1.00 27.22 ? 91  LYS A CA  1 
ATOM   620 C C   . LYS A 1 80  ? 3.379   -1.049  -16.464 1.00 27.24 ? 91  LYS A C   1 
ATOM   621 O O   . LYS A 1 80  ? 3.531   -2.256  -16.485 1.00 27.38 ? 91  LYS A O   1 
ATOM   622 C CB  . LYS A 1 80  ? 1.820   -0.071  -18.130 1.00 27.98 ? 91  LYS A CB  1 
ATOM   623 C CG  . LYS A 1 80  ? 0.376   0.189   -18.540 1.00 29.38 ? 91  LYS A CG  1 
ATOM   624 C CD  . LYS A 1 80  ? 0.164   0.000   -20.064 1.00 29.89 ? 91  LYS A CD  1 
ATOM   625 C CE  . LYS A 1 80  ? -0.157  -1.454  -20.440 1.00 32.35 ? 91  LYS A CE  1 
ATOM   626 N NZ  . LYS A 1 80  ? 1.039   -2.231  -20.901 1.00 36.31 ? 91  LYS A NZ  1 
ATOM   627 N N   . LYS A 1 81  ? 4.378   -0.199  -16.302 1.00 27.41 ? 92  LYS A N   1 
ATOM   628 C CA  . LYS A 1 81  ? 5.750   -0.629  -16.198 1.00 28.20 ? 92  LYS A CA  1 
ATOM   629 C C   . LYS A 1 81  ? 6.096   -1.406  -14.914 1.00 27.98 ? 92  LYS A C   1 
ATOM   630 O O   . LYS A 1 81  ? 7.121   -2.087  -14.863 1.00 28.68 ? 92  LYS A O   1 
ATOM   631 C CB  . LYS A 1 81  ? 6.661   0.601   -16.346 1.00 29.01 ? 92  LYS A CB  1 
ATOM   632 C CG  . LYS A 1 81  ? 6.551   1.616   -15.201 1.00 30.27 ? 92  LYS A CG  1 
ATOM   633 C CD  . LYS A 1 81  ? 7.364   2.872   -15.499 1.00 30.63 ? 92  LYS A CD  1 
ATOM   634 C CE  . LYS A 1 81  ? 7.548   3.690   -14.243 1.00 32.89 ? 92  LYS A CE  1 
ATOM   635 N NZ  . LYS A 1 81  ? 7.895   5.132   -14.499 1.00 34.96 ? 92  LYS A NZ  1 
ATOM   636 N N   . ALA A 1 82  ? 5.253   -1.300  -13.889 1.00 27.28 ? 93  ALA A N   1 
ATOM   637 C CA  . ALA A 1 82  ? 5.568   -1.814  -12.560 1.00 27.32 ? 93  ALA A CA  1 
ATOM   638 C C   . ALA A 1 82  ? 5.432   -3.334  -12.523 1.00 27.89 ? 93  ALA A C   1 
ATOM   639 O O   . ALA A 1 82  ? 4.451   -3.874  -13.045 1.00 28.33 ? 93  ALA A O   1 
ATOM   640 C CB  . ALA A 1 82  ? 4.637   -1.200  -11.543 1.00 26.45 ? 93  ALA A CB  1 
ATOM   641 N N   . SER A 1 83  ? 6.384   -4.020  -11.894 1.00 27.87 ? 94  SER A N   1 
ATOM   642 C CA  . SER A 1 83  ? 6.313   -5.485  -11.841 1.00 28.30 ? 94  SER A CA  1 
ATOM   643 C C   . SER A 1 83  ? 5.442   -5.991  -10.710 1.00 28.23 ? 94  SER A C   1 
ATOM   644 O O   . SER A 1 83  ? 5.444   -5.414  -9.620  1.00 26.76 ? 94  SER A O   1 
ATOM   645 C CB  . SER A 1 83  ? 7.693   -6.108  -11.719 1.00 28.56 ? 94  SER A CB  1 
ATOM   646 O OG  . SER A 1 83  ? 8.275   -5.890  -10.452 1.00 30.70 ? 94  SER A OG  1 
ATOM   647 N N   . VAL A 1 84  ? 4.734   -7.103  -10.956 1.00 28.28 ? 95  VAL A N   1 
ATOM   648 C CA  . VAL A 1 84  ? 3.977   -7.769  -9.887  1.00 28.76 ? 95  VAL A CA  1 
ATOM   649 C C   . VAL A 1 84  ? 4.969   -8.292  -8.846  1.00 28.24 ? 95  VAL A C   1 
ATOM   650 O O   . VAL A 1 84  ? 4.679   -8.323  -7.661  1.00 28.58 ? 95  VAL A O   1 
ATOM   651 C CB  . VAL A 1 84  ? 3.091   -8.951  -10.403 1.00 29.69 ? 95  VAL A CB  1 
ATOM   652 C CG1 . VAL A 1 84  ? 2.143   -8.482  -11.463 1.00 32.05 ? 95  VAL A CG1 1 
ATOM   653 C CG2 . VAL A 1 84  ? 3.944   -10.063 -10.972 1.00 29.83 ? 95  VAL A CG2 1 
ATOM   654 N N   . GLU A 1 85  ? 6.151   -8.672  -9.294  1.00 27.03 ? 96  GLU A N   1 
ATOM   655 C CA  . GLU A 1 85  ? 7.160   -9.215  -8.405  1.00 26.49 ? 96  GLU A CA  1 
ATOM   656 C C   . GLU A 1 85  ? 7.537   -8.275  -7.255  1.00 24.91 ? 96  GLU A C   1 
ATOM   657 O O   . GLU A 1 85  ? 7.658   -8.702  -6.088  1.00 23.58 ? 96  GLU A O   1 
ATOM   658 C CB  . GLU A 1 85  ? 8.402   -9.561  -9.211  1.00 26.69 ? 96  GLU A CB  1 
ATOM   659 C CG  . GLU A 1 85  ? 9.585   -9.990  -8.376  1.00 28.67 ? 96  GLU A CG  1 
ATOM   660 C CD  . GLU A 1 85  ? 10.903  -9.776  -9.079  1.00 29.80 ? 96  GLU A CD  1 
ATOM   661 O OE1 . GLU A 1 85  ? 11.805  -10.607 -8.901  1.00 34.57 ? 96  GLU A OE1 1 
ATOM   662 O OE2 . GLU A 1 85  ? 11.030  -8.762  -9.803  1.00 37.29 ? 96  GLU A OE2 1 
ATOM   663 N N   . GLN A 1 86  ? 7.775   -7.011  -7.584  1.00 22.82 ? 97  GLN A N   1 
ATOM   664 C CA  . GLN A 1 86  ? 8.116   -6.042  -6.547  1.00 22.36 ? 97  GLN A CA  1 
ATOM   665 C C   . GLN A 1 86  ? 6.888   -5.794  -5.675  1.00 20.73 ? 97  GLN A C   1 
ATOM   666 O O   . GLN A 1 86  ? 7.011   -5.600  -4.473  1.00 20.42 ? 97  GLN A O   1 
ATOM   667 C CB  . GLN A 1 86  ? 8.654   -4.750  -7.133  1.00 22.18 ? 97  GLN A CB  1 
ATOM   668 C CG  . GLN A 1 86  ? 8.961   -3.686  -6.113  1.00 23.49 ? 97  GLN A CG  1 
ATOM   669 C CD  . GLN A 1 86  ? 10.157  -3.986  -5.176  1.00 25.52 ? 97  GLN A CD  1 
ATOM   670 O OE1 . GLN A 1 86  ? 10.941  -4.920  -5.406  1.00 24.50 ? 97  GLN A OE1 1 
ATOM   671 N NE2 . GLN A 1 86  ? 10.314  -3.143  -4.122  1.00 26.13 ? 97  GLN A NE2 1 
ATOM   672 N N   . LEU A 1 87  ? 5.711   -5.774  -6.290  1.00 19.60 ? 98  LEU A N   1 
ATOM   673 C CA  . LEU A 1 87  ? 4.440   -5.627  -5.547  1.00 19.29 ? 98  LEU A CA  1 
ATOM   674 C C   . LEU A 1 87  ? 4.264   -6.776  -4.545  1.00 18.73 ? 98  LEU A C   1 
ATOM   675 O O   . LEU A 1 87  ? 4.024   -6.576  -3.348  1.00 18.61 ? 98  LEU A O   1 
ATOM   676 C CB  . LEU A 1 87  ? 3.244   -5.597  -6.521  1.00 18.91 ? 98  LEU A CB  1 
ATOM   677 C CG  . LEU A 1 87  ? 1.848   -5.532  -5.875  1.00 18.23 ? 98  LEU A CG  1 
ATOM   678 C CD1 . LEU A 1 87  ? 1.759   -4.301  -5.049  1.00 20.01 ? 98  LEU A CD1 1 
ATOM   679 C CD2 . LEU A 1 87  ? 0.733   -5.535  -6.923  1.00 17.66 ? 98  LEU A CD2 1 
ATOM   680 N N   . GLN A 1 88  ? 4.389   -8.000  -5.055  1.00 19.23 ? 99  GLN A N   1 
ATOM   681 C CA  . GLN A 1 88  ? 4.340   -9.190  -4.220  1.00 19.31 ? 99  GLN A CA  1 
ATOM   682 C C   . GLN A 1 88  ? 5.361   -9.159  -3.084  1.00 19.24 ? 99  GLN A C   1 
ATOM   683 O O   . GLN A 1 88  ? 5.062   -9.537  -1.946  1.00 18.44 ? 99  GLN A O   1 
ATOM   684 C CB  . GLN A 1 88  ? 4.608   -10.408 -5.091  1.00 20.34 ? 99  GLN A CB  1 
ATOM   685 C CG  . GLN A 1 88  ? 4.406   -11.720 -4.363  1.00 19.70 ? 99  GLN A CG  1 
ATOM   686 C CD  . GLN A 1 88  ? 2.974   -12.054 -4.153  1.00 21.36 ? 99  GLN A CD  1 
ATOM   687 O OE1 . GLN A 1 88  ? 2.511   -12.235 -2.999  1.00 24.08 ? 99  GLN A OE1 1 
ATOM   688 N NE2 . GLN A 1 88  ? 2.247   -12.161 -5.238  1.00 15.81 ? 99  GLN A NE2 1 
ATOM   689 N N   . LYS A 1 89  ? 6.593   -8.760  -3.398  1.00 20.13 ? 100 LYS A N   1 
ATOM   690 C CA  . LYS A 1 89  ? 7.654   -8.712  -2.373  1.00 19.91 ? 100 LYS A CA  1 
ATOM   691 C C   . LYS A 1 89  ? 7.204   -7.914  -1.140  1.00 18.90 ? 100 LYS A C   1 
ATOM   692 O O   . LYS A 1 89  ? 7.339   -8.386  -0.007  1.00 18.69 ? 100 LYS A O   1 
ATOM   693 C CB  . LYS A 1 89  ? 8.962   -8.138  -2.952  1.00 20.09 ? 100 LYS A CB  1 
ATOM   694 C CG  . LYS A 1 89  ? 9.991   -7.827  -1.856  1.00 21.85 ? 100 LYS A CG  1 
ATOM   695 C CD  . LYS A 1 89  ? 11.102  -6.885  -2.283  1.00 23.47 ? 100 LYS A CD  1 
ATOM   696 C CE  . LYS A 1 89  ? 11.831  -6.317  -1.021  1.00 26.20 ? 100 LYS A CE  1 
ATOM   697 N NZ  . LYS A 1 89  ? 12.995  -5.416  -1.360  1.00 27.57 ? 100 LYS A NZ  1 
ATOM   698 N N   . ILE A 1 90  ? 6.625   -6.723  -1.345  1.00 18.90 ? 101 ILE A N   1 
ATOM   699 C CA  . ILE A 1 90  ? 6.246   -5.861  -0.241  1.00 18.76 ? 101 ILE A CA  1 
ATOM   700 C C   . ILE A 1 90  ? 5.009   -6.399  0.490   1.00 18.43 ? 101 ILE A C   1 
ATOM   701 O O   . ILE A 1 90  ? 4.915   -6.380  1.733   1.00 16.95 ? 101 ILE A O   1 
ATOM   702 C CB  . ILE A 1 90  ? 6.054   -4.370  -0.693  1.00 19.16 ? 101 ILE A CB  1 
ATOM   703 C CG1 . ILE A 1 90  ? 7.295   -3.843  -1.437  1.00 18.60 ? 101 ILE A CG1 1 
ATOM   704 C CG2 . ILE A 1 90  ? 5.678   -3.471  0.468   1.00 19.05 ? 101 ILE A CG2 1 
ATOM   705 C CD1 . ILE A 1 90  ? 8.726   -4.056  -0.728  1.00 20.65 ? 101 ILE A CD1 1 
ATOM   706 N N   . ARG A 1 91  ? 4.063   -6.915  -0.280  1.00 18.96 ? 102 ARG A N   1 
ATOM   707 C CA  . ARG A 1 91  ? 2.905   -7.570  0.292   1.00 18.46 ? 102 ARG A CA  1 
ATOM   708 C C   . ARG A 1 91  ? 3.370   -8.664  1.270   1.00 18.32 ? 102 ARG A C   1 
ATOM   709 O O   . ARG A 1 91  ? 2.922   -8.720  2.409   1.00 17.51 ? 102 ARG A O   1 
ATOM   710 C CB  . ARG A 1 91  ? 2.068   -8.158  -0.863  1.00 18.50 ? 102 ARG A CB  1 
ATOM   711 C CG  . ARG A 1 91  ? 0.707   -8.688  -0.456  1.00 19.36 ? 102 ARG A CG  1 
ATOM   712 C CD  . ARG A 1 91  ? 0.682   -10.094 0.161   1.00 19.23 ? 102 ARG A CD  1 
ATOM   713 N NE  . ARG A 1 91  ? -0.704  -10.343 0.521   1.00 19.36 ? 102 ARG A NE  1 
ATOM   714 C CZ  . ARG A 1 91  ? -1.152  -11.095 1.512   1.00 19.75 ? 102 ARG A CZ  1 
ATOM   715 N NH1 . ARG A 1 91  ? -0.328  -11.797 2.289   1.00 20.12 ? 102 ARG A NH1 1 
ATOM   716 N NH2 . ARG A 1 91  ? -2.466  -11.150 1.721   1.00 21.26 ? 102 ARG A NH2 1 
ATOM   717 N N   . ASP A 1 92  ? 4.292   -9.522  0.831   1.00 17.47 ? 103 ASP A N   1 
ATOM   718 C CA  . ASP A 1 92  ? 4.774   -10.638 1.656   1.00 17.74 ? 103 ASP A CA  1 
ATOM   719 C C   . ASP A 1 92  ? 5.462   -10.131 2.932   1.00 17.49 ? 103 ASP A C   1 
ATOM   720 O O   . ASP A 1 92  ? 5.282   -10.688 4.017   1.00 16.84 ? 103 ASP A O   1 
ATOM   721 C CB  . ASP A 1 92  ? 5.755   -11.542 0.865   1.00 18.40 ? 103 ASP A CB  1 
ATOM   722 C CG  . ASP A 1 92  ? 5.101   -12.274 -0.332  1.00 19.62 ? 103 ASP A CG  1 
ATOM   723 O OD1 . ASP A 1 92  ? 3.854   -12.311 -0.457  1.00 18.67 ? 103 ASP A OD1 1 
ATOM   724 O OD2 . ASP A 1 92  ? 5.868   -12.834 -1.144  1.00 21.58 ? 103 ASP A OD2 1 
ATOM   725 N N   . LEU A 1 93  ? 6.232   -9.052  2.816   1.00 16.12 ? 104 LEU A N   1 
ATOM   726 C CA  . LEU A 1 93  ? 6.938   -8.518  3.965   1.00 16.36 ? 104 LEU A CA  1 
ATOM   727 C C   . LEU A 1 93  ? 5.975   -7.979  5.009   1.00 16.29 ? 104 LEU A C   1 
ATOM   728 O O   . LEU A 1 93  ? 6.157   -8.205  6.212   1.00 16.39 ? 104 LEU A O   1 
ATOM   729 C CB  . LEU A 1 93  ? 7.911   -7.419  3.538   1.00 16.53 ? 104 LEU A CB  1 
ATOM   730 C CG  . LEU A 1 93  ? 9.105   -7.920  2.748   1.00 17.36 ? 104 LEU A CG  1 
ATOM   731 C CD1 . LEU A 1 93  ? 9.971   -6.736  2.338   1.00 19.23 ? 104 LEU A CD1 1 
ATOM   732 C CD2 . LEU A 1 93  ? 9.913   -8.950  3.557   1.00 20.19 ? 104 LEU A CD2 1 
ATOM   733 N N   . ILE A 1 94  ? 4.939   -7.277  4.550   1.00 16.39 ? 105 ILE A N   1 
ATOM   734 C CA  . ILE A 1 94  ? 3.975   -6.689  5.468   1.00 16.70 ? 105 ILE A CA  1 
ATOM   735 C C   . ILE A 1 94  ? 3.172   -7.803  6.154   1.00 17.08 ? 105 ILE A C   1 
ATOM   736 O O   . ILE A 1 94  ? 2.877   -7.720  7.362   1.00 17.00 ? 105 ILE A O   1 
ATOM   737 C CB  . ILE A 1 94  ? 3.016   -5.681  4.730   1.00 17.00 ? 105 ILE A CB  1 
ATOM   738 C CG1 . ILE A 1 94  ? 3.808   -4.442  4.240   1.00 17.14 ? 105 ILE A CG1 1 
ATOM   739 C CG2 . ILE A 1 94  ? 1.900   -5.273  5.671   1.00 18.05 ? 105 ILE A CG2 1 
ATOM   740 C CD1 . ILE A 1 94  ? 3.117   -3.562  3.261   1.00 18.62 ? 105 ILE A CD1 1 
ATOM   741 N N   . ALA A 1 95  ? 2.772   -8.816  5.380   1.00 17.18 ? 106 ALA A N   1 
ATOM   742 C CA  . ALA A 1 95  ? 1.956   -9.947  5.924   1.00 18.19 ? 106 ALA A CA  1 
ATOM   743 C C   . ALA A 1 95  ? 2.656   -10.713 7.056   1.00 17.10 ? 106 ALA A C   1 
ATOM   744 O O   . ALA A 1 95  ? 2.045   -11.050 8.066   1.00 17.10 ? 106 ALA A O   1 
ATOM   745 C CB  . ALA A 1 95  ? 1.553   -10.888 4.811   1.00 18.20 ? 106 ALA A CB  1 
ATOM   746 N N   . ILE A 1 96  ? 3.944   -10.955 6.892   1.00 18.54 ? 107 ILE A N   1 
ATOM   747 C CA  . ILE A 1 96  ? 4.791   -11.520 7.955   1.00 19.25 ? 107 ILE A CA  1 
ATOM   748 C C   . ILE A 1 96  ? 4.711   -10.699 9.211   1.00 19.22 ? 107 ILE A C   1 
ATOM   749 O O   . ILE A 1 96  ? 4.603   -11.254 10.303  1.00 18.27 ? 107 ILE A O   1 
ATOM   750 C CB  . ILE A 1 96  ? 6.274   -11.703 7.479   1.00 18.47 ? 107 ILE A CB  1 
ATOM   751 C CG1 . ILE A 1 96  ? 6.342   -12.861 6.483   1.00 20.64 ? 107 ILE A CG1 1 
ATOM   752 C CG2 . ILE A 1 96  ? 7.219   -12.051 8.650   1.00 20.24 ? 107 ILE A CG2 1 
ATOM   753 C CD1 . ILE A 1 96  ? 7.649   -12.884 5.677   1.00 21.33 ? 107 ILE A CD1 1 
ATOM   754 N N   . GLU A 1 97  ? 4.755   -9.380  9.072   1.00 19.14 ? 108 GLU A N   1 
ATOM   755 C CA  . GLU A 1 97  ? 4.734   -8.532  10.264  1.00 20.07 ? 108 GLU A CA  1 
ATOM   756 C C   . GLU A 1 97  ? 3.363   -8.477  10.902  1.00 21.26 ? 108 GLU A C   1 
ATOM   757 O O   . GLU A 1 97  ? 3.261   -8.258  12.109  1.00 20.95 ? 108 GLU A O   1 
ATOM   758 C CB  . GLU A 1 97  ? 5.229   -7.138  9.939   1.00 20.53 ? 108 GLU A CB  1 
ATOM   759 C CG  . GLU A 1 97  ? 6.661   -7.152  9.365   1.00 19.50 ? 108 GLU A CG  1 
ATOM   760 C CD  . GLU A 1 97  ? 7.648   -7.841  10.260  1.00 21.99 ? 108 GLU A CD  1 
ATOM   761 O OE1 . GLU A 1 97  ? 7.558   -7.686  11.495  1.00 20.82 ? 108 GLU A OE1 1 
ATOM   762 O OE2 . GLU A 1 97  ? 8.519   -8.535  9.726   1.00 19.62 ? 108 GLU A OE2 1 
ATOM   763 N N   . ARG A 1 98  ? 2.312   -8.701  10.109  1.00 22.21 ? 109 ARG A N   1 
ATOM   764 C CA  . ARG A 1 98  ? 0.953   -8.780  10.660  1.00 23.76 ? 109 ARG A CA  1 
ATOM   765 C C   . ARG A 1 98  ? 0.670   -10.075 11.353  1.00 26.85 ? 109 ARG A C   1 
ATOM   766 O O   . ARG A 1 98  ? -0.192  -10.134 12.217  1.00 27.40 ? 109 ARG A O   1 
ATOM   767 C CB  . ARG A 1 98  ? -0.102  -8.589  9.562   1.00 23.97 ? 109 ARG A CB  1 
ATOM   768 C CG  . ARG A 1 98  ? -0.236  -7.121  9.129   1.00 23.37 ? 109 ARG A CG  1 
ATOM   769 C CD  . ARG A 1 98  ? -1.245  -6.977  8.002   1.00 23.80 ? 109 ARG A CD  1 
ATOM   770 N NE  . ARG A 1 98  ? -2.558  -7.470  8.401   1.00 22.04 ? 109 ARG A NE  1 
ATOM   771 C CZ  . ARG A 1 98  ? -3.426  -6.785  9.144   1.00 20.44 ? 109 ARG A CZ  1 
ATOM   772 N NH1 . ARG A 1 98  ? -3.168  -5.560  9.548   1.00 17.25 ? 109 ARG A NH1 1 
ATOM   773 N NH2 . ARG A 1 98  ? -4.570  -7.354  9.489   1.00 19.19 ? 109 ARG A NH2 1 
ATOM   774 N N   . SER A 1 99  ? 1.390   -11.116 10.984  1.00 29.98 ? 110 SER A N   1 
ATOM   775 C CA  . SER A 1 99  ? 1.228   -12.398 11.606  1.00 33.80 ? 110 SER A CA  1 
ATOM   776 C C   . SER A 1 99  ? 2.156   -12.503 12.820  1.00 35.44 ? 110 SER A C   1 
ATOM   777 O O   . SER A 1 99  ? 2.161   -13.515 13.499  1.00 37.37 ? 110 SER A O   1 
ATOM   778 C CB  . SER A 1 99  ? 1.557   -13.479 10.596  1.00 33.53 ? 110 SER A CB  1 
ATOM   779 O OG  . SER A 1 99  ? 2.934   -13.410 10.293  1.00 35.84 ? 110 SER A OG  1 
ATOM   780 N N   . SER A 1 100 ? 2.932   -11.446 13.063  1.00 37.53 ? 111 SER A N   1 
ATOM   781 C CA  . SER A 1 100 ? 4.060   -11.412 13.990  1.00 38.33 ? 111 SER A CA  1 
ATOM   782 C C   . SER A 1 100 ? 3.796   -10.406 15.101  1.00 39.69 ? 111 SER A C   1 
ATOM   783 O O   . SER A 1 100 ? 4.417   -10.493 16.171  1.00 40.71 ? 111 SER A O   1 
ATOM   784 C CB  . SER A 1 100 ? 5.329   -10.927 13.269  1.00 39.00 ? 111 SER A CB  1 
ATOM   785 O OG  . SER A 1 100 ? 5.974   -11.941 12.484  1.00 40.49 ? 111 SER A OG  1 
ATOM   786 O OXT . SER A 1 100 ? 2.993   -9.482  14.938  1.00 40.31 ? 111 SER A OXT 1 
ATOM   787 N N   . ASP B 2 1   ? -16.979 0.860   2.836   1.00 45.51 ? 802 ASP B N   1 
ATOM   788 C CA  . ASP B 2 1   ? -15.844 1.812   2.928   1.00 44.06 ? 802 ASP B CA  1 
ATOM   789 C C   . ASP B 2 1   ? -15.040 1.771   1.627   1.00 43.36 ? 802 ASP B C   1 
ATOM   790 O O   . ASP B 2 1   ? -14.260 0.831   1.406   1.00 44.71 ? 802 ASP B O   1 
ATOM   791 C CB  . ASP B 2 1   ? -14.962 1.445   4.125   1.00 45.52 ? 802 ASP B CB  1 
ATOM   792 C CG  . ASP B 2 1   ? -13.959 2.539   4.479   1.00 48.04 ? 802 ASP B CG  1 
ATOM   793 O OD1 . ASP B 2 1   ? -13.722 3.474   3.665   1.00 55.65 ? 802 ASP B OD1 1 
ATOM   794 O OD2 . ASP B 2 1   ? -13.405 2.460   5.595   1.00 54.24 ? 802 ASP B OD2 1 
ATOM   795 N N   . ASP B 2 2   ? -15.233 2.756   0.749   1.00 40.89 ? 803 ASP B N   1 
ATOM   796 C CA  . ASP B 2 2   ? -14.524 2.724   -0.521  1.00 38.58 ? 803 ASP B CA  1 
ATOM   797 C C   . ASP B 2 2   ? -13.096 3.266   -0.357  1.00 36.20 ? 803 ASP B C   1 
ATOM   798 O O   . ASP B 2 2   ? -12.882 4.340   0.234   1.00 34.88 ? 803 ASP B O   1 
ATOM   799 C CB  . ASP B 2 2   ? -15.253 3.451   -1.641  1.00 39.00 ? 803 ASP B CB  1 
ATOM   800 C CG  . ASP B 2 2   ? -14.504 3.333   -2.973  1.00 41.67 ? 803 ASP B CG  1 
ATOM   801 O OD1 . ASP B 2 2   ? -14.262 2.171   -3.416  1.00 44.54 ? 803 ASP B OD1 1 
ATOM   802 O OD2 . ASP B 2 2   ? -14.125 4.389   -3.542  1.00 44.60 ? 803 ASP B OD2 1 
ATOM   803 N N   . LEU B 2 3   ? -12.148 2.494   -0.885  1.00 32.47 ? 804 LEU B N   1 
ATOM   804 C CA  . LEU B 2 3   ? -10.712 2.775   -0.762  1.00 31.72 ? 804 LEU B CA  1 
ATOM   805 C C   . LEU B 2 3   ? -10.089 3.434   -2.002  1.00 30.12 ? 804 LEU B C   1 
ATOM   806 O O   . LEU B 2 3   ? -8.933  3.796   -1.979  1.00 28.94 ? 804 LEU B O   1 
ATOM   807 C CB  . LEU B 2 3   ? -9.976  1.460   -0.471  1.00 30.53 ? 804 LEU B CB  1 
ATOM   808 C CG  . LEU B 2 3   ? -10.522 0.668   0.730   1.00 30.66 ? 804 LEU B CG  1 
ATOM   809 C CD1 . LEU B 2 3   ? -9.636  -0.535  1.013   1.00 31.81 ? 804 LEU B CD1 1 
ATOM   810 C CD2 . LEU B 2 3   ? -10.639 1.548   1.956   1.00 30.59 ? 804 LEU B CD2 1 
ATOM   811 N N   . TYR B 2 4   ? -10.872 3.605   -3.063  1.00 29.37 ? 805 TYR B N   1 
ATOM   812 C CA  . TYR B 2 4   ? -10.329 3.947   -4.381  1.00 29.00 ? 805 TYR B CA  1 
ATOM   813 C C   . TYR B 2 4   ? -10.720 5.332   -4.898  1.00 29.85 ? 805 TYR B C   1 
ATOM   814 O O   . TYR B 2 4   ? -9.838  6.141   -5.301  1.00 30.08 ? 805 TYR B O   1 
ATOM   815 C CB  . TYR B 2 4   ? -10.708 2.853   -5.394  1.00 27.91 ? 805 TYR B CB  1 
ATOM   816 C CG  . TYR B 2 4   ? -9.880  1.625   -5.094  1.00 26.10 ? 805 TYR B CG  1 
ATOM   817 C CD1 . TYR B 2 4   ? -10.385 0.590   -4.327  1.00 25.09 ? 805 TYR B CD1 1 
ATOM   818 C CD2 . TYR B 2 4   ? -8.555  1.569   -5.465  1.00 24.65 ? 805 TYR B CD2 1 
ATOM   819 C CE1 . TYR B 2 4   ? -9.611  -0.501  -3.978  1.00 24.79 ? 805 TYR B CE1 1 
ATOM   820 C CE2 . TYR B 2 4   ? -7.761  0.485   -5.109  1.00 24.72 ? 805 TYR B CE2 1 
ATOM   821 C CZ  . TYR B 2 4   ? -8.297  -0.535  -4.340  1.00 22.85 ? 805 TYR B CZ  1 
ATOM   822 O OH  . TYR B 2 4   ? -7.534  -1.642  -4.045  1.00 25.16 ? 805 TYR B OH  1 
ATOM   823 N N   . GLY B 2 5   ? -12.018 5.589   -4.880  1.00 28.51 ? 806 GLY B N   1 
ATOM   824 C CA  . GLY B 2 5   ? -12.576 6.733   -5.558  1.00 29.14 ? 806 GLY B CA  1 
ATOM   825 C C   . GLY B 2 5   ? -12.551 7.968   -4.713  1.00 28.84 ? 806 GLY B C   1 
ATOM   826 O O   . GLY B 2 5   ? -12.134 7.969   -3.545  1.00 28.96 ? 806 GLY B O   1 
ATOM   827 O OXT . GLY B 2 5   ? -12.992 8.989   -5.218  1.00 29.15 ? 806 GLY B OXT 1 
HETATM 828 O O   . HOH C 3 .   ? -10.207 14.583  1.239   1.00 24.52 ? 112 HOH A O   1 
HETATM 829 O O   . HOH C 3 .   ? -10.393 -9.581  -5.345  1.00 23.64 ? 113 HOH A O   1 
HETATM 830 O O   . HOH C 3 .   ? 2.200   -12.953 1.637   1.00 18.56 ? 114 HOH A O   1 
HETATM 831 O O   . HOH C 3 .   ? 2.513   7.596   5.078   1.00 18.95 ? 115 HOH A O   1 
HETATM 832 O O   . HOH C 3 .   ? 12.242  -4.616  6.241   1.00 24.72 ? 116 HOH A O   1 
HETATM 833 O O   . HOH C 3 .   ? 2.431   7.238   12.264  1.00 22.81 ? 117 HOH A O   1 
HETATM 834 O O   . HOH C 3 .   ? -9.459  -12.402 -2.846  1.00 17.32 ? 118 HOH A O   1 
HETATM 835 O O   . HOH C 3 .   ? 0.453   14.670  -5.591  1.00 15.37 ? 119 HOH A O   1 
HETATM 836 O O   . HOH C 3 .   ? -7.016  13.511  -4.708  1.00 17.79 ? 120 HOH A O   1 
HETATM 837 O O   . HOH C 3 .   ? -7.474  -0.753  8.176   1.00 22.83 ? 121 HOH A O   1 
HETATM 838 O O   . HOH C 3 .   ? 2.135   5.012   15.548  1.00 20.58 ? 122 HOH A O   1 
HETATM 839 O O   . HOH C 3 .   ? -9.206  14.502  -6.206  1.00 25.80 ? 123 HOH A O   1 
HETATM 840 O O   . HOH C 3 .   ? 13.444  2.070   7.849   1.00 18.53 ? 124 HOH A O   1 
HETATM 841 O O   . HOH C 3 .   ? -8.001  -9.260  -13.559 1.00 34.14 ? 125 HOH A O   1 
HETATM 842 O O   . HOH C 3 .   ? -3.941  4.602   10.742  1.00 18.95 ? 126 HOH A O   1 
HETATM 843 O O   . HOH C 3 .   ? 7.381   3.325   -7.426  1.00 44.40 ? 127 HOH A O   1 
HETATM 844 O O   . HOH C 3 .   ? -13.056 12.549  0.415   1.00 41.53 ? 128 HOH A O   1 
HETATM 845 O O   . HOH C 3 .   ? -9.099  -13.264 -7.949  1.00 17.21 ? 129 HOH A O   1 
HETATM 846 O O   . HOH C 3 .   ? -6.021  -7.990  2.226   1.00 26.87 ? 130 HOH A O   1 
HETATM 847 O O   . HOH C 3 .   ? -0.768  -10.842 -10.301 1.00 14.48 ? 131 HOH A O   1 
HETATM 848 O O   . HOH C 3 .   ? 8.697   -8.738  7.188   1.00 19.57 ? 132 HOH A O   1 
HETATM 849 O O   . HOH C 3 .   ? 3.633   10.209  10.260  1.00 25.05 ? 133 HOH A O   1 
HETATM 850 O O   . HOH C 3 .   ? 11.361  3.603   0.990   1.00 16.87 ? 134 HOH A O   1 
HETATM 851 O O   . HOH C 3 .   ? -2.547  -12.035 -2.465  1.00 14.21 ? 135 HOH A O   1 
HETATM 852 O O   . HOH C 3 .   ? -7.306  3.134   -12.884 1.00 25.40 ? 136 HOH A O   1 
HETATM 853 O O   . HOH C 3 .   ? 9.922   7.743   -0.680  1.00 30.01 ? 137 HOH A O   1 
HETATM 854 O O   . HOH C 3 .   ? -3.108  11.749  -10.523 1.00 22.17 ? 138 HOH A O   1 
HETATM 855 O O   . HOH C 3 .   ? 7.820   -9.914  13.172  1.00 37.62 ? 139 HOH A O   1 
HETATM 856 O O   . HOH C 3 .   ? -5.166  -1.488  -5.267  1.00 23.62 ? 140 HOH A O   1 
HETATM 857 O O   . HOH C 3 .   ? 10.790  -7.024  6.506   1.00 35.25 ? 141 HOH A O   1 
HETATM 858 O O   . HOH C 3 .   ? 10.375  -10.723 6.597   1.00 19.52 ? 142 HOH A O   1 
HETATM 859 O O   . HOH C 3 .   ? 9.916   5.009   -0.969  1.00 26.31 ? 143 HOH A O   1 
HETATM 860 O O   . HOH C 3 .   ? 1.607   16.786  -6.787  1.00 34.09 ? 144 HOH A O   1 
HETATM 861 O O   . HOH C 3 .   ? 6.082   8.722   -7.312  1.00 27.93 ? 145 HOH A O   1 
HETATM 862 O O   . HOH C 3 .   ? 9.204   -0.332  -6.711  1.00 39.12 ? 146 HOH A O   1 
HETATM 863 O O   . HOH C 3 .   ? 6.636   1.746   -10.739 1.00 34.64 ? 147 HOH A O   1 
HETATM 864 O O   . HOH C 3 .   ? 14.304  -2.637  -0.602  1.00 44.83 ? 148 HOH A O   1 
HETATM 865 O O   . HOH C 3 .   ? -5.225  13.321  7.421   1.00 20.76 ? 149 HOH A O   1 
HETATM 866 O O   . HOH C 3 .   ? -0.322  -13.374 -3.089  1.00 22.29 ? 150 HOH A O   1 
HETATM 867 O O   . HOH C 3 .   ? 5.832   10.630  3.382   1.00 18.70 ? 151 HOH A O   1 
HETATM 868 O O   . HOH C 3 .   ? 12.670  2.994   10.366  1.00 23.16 ? 152 HOH A O   1 
HETATM 869 O O   . HOH C 3 .   ? -6.659  7.542   -12.567 1.00 47.61 ? 153 HOH A O   1 
HETATM 870 O O   . HOH C 3 .   ? 9.254   -10.525 0.169   1.00 22.43 ? 154 HOH A O   1 
HETATM 871 O O   . HOH C 3 .   ? 8.410   -11.147 -5.019  1.00 51.47 ? 155 HOH A O   1 
HETATM 872 O O   . HOH C 3 .   ? 6.269   -2.875  -8.794  1.00 22.73 ? 156 HOH A O   1 
HETATM 873 O O   . HOH C 3 .   ? 3.038   14.922  -8.979  1.00 34.36 ? 157 HOH A O   1 
HETATM 874 O O   . HOH C 3 .   ? -5.500  10.036  -12.219 1.00 43.46 ? 158 HOH A O   1 
HETATM 875 O O   . HOH C 3 .   ? 8.599   -12.066 -2.107  1.00 25.84 ? 159 HOH A O   1 
HETATM 876 O O   . HOH C 3 .   ? 0.767   -8.434  14.840  1.00 63.31 ? 160 HOH A O   1 
HETATM 877 O O   . HOH C 3 .   ? -5.343  -4.361  -11.224 1.00 20.17 ? 161 HOH A O   1 
HETATM 878 O O   . HOH C 3 .   ? 13.219  4.847   6.392   1.00 36.51 ? 162 HOH A O   1 
HETATM 879 O O   . HOH C 3 .   ? 8.366   8.639   7.743   1.00 37.34 ? 163 HOH A O   1 
HETATM 880 O O   . HOH C 3 .   ? -5.997  -5.293  11.204  1.00 24.51 ? 164 HOH A O   1 
HETATM 881 O O   . HOH C 3 .   ? -1.229  0.293   19.968  1.00 24.99 ? 165 HOH A O   1 
HETATM 882 O O   . HOH C 3 .   ? 4.290   -13.156 3.675   1.00 31.06 ? 166 HOH A O   1 
HETATM 883 O O   . HOH C 3 .   ? 10.584  3.876   -3.420  1.00 31.79 ? 167 HOH A O   1 
HETATM 884 O O   . HOH C 3 .   ? -0.210  6.377   15.610  1.00 24.39 ? 168 HOH A O   1 
HETATM 885 O O   . HOH C 3 .   ? -0.159  -13.076 -5.858  1.00 22.61 ? 169 HOH A O   1 
HETATM 886 O O   . HOH C 3 .   ? 6.425   8.254   6.219   1.00 18.12 ? 170 HOH A O   1 
HETATM 887 O O   . HOH C 3 .   ? 10.709  -12.535 4.297   1.00 24.74 ? 171 HOH A O   1 
HETATM 888 O O   . HOH C 3 .   ? 9.041   -12.315 2.399   1.00 29.95 ? 172 HOH A O   1 
HETATM 889 O O   . HOH C 3 .   ? 3.914   -1.699  15.297  1.00 34.36 ? 173 HOH A O   1 
HETATM 890 O O   . HOH C 3 .   ? 8.190   -1.393  -9.421  1.00 29.37 ? 174 HOH A O   1 
HETATM 891 O O   . HOH C 3 .   ? 3.320   14.918  -2.440  1.00 26.51 ? 175 HOH A O   1 
HETATM 892 O O   . HOH C 3 .   ? 9.452   5.466   5.398   1.00 36.73 ? 176 HOH A O   1 
HETATM 893 O O   . HOH C 3 .   ? -5.946  -1.108  14.517  1.00 23.06 ? 177 HOH A O   1 
HETATM 894 O O   . HOH C 3 .   ? -0.302  -11.337 -12.729 1.00 24.89 ? 178 HOH A O   1 
HETATM 895 O O   . HOH C 3 .   ? 7.444   -1.376  17.008  1.00 33.84 ? 179 HOH A O   1 
HETATM 896 O O   . HOH C 3 .   ? -9.961  13.525  3.588   1.00 29.47 ? 180 HOH A O   1 
HETATM 897 O O   . HOH C 3 .   ? 1.873   -13.252 -11.842 1.00 30.58 ? 181 HOH A O   1 
HETATM 898 O O   . HOH C 3 .   ? -0.881  -8.319  -10.640 1.00 38.00 ? 182 HOH A O   1 
HETATM 899 O O   . HOH C 3 .   ? -9.084  -1.815  6.203   1.00 28.26 ? 183 HOH A O   1 
HETATM 900 O O   . HOH C 3 .   ? 7.040   11.558  -1.089  1.00 33.47 ? 184 HOH A O   1 
HETATM 901 O O   . HOH C 3 .   ? 5.558   -0.545  18.056  1.00 34.42 ? 185 HOH A O   1 
HETATM 902 O O   . HOH C 3 .   ? -8.652  -3.124  4.041   1.00 32.94 ? 186 HOH A O   1 
HETATM 903 O O   . HOH C 3 .   ? -7.831  13.870  -11.397 1.00 41.43 ? 187 HOH A O   1 
HETATM 904 O O   . HOH C 3 .   ? -6.755  -2.811  12.286  1.00 29.33 ? 188 HOH A O   1 
HETATM 905 O O   . HOH C 3 .   ? 13.289  -12.025 3.547   1.00 36.79 ? 189 HOH A O   1 
HETATM 906 O O   . HOH C 3 .   ? -0.838  13.273  -12.420 1.00 29.93 ? 190 HOH A O   1 
HETATM 907 O O   . HOH C 3 .   ? 5.930   11.528  -3.536  1.00 32.50 ? 191 HOH A O   1 
HETATM 908 O O   . HOH C 3 .   ? -9.977  3.350   -9.072  1.00 25.99 ? 192 HOH A O   1 
HETATM 909 O O   . HOH C 3 .   ? 1.620   -6.039  15.322  1.00 34.25 ? 193 HOH A O   1 
HETATM 910 O O   . HOH C 3 .   ? -5.866  -6.896  13.095  1.00 36.91 ? 194 HOH A O   1 
HETATM 911 O O   . HOH C 3 .   ? -2.767  10.905  12.070  1.00 32.58 ? 195 HOH A O   1 
HETATM 912 O O   . HOH C 3 .   ? -5.956  -6.480  4.635   1.00 33.11 ? 196 HOH A O   1 
HETATM 913 O O   . HOH C 3 .   ? 11.369  -6.850  -7.042  1.00 43.09 ? 197 HOH A O   1 
HETATM 914 O O   . HOH C 3 .   ? -11.471 15.201  -2.063  1.00 30.67 ? 198 HOH A O   1 
HETATM 915 O O   . HOH C 3 .   ? -13.702 9.171   0.180   1.00 29.92 ? 199 HOH A O   1 
HETATM 916 O O   . HOH C 3 .   ? -8.446  -10.002 -1.084  1.00 35.76 ? 200 HOH A O   1 
HETATM 917 O O   . HOH C 3 .   ? -11.186 -3.791  -1.564  1.00 36.81 ? 201 HOH A O   1 
HETATM 918 O O   . HOH C 3 .   ? 2.129   -3.578  -14.407 1.00 39.24 ? 202 HOH A O   1 
HETATM 919 O O   . HOH C 3 .   ? 7.450   9.791   -5.339  1.00 53.01 ? 203 HOH A O   1 
HETATM 920 O O   . HOH C 3 .   ? 2.173   6.530   -12.723 1.00 40.38 ? 204 HOH A O   1 
HETATM 921 O O   . HOH C 3 .   ? 14.172  3.557   12.877  1.00 46.03 ? 205 HOH A O   1 
HETATM 922 O O   . HOH C 3 .   ? -3.207  6.743   12.255  1.00 32.28 ? 206 HOH A O   1 
HETATM 923 O O   . HOH C 3 .   ? 7.038   -6.424  -15.567 1.00 42.65 ? 207 HOH A O   1 
HETATM 924 O O   . HOH C 3 .   ? -5.704  2.852   14.338  1.00 48.42 ? 208 HOH A O   1 
HETATM 925 O O   . HOH C 3 .   ? -8.099  -7.184  5.491   1.00 41.80 ? 209 HOH A O   1 
HETATM 926 O O   . HOH C 3 .   ? 10.925  -1.539  12.770  1.00 31.90 ? 210 HOH A O   1 
HETATM 927 O O   . HOH C 3 .   ? -4.992  -0.850  20.923  1.00 39.22 ? 211 HOH A O   1 
HETATM 928 O O   . HOH C 3 .   ? -12.858 -3.885  -3.754  1.00 50.65 ? 212 HOH A O   1 
HETATM 929 O O   . HOH C 3 .   ? -8.281  -1.688  10.555  1.00 32.08 ? 213 HOH A O   1 
HETATM 930 O O   . HOH C 3 .   ? 8.590   9.388   0.536   1.00 34.08 ? 214 HOH A O   1 
HETATM 931 O O   . HOH C 3 .   ? -4.486  6.436   14.679  1.00 50.48 ? 215 HOH A O   1 
HETATM 932 O O   . HOH C 3 .   ? 10.403  -14.994 5.338   1.00 34.47 ? 216 HOH A O   1 
HETATM 933 O O   . HOH C 3 .   ? -1.751  4.619   18.486  1.00 30.62 ? 217 HOH A O   1 
HETATM 934 O O   . HOH C 3 .   ? 4.461   6.177   17.006  1.00 40.03 ? 218 HOH A O   1 
HETATM 935 O O   . HOH C 3 .   ? 14.578  -0.134  16.197  1.00 40.56 ? 219 HOH A O   1 
HETATM 936 O O   . HOH C 3 .   ? -7.450  -1.848  21.328  1.00 42.74 ? 220 HOH A O   1 
HETATM 937 O O   . HOH C 3 .   ? -9.427  -9.499  5.953   1.00 43.05 ? 221 HOH A O   1 
HETATM 938 O O   . HOH C 3 .   ? 11.592  -10.372 -5.325  1.00 46.52 ? 222 HOH A O   1 
HETATM 939 O O   . HOH C 3 .   ? -0.708  7.641   12.940  1.00 39.01 ? 223 HOH A O   1 
HETATM 940 O O   . HOH C 3 .   ? -11.045 2.321   -17.588 1.00 39.99 ? 224 HOH A O   1 
HETATM 941 O O   . HOH C 3 .   ? 1.382   8.987   -11.907 1.00 40.48 ? 225 HOH A O   1 
HETATM 942 O O   . HOH C 3 .   ? -0.352  10.093  12.067  1.00 32.50 ? 226 HOH A O   1 
HETATM 943 O O   . HOH C 3 .   ? -11.840 11.386  -9.025  1.00 49.17 ? 227 HOH A O   1 
HETATM 944 O O   . HOH C 3 .   ? 1.718   13.655  -12.935 1.00 41.93 ? 228 HOH A O   1 
HETATM 945 O O   . HOH C 3 .   ? -9.180  1.481   8.296   1.00 45.05 ? 229 HOH A O   1 
HETATM 946 O O   . HOH C 3 .   ? 3.681   10.201  -12.052 1.00 41.16 ? 230 HOH A O   1 
HETATM 947 O O   . HOH C 3 .   ? -12.539 -9.681  -7.724  1.00 39.71 ? 231 HOH A O   1 
HETATM 948 O O   . HOH C 3 .   ? 11.173  4.607   3.611   1.00 40.62 ? 232 HOH A O   1 
HETATM 949 O O   . HOH C 3 .   ? 3.276   -12.296 -7.791  1.00 35.06 ? 233 HOH A O   1 
HETATM 950 O O   . HOH C 3 .   ? 4.800   14.724  -4.816  1.00 42.08 ? 234 HOH A O   1 
HETATM 951 O O   . HOH C 3 .   ? -5.661  -11.195 -16.038 1.00 42.82 ? 235 HOH A O   1 
HETATM 952 O O   . HOH C 3 .   ? 7.580   -14.353 2.526   1.00 42.04 ? 236 HOH A O   1 
HETATM 953 O O   . HOH C 3 .   ? 15.480  1.996   14.999  1.00 48.76 ? 237 HOH A O   1 
HETATM 954 O O   . HOH C 3 .   ? -5.028  -2.849  -15.619 1.00 37.89 ? 238 HOH A O   1 
HETATM 955 O O   . HOH C 3 .   ? -9.588  10.241  10.870  1.00 54.86 ? 239 HOH A O   1 
HETATM 956 O O   . HOH C 3 .   ? 12.465  1.302   -3.440  1.00 50.65 ? 240 HOH A O   1 
HETATM 957 O O   . HOH C 3 .   ? 17.071  -6.026  0.124   1.00 55.65 ? 241 HOH A O   1 
HETATM 958 O O   . HOH C 3 .   ? -11.811 9.273   9.061   1.00 43.71 ? 242 HOH A O   1 
HETATM 959 O O   . HOH C 3 .   ? 5.172   3.799   18.550  1.00 38.16 ? 243 HOH A O   1 
HETATM 960 O O   . HOH C 3 .   ? -9.629  15.103  5.836   1.00 38.97 ? 244 HOH A O   1 
HETATM 961 O O   . HOH C 3 .   ? 5.023   -7.935  -13.855 1.00 54.54 ? 245 HOH A O   1 
HETATM 962 O O   . HOH C 3 .   ? -8.060  -9.179  -3.125  1.00 34.53 ? 246 HOH A O   1 
HETATM 963 O O   . HOH C 3 .   ? 15.925  -7.468  -1.661  1.00 49.91 ? 247 HOH A O   1 
HETATM 964 O O   . HOH C 3 .   ? 10.846  4.676   16.334  1.00 47.42 ? 248 HOH A O   1 
HETATM 965 O O   . HOH C 3 .   ? 11.297  -13.655 0.255   1.00 53.04 ? 249 HOH A O   1 
HETATM 966 O O   . HOH C 3 .   ? 0.798   6.028   -14.860 1.00 34.51 ? 250 HOH A O   1 
HETATM 967 O O   . HOH C 3 .   ? 8.255   4.668   -10.226 1.00 59.47 ? 251 HOH A O   1 
HETATM 968 O O   . HOH C 3 .   ? -8.120  11.409  -12.890 1.00 45.56 ? 252 HOH A O   1 
HETATM 969 O O   . HOH C 3 .   ? 5.396   -13.755 11.040  1.00 51.97 ? 253 HOH A O   1 
HETATM 970 O O   . HOH C 3 .   ? -7.983  0.872   14.592  1.00 47.63 ? 254 HOH A O   1 
HETATM 971 O O   . HOH C 3 .   ? 8.704   -17.162 3.885   1.00 56.09 ? 255 HOH A O   1 
HETATM 972 O O   . HOH C 3 .   ? -12.619 3.503   -8.645  1.00 41.08 ? 256 HOH A O   1 
HETATM 973 O O   . HOH C 3 .   ? -4.408  9.069   11.020  1.00 43.17 ? 257 HOH A O   1 
HETATM 974 O O   . HOH C 3 .   ? -15.756 14.120  2.417   1.00 67.88 ? 258 HOH A O   1 
HETATM 975 O O   . HOH C 3 .   ? -8.303  -7.199  1.769   1.00 33.28 ? 259 HOH A O   1 
HETATM 976 O O   . HOH C 3 .   ? -12.407 -8.433  -4.821  1.00 50.51 ? 260 HOH A O   1 
HETATM 977 O O   . HOH C 3 .   ? 11.873  7.610   -15.658 1.00 61.40 ? 261 HOH A O   1 
HETATM 978 O O   . HOH C 3 .   ? -8.519  -12.072 -15.833 1.00 45.76 ? 262 HOH A O   1 
HETATM 979 O O   . HOH C 3 .   ? 7.479   5.580   -6.731  1.00 36.34 ? 263 HOH A O   1 
HETATM 980 O O   . HOH C 3 .   ? 12.990  -10.696 -2.390  1.00 56.76 ? 264 HOH A O   1 
HETATM 981 O O   . HOH C 3 .   ? 9.212   8.184   -4.020  1.00 50.36 ? 265 HOH A O   1 
HETATM 982 O O   . HOH C 3 .   ? 8.623   -12.070 12.346  1.00 48.28 ? 266 HOH A O   1 
HETATM 983 O O   . HOH C 3 .   ? -12.820 -2.017  -13.779 1.00 54.45 ? 267 HOH A O   1 
HETATM 984 O O   . HOH C 3 .   ? -9.991  -11.608 -11.151 1.00 34.93 ? 268 HOH A O   1 
HETATM 985 O O   . HOH C 3 .   ? 1.928   7.516   19.209  1.00 52.37 ? 269 HOH A O   1 
HETATM 986 O O   . HOH C 3 .   ? -13.347 12.016  12.129  1.00 49.10 ? 270 HOH A O   1 
HETATM 987 O O   . HOH C 3 .   ? 12.328  7.328   2.058   1.00 48.47 ? 271 HOH A O   1 
HETATM 988 O O   . HOH C 3 .   ? 11.944  -2.544  -1.308  1.00 33.21 ? 272 HOH A O   1 
HETATM 989 O O   . HOH C 3 .   ? -11.686 9.871   12.696  1.00 40.99 ? 273 HOH A O   1 
HETATM 990 O O   . HOH C 3 .   ? -7.052  6.208   12.745  1.00 37.21 ? 274 HOH A O   1 
HETATM 991 O O   . HOH D 3 .   ? -13.083 6.194   2.224   1.00 25.84 ? 46  HOH B O   1 
HETATM 992 O O   . HOH D 3 .   ? -9.198  5.946   -7.863  1.00 39.30 ? 52  HOH B O   1 
HETATM 993 O O   . HOH D 3 .   ? -10.777 7.893   -8.312  1.00 39.51 ? 87  HOH B O   1 
HETATM 994 O O   . HOH D 3 .   ? -14.205 1.289   8.249   1.00 57.49 ? 126 HOH B O   1 
# 
